data_6LW1
#
_entry.id   6LW1
#
_cell.length_a   1.00
_cell.length_b   1.00
_cell.length_c   1.00
_cell.angle_alpha   90.00
_cell.angle_beta   90.00
_cell.angle_gamma   90.00
#
_symmetry.space_group_name_H-M   'P 1'
#
loop_
_entity.id
_entity.type
_entity.pdbx_description
1 polymer 'Toll-like receptor 7'
2 non-polymer 2-ethoxy-8-(5-fluoranylpyridin-3-yl)-6-methyl-9-[[4-[[(1S,4S)-5-methyl-2,5-diazabicyclo[2.2.1]heptan-2-yl]methyl]phenyl]methyl]purine
#
_entity_poly.entity_id   1
_entity_poly.type   'polypeptide(L)'
_entity_poly.pdbx_seq_one_letter_code
;RSPWARWFPKTLPCDVTLDVSKNHVIVDCTDKHLTEIPGGIPTNTTNLTLTINHIPDISPASFHRLVHLVEIDFRCNCVP
IRLGSKSNMCPRRLQIKPRSFSGLTYLKSLYLDGNQLLEIPQGLPPSLQLLSLEANNIFSIRKEQLTELANIEILYLGQN
CYYRNPCYVSYSIEKDAFLNLTKLKVLSLKDNNVTTVPTVLPSTLTELYLYNNMIAEIQEDDFNNLNQLQILDLSGNCPR
CYNAPFPCTPCKNNSPLQIPVNAFDALTELKVLRLHSNSLQHVPPRWFKNINNLQELDLSQNFLAKEIGDAKFLHFLPNL
IQLDLSFNFELQVYRASMNLSQAFSSLKSLKILRIRGYVFKELKSFQLSPLHNLQNLEVLDLGTNFIKIANLSMFKQFKR
LKVIDLSVNKISPSGDSLVPRGSSNARTSVESYEPQVLEQLYYFRYDKYARSCRFKNKEASFTSVQESCYKYGQTLDLSK
NSIFFIKSSDFQHLSFLKCLNLSGNLISQTLNGSEFQPLAELRYLDFSNNRLDLLHSTAFEELRKLEVLDISSNSHYFQS
EGITHMLNFTKNLKVLQKLMMNDNDISSSTSRTMESESLRTLEFRGNHLDVLWRDGDNRYLQLFKNLLKLEELDISKNSL
SFLPSGVFDGMPPNLKNLSLAKNGLKSFIWEKLRYLKNLETLDLSHNQLTTVPERLSNCSRSLKNLILKNNQIRSLTKYF
LQDAFQLRYLDLSSNKIQMIQKTSFPENVLNNLKMLLLHHNRFLCTCDAVWFVWWVQHTEVTIPYLATDVTCVGPGAHKG
QSVISLDLYTCELDLTNEFLVPR
;
_entity_poly.pdbx_strand_id   A,B
#
loop_
_chem_comp.id
_chem_comp.type
_chem_comp.name
_chem_comp.formula
EX3 non-polymer 2-ethoxy-8-(5-fluoranylpyridin-3-yl)-6-methyl-9-[[4-[[(1S,4S)-5-methyl-2,5-diazabicyclo[2.2.1]heptan-2-yl]methyl]phenyl]methyl]purine 'C27 H30 F N7 O'
#
# COMPACT_ATOMS: atom_id res chain seq x y z
N ALA A 5 12.31 2.91 -53.67
CA ALA A 5 12.76 2.27 -52.43
C ALA A 5 12.50 0.78 -52.48
N ARG A 6 11.23 0.40 -52.61
CA ARG A 6 10.83 -1.00 -52.63
C ARG A 6 9.80 -1.25 -53.73
N TRP A 7 9.86 -2.43 -54.31
CA TRP A 7 8.82 -2.96 -55.17
C TRP A 7 8.23 -4.26 -54.64
N PHE A 8 8.54 -4.63 -53.40
CA PHE A 8 8.16 -5.90 -52.81
C PHE A 8 7.42 -5.65 -51.50
N PRO A 9 6.13 -5.27 -51.57
CA PRO A 9 5.35 -5.09 -50.34
C PRO A 9 4.89 -6.45 -49.80
N LYS A 10 5.52 -6.88 -48.71
CA LYS A 10 5.28 -8.20 -48.14
C LYS A 10 4.34 -8.07 -46.95
N THR A 11 3.14 -8.63 -47.08
CA THR A 11 2.09 -8.50 -46.07
C THR A 11 2.16 -9.55 -44.99
N LEU A 12 3.25 -10.31 -44.91
CA LEU A 12 3.37 -11.36 -43.90
C LEU A 12 3.35 -10.75 -42.50
N PRO A 13 2.40 -11.12 -41.65
CA PRO A 13 2.20 -10.38 -40.39
C PRO A 13 3.17 -10.78 -39.29
N CYS A 14 4.25 -11.47 -39.64
CA CYS A 14 5.24 -11.91 -38.68
C CYS A 14 6.63 -11.44 -39.09
N ASP A 15 7.47 -11.16 -38.09
CA ASP A 15 8.80 -10.64 -38.34
C ASP A 15 9.66 -11.63 -39.13
N VAL A 16 10.75 -11.11 -39.68
CA VAL A 16 11.71 -11.91 -40.44
C VAL A 16 13.12 -11.48 -40.04
N THR A 17 14.03 -12.45 -39.92
CA THR A 17 15.43 -12.18 -39.62
C THR A 17 16.29 -13.00 -40.58
N LEU A 18 17.37 -12.38 -41.08
CA LEU A 18 18.24 -13.01 -42.07
C LEU A 18 19.69 -12.97 -41.57
N ASP A 19 20.22 -14.13 -41.20
CA ASP A 19 21.64 -14.31 -40.90
C ASP A 19 22.20 -15.25 -41.96
N VAL A 20 22.64 -14.66 -43.08
CA VAL A 20 23.04 -15.44 -44.25
C VAL A 20 24.21 -16.36 -43.97
N SER A 21 25.06 -16.04 -42.99
CA SER A 21 26.11 -16.99 -42.61
C SER A 21 25.55 -18.15 -41.80
N LYS A 22 24.68 -17.86 -40.83
CA LYS A 22 23.94 -18.93 -40.16
C LYS A 22 22.98 -19.64 -41.11
N ASN A 23 22.74 -19.08 -42.29
CA ASN A 23 21.80 -19.65 -43.26
C ASN A 23 20.41 -19.77 -42.66
N HIS A 24 20.10 -18.87 -41.72
CA HIS A 24 18.84 -18.90 -40.97
C HIS A 24 17.90 -17.80 -41.45
N VAL A 25 16.63 -18.14 -41.56
CA VAL A 25 15.57 -17.16 -41.81
C VAL A 25 14.45 -17.44 -40.81
N ILE A 26 14.27 -16.54 -39.85
CA ILE A 26 13.42 -16.74 -38.70
C ILE A 26 12.15 -15.92 -38.84
N VAL A 27 11.00 -16.59 -39.01
CA VAL A 27 9.71 -15.93 -39.12
C VAL A 27 8.86 -16.32 -37.91
N ASP A 28 8.53 -15.35 -37.07
CA ASP A 28 7.97 -15.60 -35.74
C ASP A 28 6.62 -14.90 -35.62
N CYS A 29 5.55 -15.67 -35.44
CA CYS A 29 4.20 -15.14 -35.26
C CYS A 29 3.76 -15.15 -33.80
N THR A 30 4.67 -14.91 -32.86
CA THR A 30 4.38 -14.98 -31.43
C THR A 30 3.26 -14.03 -31.01
N ASP A 31 2.23 -14.57 -30.35
CA ASP A 31 1.15 -13.78 -29.76
C ASP A 31 0.42 -12.95 -30.82
N LYS A 32 0.11 -13.59 -31.94
CA LYS A 32 -0.47 -12.87 -33.08
C LYS A 32 -1.90 -13.29 -33.40
N HIS A 33 -2.50 -14.14 -32.58
CA HIS A 33 -3.91 -14.51 -32.69
C HIS A 33 -4.32 -14.98 -34.07
N LEU A 34 -3.37 -15.51 -34.84
CA LEU A 34 -3.70 -16.05 -36.16
C LEU A 34 -4.61 -17.27 -36.02
N THR A 35 -5.52 -17.40 -36.97
CA THR A 35 -6.39 -18.57 -37.05
C THR A 35 -5.90 -19.60 -38.05
N GLU A 36 -4.77 -19.36 -38.70
CA GLU A 36 -4.21 -20.29 -39.65
C GLU A 36 -2.81 -19.80 -40.03
N ILE A 37 -1.96 -20.76 -40.38
CA ILE A 37 -0.62 -20.43 -40.85
C ILE A 37 -0.77 -19.66 -42.16
N PRO A 38 -0.29 -18.43 -42.24
CA PRO A 38 -0.51 -17.63 -43.44
C PRO A 38 0.20 -18.22 -44.64
N GLY A 39 -0.33 -17.91 -45.83
CA GLY A 39 0.35 -18.28 -47.06
C GLY A 39 1.44 -17.29 -47.42
N GLY A 40 2.31 -17.72 -48.32
CA GLY A 40 3.42 -16.90 -48.76
C GLY A 40 4.63 -16.94 -47.86
N ILE A 41 4.66 -17.85 -46.89
CA ILE A 41 5.85 -18.02 -46.06
C ILE A 41 7.04 -18.34 -46.98
N PRO A 42 8.21 -17.73 -46.78
CA PRO A 42 9.35 -18.03 -47.66
C PRO A 42 9.81 -19.46 -47.48
N THR A 43 10.11 -20.12 -48.60
CA THR A 43 10.76 -21.42 -48.52
C THR A 43 12.16 -21.32 -47.92
N ASN A 44 12.66 -20.12 -47.68
CA ASN A 44 13.97 -19.85 -47.12
C ASN A 44 14.01 -19.94 -45.60
N THR A 45 12.86 -20.05 -44.95
CA THR A 45 12.82 -20.01 -43.49
C THR A 45 13.48 -21.25 -42.89
N THR A 46 13.98 -21.10 -41.67
CA THR A 46 14.55 -22.20 -40.91
C THR A 46 13.79 -22.42 -39.61
N ASN A 47 13.55 -21.34 -38.88
CA ASN A 47 12.82 -21.37 -37.62
C ASN A 47 11.45 -20.75 -37.82
N LEU A 48 10.43 -21.38 -37.27
CA LEU A 48 9.04 -20.92 -37.35
C LEU A 48 8.44 -20.95 -35.95
N THR A 49 7.74 -19.88 -35.59
CA THR A 49 7.17 -19.74 -34.26
C THR A 49 5.69 -19.44 -34.35
N LEU A 50 4.89 -20.29 -33.71
CA LEU A 50 3.44 -20.16 -33.73
C LEU A 50 2.87 -20.35 -32.32
N THR A 51 3.43 -19.66 -31.35
CA THR A 51 2.94 -19.74 -29.98
C THR A 51 1.64 -18.95 -29.87
N ILE A 52 1.28 -18.61 -28.64
CA ILE A 52 -0.11 -18.43 -28.20
C ILE A 52 -0.94 -17.79 -29.30
N ASN A 53 -2.02 -18.47 -29.68
CA ASN A 53 -2.77 -18.20 -30.89
C ASN A 53 -4.11 -18.93 -30.83
N HIS A 54 -4.79 -18.96 -31.96
CA HIS A 54 -6.05 -19.68 -32.10
C HIS A 54 -6.03 -20.64 -33.28
N ILE A 55 -4.88 -21.23 -33.57
CA ILE A 55 -4.78 -22.18 -34.69
C ILE A 55 -5.62 -23.41 -34.38
N PRO A 56 -6.48 -23.85 -35.31
CA PRO A 56 -7.39 -24.96 -35.00
C PRO A 56 -6.70 -26.31 -34.99
N ASP A 57 -5.80 -26.57 -35.94
CA ASP A 57 -5.22 -27.89 -36.11
C ASP A 57 -4.05 -27.80 -37.09
N ILE A 58 -3.43 -28.95 -37.35
CA ILE A 58 -2.35 -29.07 -38.31
C ILE A 58 -2.85 -29.92 -39.48
N SER A 59 -2.01 -30.04 -40.51
CA SER A 59 -2.32 -30.81 -41.69
C SER A 59 -1.04 -30.97 -42.51
N PRO A 60 -0.97 -31.99 -43.38
CA PRO A 60 0.18 -32.07 -44.29
C PRO A 60 0.37 -30.85 -45.16
N ALA A 61 -0.69 -30.07 -45.37
CA ALA A 61 -0.58 -28.83 -46.13
C ALA A 61 0.00 -27.68 -45.32
N SER A 62 0.12 -27.85 -44.00
CA SER A 62 0.63 -26.78 -43.16
C SER A 62 2.08 -26.45 -43.51
N PHE A 63 2.94 -27.46 -43.50
CA PHE A 63 4.35 -27.33 -43.86
C PHE A 63 4.62 -27.99 -45.20
N HIS A 64 3.72 -27.78 -46.16
CA HIS A 64 3.78 -28.46 -47.45
C HIS A 64 5.11 -28.19 -48.14
N ARG A 65 5.35 -26.94 -48.51
CA ARG A 65 6.46 -26.60 -49.40
C ARG A 65 7.74 -26.30 -48.65
N LEU A 66 7.74 -26.34 -47.32
CA LEU A 66 8.84 -25.86 -46.51
C LEU A 66 9.74 -27.04 -46.13
N VAL A 67 10.77 -27.28 -46.95
CA VAL A 67 11.71 -28.34 -46.65
C VAL A 67 12.90 -27.85 -45.83
N HIS A 68 13.20 -26.56 -45.87
CA HIS A 68 14.35 -26.01 -45.16
C HIS A 68 14.03 -25.61 -43.74
N LEU A 69 12.98 -26.17 -43.13
CA LEU A 69 12.63 -25.86 -41.76
C LEU A 69 13.42 -26.74 -40.81
N VAL A 70 14.03 -26.12 -39.81
CA VAL A 70 14.71 -26.85 -38.74
C VAL A 70 14.04 -26.68 -37.39
N GLU A 71 13.07 -25.78 -37.28
CA GLU A 71 12.47 -25.47 -35.99
C GLU A 71 11.03 -25.02 -36.18
N ILE A 72 10.10 -25.68 -35.50
CA ILE A 72 8.70 -25.26 -35.44
C ILE A 72 8.33 -25.08 -33.99
N ASP A 73 7.75 -23.92 -33.67
CA ASP A 73 7.40 -23.56 -32.30
C ASP A 73 5.89 -23.37 -32.23
N PHE A 74 5.19 -24.40 -31.78
CA PHE A 74 3.73 -24.46 -31.78
C PHE A 74 3.19 -24.48 -30.36
N ARG A 75 3.75 -23.65 -29.49
CA ARG A 75 3.52 -23.77 -28.06
C ARG A 75 2.19 -23.15 -27.65
N CYS A 76 1.40 -23.90 -26.89
CA CYS A 76 0.30 -23.35 -26.11
C CYS A 76 -0.75 -22.67 -26.99
N ASN A 77 -1.20 -23.37 -28.02
CA ASN A 77 -2.25 -22.80 -28.85
C ASN A 77 -3.64 -23.05 -28.29
N CYS A 78 -3.76 -23.98 -27.34
CA CYS A 78 -4.95 -24.14 -26.49
C CYS A 78 -4.43 -24.49 -25.10
N VAL A 79 -4.28 -23.47 -24.27
CA VAL A 79 -3.73 -23.60 -22.92
C VAL A 79 -4.63 -24.49 -22.09
N PRO A 80 -4.08 -25.22 -21.12
CA PRO A 80 -4.92 -26.02 -20.23
C PRO A 80 -5.85 -25.17 -19.38
N ILE A 81 -6.64 -25.82 -18.52
CA ILE A 81 -7.69 -25.11 -17.78
C ILE A 81 -7.10 -23.99 -16.93
N ARG A 82 -5.99 -24.26 -16.25
CA ARG A 82 -5.45 -23.32 -15.27
C ARG A 82 -4.11 -22.73 -15.68
N LEU A 83 -3.55 -23.13 -16.82
CA LEU A 83 -2.19 -22.79 -17.18
C LEU A 83 -2.07 -21.59 -18.12
N GLY A 84 -3.19 -21.02 -18.57
CA GLY A 84 -3.15 -19.90 -19.48
C GLY A 84 -4.21 -18.85 -19.16
N SER A 85 -4.12 -17.73 -19.86
CA SER A 85 -5.13 -16.69 -19.78
C SER A 85 -6.47 -17.26 -20.23
N LYS A 86 -7.43 -17.35 -19.31
CA LYS A 86 -8.74 -17.90 -19.64
C LYS A 86 -9.65 -16.87 -20.29
N SER A 87 -9.08 -15.83 -20.89
CA SER A 87 -9.84 -15.02 -21.82
C SER A 87 -9.81 -15.59 -23.24
N ASN A 88 -9.04 -16.64 -23.48
CA ASN A 88 -8.83 -17.20 -24.82
C ASN A 88 -9.10 -18.70 -24.78
N MET A 89 -10.34 -19.11 -25.06
CA MET A 89 -10.71 -20.51 -25.07
C MET A 89 -10.41 -21.16 -26.42
N CYS A 90 -9.85 -22.36 -26.37
CA CYS A 90 -10.14 -23.15 -27.55
C CYS A 90 -11.40 -23.98 -27.35
N PRO A 91 -12.14 -24.29 -28.41
CA PRO A 91 -13.34 -25.13 -28.25
C PRO A 91 -12.95 -26.55 -27.83
N ARG A 92 -11.82 -27.03 -28.32
CA ARG A 92 -11.26 -28.30 -27.89
C ARG A 92 -9.78 -28.32 -28.24
N ARG A 93 -9.15 -29.46 -27.98
CA ARG A 93 -7.71 -29.56 -28.12
C ARG A 93 -7.27 -29.37 -29.56
N LEU A 94 -5.95 -29.37 -29.75
CA LEU A 94 -5.36 -29.39 -31.07
C LEU A 94 -5.43 -30.79 -31.66
N GLN A 95 -5.52 -30.86 -32.98
CA GLN A 95 -5.53 -32.12 -33.70
C GLN A 95 -4.45 -32.09 -34.78
N ILE A 96 -3.65 -33.16 -34.83
CA ILE A 96 -2.52 -33.25 -35.75
C ILE A 96 -2.78 -34.40 -36.70
N LYS A 97 -2.92 -34.08 -37.99
CA LYS A 97 -3.23 -35.07 -38.99
C LYS A 97 -2.08 -36.08 -39.12
N PRO A 98 -2.35 -37.26 -39.68
CA PRO A 98 -1.26 -38.18 -39.97
C PRO A 98 -0.35 -37.61 -41.05
N ARG A 99 0.94 -37.96 -40.97
CA ARG A 99 1.95 -37.48 -41.90
C ARG A 99 1.99 -35.96 -41.93
N SER A 100 1.79 -35.35 -40.76
CA SER A 100 1.77 -33.89 -40.66
C SER A 100 3.16 -33.28 -40.58
N PHE A 101 4.20 -34.09 -40.34
CA PHE A 101 5.56 -33.58 -40.26
C PHE A 101 6.56 -34.36 -41.08
N SER A 102 6.16 -35.44 -41.76
CA SER A 102 7.13 -36.31 -42.41
C SER A 102 7.89 -35.60 -43.52
N GLY A 103 7.21 -34.71 -44.25
CA GLY A 103 7.84 -34.00 -45.35
C GLY A 103 8.89 -33.00 -44.93
N LEU A 104 9.25 -32.94 -43.65
CA LEU A 104 10.28 -32.03 -43.15
C LEU A 104 11.55 -32.82 -42.91
N THR A 105 12.31 -33.03 -43.99
CA THR A 105 13.51 -33.85 -43.91
C THR A 105 14.60 -33.18 -43.07
N TYR A 106 14.57 -31.86 -42.98
CA TYR A 106 15.61 -31.10 -42.28
C TYR A 106 15.16 -30.63 -40.90
N LEU A 107 14.00 -31.09 -40.44
CA LEU A 107 13.51 -30.67 -39.13
C LEU A 107 14.42 -31.19 -38.03
N LYS A 108 14.64 -30.36 -37.00
CA LYS A 108 15.52 -30.71 -35.90
C LYS A 108 14.98 -30.39 -34.52
N SER A 109 13.92 -29.59 -34.40
CA SER A 109 13.39 -29.22 -33.10
C SER A 109 11.94 -28.79 -33.26
N LEU A 110 11.12 -29.09 -32.26
CA LEU A 110 9.67 -28.91 -32.38
C LEU A 110 9.06 -28.78 -31.01
N TYR A 111 8.35 -27.68 -30.75
CA TYR A 111 7.80 -27.36 -29.44
C TYR A 111 6.28 -27.40 -29.50
N LEU A 112 5.68 -28.47 -28.97
CA LEU A 112 4.23 -28.62 -28.93
C LEU A 112 3.69 -28.52 -27.50
N ASP A 113 4.23 -27.60 -26.71
CA ASP A 113 3.84 -27.51 -25.31
C ASP A 113 2.50 -26.81 -25.15
N GLY A 114 1.71 -27.28 -24.20
CA GLY A 114 0.45 -26.64 -23.85
C GLY A 114 -0.65 -26.78 -24.87
N ASN A 115 -0.72 -27.93 -25.57
CA ASN A 115 -1.65 -28.08 -26.68
C ASN A 115 -2.69 -29.16 -26.45
N GLN A 116 -2.82 -29.67 -25.22
CA GLN A 116 -3.86 -30.64 -24.87
C GLN A 116 -3.83 -31.88 -25.76
N LEU A 117 -2.67 -32.22 -26.29
CA LEU A 117 -2.54 -33.47 -27.03
C LEU A 117 -2.64 -34.63 -26.06
N LEU A 118 -3.35 -35.68 -26.49
CA LEU A 118 -3.56 -36.83 -25.61
C LEU A 118 -2.52 -37.91 -25.78
N GLU A 119 -1.91 -38.02 -26.96
CA GLU A 119 -0.78 -38.92 -27.17
C GLU A 119 0.25 -38.27 -28.09
N ILE A 120 1.44 -38.86 -28.10
CA ILE A 120 2.58 -38.27 -28.83
C ILE A 120 2.30 -38.32 -30.33
N PRO A 121 2.44 -37.21 -31.05
CA PRO A 121 2.13 -37.21 -32.48
C PRO A 121 3.08 -38.11 -33.26
N GLN A 122 2.53 -38.84 -34.22
CA GLN A 122 3.28 -39.84 -34.96
C GLN A 122 3.61 -39.36 -36.37
N GLY A 123 4.62 -39.99 -36.96
CA GLY A 123 5.08 -39.64 -38.27
C GLY A 123 6.18 -38.60 -38.32
N LEU A 124 6.70 -38.18 -37.19
CA LEU A 124 7.73 -37.15 -37.16
C LEU A 124 8.99 -37.66 -37.89
N PRO A 125 9.72 -36.77 -38.54
CA PRO A 125 10.90 -37.19 -39.29
C PRO A 125 11.97 -37.77 -38.38
N PRO A 126 12.89 -38.57 -38.92
CA PRO A 126 13.98 -39.12 -38.09
C PRO A 126 15.06 -38.12 -37.76
N SER A 127 15.09 -36.95 -38.41
CA SER A 127 16.10 -35.95 -38.12
C SER A 127 15.79 -35.12 -36.87
N LEU A 128 14.67 -35.38 -36.21
CA LEU A 128 14.27 -34.58 -35.06
C LEU A 128 15.21 -34.84 -33.90
N GLN A 129 15.76 -33.76 -33.34
CA GLN A 129 16.67 -33.85 -32.22
C GLN A 129 16.09 -33.34 -30.92
N LEU A 130 15.11 -32.45 -30.98
CA LEU A 130 14.42 -31.94 -29.80
C LEU A 130 12.93 -32.17 -29.95
N LEU A 131 12.23 -32.26 -28.83
CA LEU A 131 10.78 -32.43 -28.85
C LEU A 131 10.23 -32.04 -27.50
N SER A 132 9.43 -30.97 -27.47
CA SER A 132 8.85 -30.46 -26.24
C SER A 132 7.36 -30.75 -26.24
N LEU A 133 6.90 -31.51 -25.25
CA LEU A 133 5.50 -31.92 -25.16
C LEU A 133 4.90 -31.57 -23.81
N GLU A 134 5.35 -30.47 -23.21
CA GLU A 134 4.90 -30.13 -21.86
C GLU A 134 3.49 -29.58 -21.87
N ALA A 135 2.86 -29.62 -20.70
CA ALA A 135 1.52 -29.08 -20.49
C ALA A 135 0.48 -29.73 -21.41
N ASN A 136 0.76 -30.95 -21.87
CA ASN A 136 -0.19 -31.71 -22.65
C ASN A 136 -0.86 -32.74 -21.76
N ASN A 137 -1.72 -33.56 -22.37
CA ASN A 137 -2.48 -34.57 -21.64
C ASN A 137 -2.03 -35.98 -21.99
N ILE A 138 -0.75 -36.14 -22.29
CA ILE A 138 -0.16 -37.46 -22.49
C ILE A 138 0.27 -37.97 -21.13
N PHE A 139 -0.43 -38.96 -20.60
CA PHE A 139 -0.04 -39.58 -19.35
C PHE A 139 0.22 -41.07 -19.51
N SER A 140 0.65 -41.48 -20.69
CA SER A 140 0.98 -42.88 -20.94
C SER A 140 2.04 -42.95 -22.03
N ILE A 141 3.12 -43.67 -21.73
CA ILE A 141 4.26 -43.79 -22.63
C ILE A 141 4.45 -45.26 -22.96
N ARG A 142 4.43 -45.59 -24.24
CA ARG A 142 4.62 -46.93 -24.72
C ARG A 142 5.76 -46.96 -25.72
N LYS A 143 6.34 -48.14 -25.93
CA LYS A 143 7.53 -48.24 -26.76
C LYS A 143 7.21 -47.96 -28.23
N GLU A 144 6.06 -48.43 -28.70
CA GLU A 144 5.76 -48.36 -30.12
C GLU A 144 5.55 -46.94 -30.59
N GLN A 145 5.11 -46.03 -29.72
CA GLN A 145 5.00 -44.64 -30.13
C GLN A 145 6.33 -43.91 -30.02
N LEU A 146 7.35 -44.52 -29.42
CA LEU A 146 8.70 -43.98 -29.41
C LEU A 146 9.60 -44.70 -30.40
N THR A 147 9.08 -45.68 -31.14
CA THR A 147 9.83 -46.26 -32.25
C THR A 147 10.34 -45.21 -33.22
N GLU A 148 9.57 -44.14 -33.43
CA GLU A 148 9.90 -43.14 -34.44
C GLU A 148 10.96 -42.16 -33.96
N LEU A 149 11.19 -42.04 -32.66
CA LEU A 149 12.11 -41.05 -32.10
C LEU A 149 13.46 -41.65 -31.78
N ALA A 150 13.94 -42.60 -32.59
CA ALA A 150 15.16 -43.32 -32.26
C ALA A 150 16.41 -42.46 -32.36
N ASN A 151 16.28 -41.22 -32.84
CA ASN A 151 17.43 -40.33 -32.94
C ASN A 151 17.24 -39.06 -32.13
N ILE A 152 16.15 -38.94 -31.37
CA ILE A 152 15.89 -37.74 -30.61
C ILE A 152 16.99 -37.54 -29.57
N GLU A 153 17.19 -36.29 -29.18
CA GLU A 153 18.22 -35.94 -28.21
C GLU A 153 17.69 -35.17 -27.01
N ILE A 154 16.55 -34.50 -27.13
CA ILE A 154 15.96 -33.72 -26.06
C ILE A 154 14.46 -33.99 -26.04
N LEU A 155 13.93 -34.39 -24.89
CA LEU A 155 12.54 -34.80 -24.78
C LEU A 155 11.96 -34.17 -23.51
N TYR A 156 11.07 -33.21 -23.69
CA TYR A 156 10.45 -32.48 -22.59
C TYR A 156 9.00 -32.95 -22.43
N LEU A 157 8.78 -33.94 -21.59
CA LEU A 157 7.45 -34.47 -21.34
C LEU A 157 6.88 -34.01 -20.00
N GLY A 158 7.15 -32.78 -19.62
CA GLY A 158 6.79 -32.32 -18.29
C GLY A 158 5.40 -31.76 -18.20
N GLN A 159 4.96 -31.51 -16.97
CA GLN A 159 3.69 -30.86 -16.67
C GLN A 159 2.52 -31.53 -17.36
N ASN A 160 2.52 -32.86 -17.45
CA ASN A 160 1.40 -33.55 -18.07
C ASN A 160 0.35 -34.02 -17.08
N CYS A 161 0.69 -34.11 -15.79
CA CYS A 161 -0.31 -34.49 -14.79
C CYS A 161 0.12 -33.92 -13.45
N TYR A 162 -0.47 -32.78 -13.08
CA TYR A 162 -0.24 -32.17 -11.77
C TYR A 162 -1.40 -31.23 -11.48
N TYR A 163 -1.29 -30.42 -10.43
CA TYR A 163 -2.46 -29.71 -9.93
C TYR A 163 -2.93 -28.61 -10.87
N ARG A 164 -2.04 -27.96 -11.59
CA ARG A 164 -2.49 -26.96 -12.55
C ARG A 164 -3.17 -27.57 -13.76
N ASN A 165 -2.87 -28.85 -14.05
CA ASN A 165 -3.39 -29.52 -15.23
C ASN A 165 -3.45 -31.00 -14.90
N PRO A 166 -4.57 -31.48 -14.38
CA PRO A 166 -4.62 -32.84 -13.84
C PRO A 166 -5.09 -33.86 -14.86
N CYS A 167 -4.78 -35.12 -14.56
CA CYS A 167 -5.17 -36.25 -15.38
C CYS A 167 -5.74 -37.41 -14.57
N TYR A 168 -5.68 -37.35 -13.25
CA TYR A 168 -6.38 -38.23 -12.31
C TYR A 168 -5.89 -39.67 -12.33
N VAL A 169 -4.80 -39.95 -13.03
CA VAL A 169 -4.14 -41.25 -12.96
C VAL A 169 -2.64 -41.00 -12.93
N SER A 170 -1.92 -41.87 -12.22
CA SER A 170 -0.47 -41.79 -12.23
C SER A 170 0.08 -42.03 -13.63
N TYR A 171 1.22 -41.40 -13.91
CA TYR A 171 1.90 -41.62 -15.18
C TYR A 171 2.25 -43.09 -15.34
N SER A 172 1.81 -43.68 -16.44
CA SER A 172 2.19 -45.03 -16.79
C SER A 172 3.27 -44.99 -17.85
N ILE A 173 4.34 -45.74 -17.63
CA ILE A 173 5.43 -45.88 -18.58
C ILE A 173 5.75 -47.36 -18.70
N GLU A 174 5.52 -47.92 -19.88
CA GLU A 174 5.74 -49.35 -20.05
C GLU A 174 7.24 -49.66 -20.03
N LYS A 175 7.55 -50.92 -19.76
CA LYS A 175 8.92 -51.36 -19.56
C LYS A 175 9.79 -50.99 -20.75
N ASP A 176 10.89 -50.28 -20.46
CA ASP A 176 11.93 -50.00 -21.45
C ASP A 176 11.39 -49.21 -22.64
N ALA A 177 10.39 -48.37 -22.38
CA ALA A 177 9.86 -47.52 -23.44
C ALA A 177 10.90 -46.55 -23.98
N PHE A 178 11.85 -46.14 -23.13
CA PHE A 178 12.86 -45.16 -23.50
C PHE A 178 14.19 -45.79 -23.90
N LEU A 179 14.34 -47.10 -23.72
CA LEU A 179 15.66 -47.72 -23.82
C LEU A 179 16.30 -47.52 -25.19
N ASN A 180 15.57 -47.77 -26.26
CA ASN A 180 16.17 -47.76 -27.59
C ASN A 180 16.16 -46.39 -28.25
N LEU A 181 16.05 -45.32 -27.46
CA LEU A 181 16.38 -43.97 -27.93
C LEU A 181 17.86 -43.76 -27.63
N THR A 182 18.70 -44.30 -28.52
CA THR A 182 20.12 -44.41 -28.21
C THR A 182 20.81 -43.05 -28.18
N LYS A 183 20.22 -42.03 -28.80
CA LYS A 183 20.81 -40.71 -28.83
C LYS A 183 20.23 -39.78 -27.77
N LEU A 184 19.35 -40.28 -26.90
CA LEU A 184 18.67 -39.42 -25.94
C LEU A 184 19.66 -38.85 -24.94
N LYS A 185 19.59 -37.55 -24.71
CA LYS A 185 20.52 -36.88 -23.82
C LYS A 185 19.85 -36.13 -22.69
N VAL A 186 18.72 -35.47 -22.95
CA VAL A 186 17.97 -34.74 -21.93
C VAL A 186 16.58 -35.33 -21.86
N LEU A 187 16.13 -35.65 -20.66
CA LEU A 187 14.79 -36.19 -20.45
C LEU A 187 14.19 -35.54 -19.20
N SER A 188 13.18 -34.70 -19.40
CA SER A 188 12.53 -33.99 -18.32
C SER A 188 11.13 -34.56 -18.13
N LEU A 189 10.95 -35.38 -17.11
CA LEU A 189 9.65 -35.97 -16.77
C LEU A 189 9.02 -35.27 -15.56
N LYS A 190 9.14 -33.96 -15.48
CA LYS A 190 8.69 -33.22 -14.31
C LYS A 190 7.18 -33.05 -14.29
N ASP A 191 6.61 -33.05 -13.08
CA ASP A 191 5.20 -32.74 -12.87
C ASP A 191 4.31 -33.66 -13.67
N ASN A 192 4.54 -34.96 -13.53
CA ASN A 192 3.81 -35.94 -14.34
C ASN A 192 3.12 -37.00 -13.52
N ASN A 193 2.96 -36.81 -12.22
CA ASN A 193 2.35 -37.82 -11.36
C ASN A 193 3.05 -39.15 -11.49
N VAL A 194 4.31 -39.14 -11.95
CA VAL A 194 5.07 -40.38 -12.07
C VAL A 194 5.24 -40.98 -10.68
N THR A 195 5.09 -42.29 -10.58
CA THR A 195 5.17 -43.00 -9.33
C THR A 195 6.47 -43.77 -9.15
N THR A 196 7.09 -44.20 -10.24
CA THR A 196 8.39 -44.86 -10.19
C THR A 196 9.27 -44.31 -11.29
N VAL A 197 10.56 -44.35 -11.07
CA VAL A 197 11.50 -43.91 -12.10
C VAL A 197 11.46 -44.87 -13.28
N PRO A 198 11.30 -44.39 -14.50
CA PRO A 198 11.07 -45.29 -15.66
C PRO A 198 12.29 -46.02 -16.20
N THR A 199 12.66 -47.11 -15.53
CA THR A 199 13.65 -48.03 -16.06
C THR A 199 13.08 -48.75 -17.29
N VAL A 200 13.95 -49.11 -18.23
CA VAL A 200 15.39 -48.82 -18.20
C VAL A 200 15.67 -47.63 -19.10
N LEU A 201 16.52 -46.71 -18.63
CA LEU A 201 16.75 -45.46 -19.33
C LEU A 201 17.98 -45.58 -20.23
N PRO A 202 18.03 -44.82 -21.33
CA PRO A 202 19.17 -44.91 -22.24
C PRO A 202 20.46 -44.50 -21.56
N SER A 203 21.53 -45.23 -21.87
CA SER A 203 22.81 -45.01 -21.21
C SER A 203 23.47 -43.71 -21.61
N THR A 204 22.93 -42.98 -22.59
CA THR A 204 23.53 -41.74 -23.03
C THR A 204 22.82 -40.52 -22.45
N LEU A 205 22.12 -40.66 -21.34
CA LEU A 205 21.49 -39.53 -20.69
C LEU A 205 22.53 -38.67 -20.03
N THR A 206 22.36 -37.34 -20.13
CA THR A 206 23.16 -36.43 -19.35
C THR A 206 22.36 -35.56 -18.41
N GLU A 207 21.04 -35.50 -18.56
CA GLU A 207 20.19 -34.67 -17.71
C GLU A 207 18.87 -35.38 -17.51
N LEU A 208 18.50 -35.65 -16.26
CA LEU A 208 17.27 -36.34 -15.93
C LEU A 208 16.50 -35.50 -14.90
N TYR A 209 15.37 -34.96 -15.31
CA TYR A 209 14.56 -34.10 -14.46
C TYR A 209 13.29 -34.83 -14.06
N LEU A 210 13.29 -35.42 -12.86
CA LEU A 210 12.15 -36.17 -12.36
C LEU A 210 11.44 -35.45 -11.24
N TYR A 211 11.54 -34.13 -11.20
CA TYR A 211 11.14 -33.41 -10.01
C TYR A 211 9.67 -33.08 -10.02
N ASN A 212 9.10 -32.97 -8.82
CA ASN A 212 7.69 -32.65 -8.60
C ASN A 212 6.79 -33.79 -9.08
N ASN A 213 7.12 -34.99 -8.66
CA ASN A 213 6.35 -36.19 -8.98
C ASN A 213 5.94 -36.87 -7.68
N MET A 214 5.42 -38.07 -7.79
CA MET A 214 4.99 -38.84 -6.63
C MET A 214 5.89 -40.05 -6.40
N ILE A 215 7.17 -39.93 -6.76
CA ILE A 215 8.10 -41.02 -6.56
C ILE A 215 8.45 -41.09 -5.08
N ALA A 216 8.09 -42.20 -4.44
CA ALA A 216 8.38 -42.36 -3.03
C ALA A 216 9.61 -43.21 -2.76
N GLU A 217 9.96 -44.11 -3.68
CA GLU A 217 11.11 -44.97 -3.49
C GLU A 217 12.02 -44.90 -4.71
N ILE A 218 13.32 -45.05 -4.46
CA ILE A 218 14.32 -45.24 -5.51
C ILE A 218 14.87 -46.64 -5.36
N GLN A 219 14.99 -47.35 -6.46
CA GLN A 219 15.57 -48.68 -6.44
C GLN A 219 17.06 -48.60 -6.71
N GLU A 220 17.79 -49.65 -6.34
CA GLU A 220 19.24 -49.60 -6.50
C GLU A 220 19.66 -49.85 -7.94
N ASP A 221 18.83 -50.51 -8.73
CA ASP A 221 19.07 -50.69 -10.17
C ASP A 221 18.29 -49.67 -10.99
N ASP A 222 18.16 -48.47 -10.47
CA ASP A 222 17.32 -47.43 -11.06
C ASP A 222 18.12 -46.39 -11.83
N PHE A 223 19.25 -45.97 -11.28
CA PHE A 223 20.24 -45.15 -11.97
C PHE A 223 21.48 -45.99 -12.28
N ASN A 224 21.27 -47.24 -12.68
CA ASN A 224 22.32 -48.25 -12.67
C ASN A 224 23.22 -48.21 -13.90
N ASN A 225 22.72 -47.72 -15.02
CA ASN A 225 23.52 -47.67 -16.23
C ASN A 225 23.96 -46.25 -16.59
N LEU A 226 23.25 -45.25 -16.11
CA LEU A 226 23.54 -43.87 -16.48
C LEU A 226 24.88 -43.45 -15.89
N ASN A 227 25.95 -43.56 -16.68
CA ASN A 227 27.27 -43.12 -16.25
C ASN A 227 27.69 -41.83 -16.93
N GLN A 228 26.99 -41.39 -17.96
CA GLN A 228 27.20 -40.09 -18.55
C GLN A 228 26.19 -39.06 -18.06
N LEU A 229 25.52 -39.35 -16.96
CA LEU A 229 24.56 -38.41 -16.40
C LEU A 229 25.28 -37.30 -15.66
N GLN A 230 24.81 -36.07 -15.85
CA GLN A 230 25.42 -34.92 -15.22
C GLN A 230 24.49 -34.13 -14.32
N ILE A 231 23.21 -34.07 -14.64
CA ILE A 231 22.22 -33.39 -13.83
C ILE A 231 21.16 -34.39 -13.42
N LEU A 232 20.78 -34.37 -12.15
CA LEU A 232 19.74 -35.27 -11.64
C LEU A 232 18.87 -34.47 -10.68
N ASP A 233 17.65 -34.16 -11.10
CA ASP A 233 16.70 -33.41 -10.29
C ASP A 233 15.65 -34.36 -9.74
N LEU A 234 15.70 -34.60 -8.44
CA LEU A 234 14.72 -35.42 -7.73
C LEU A 234 13.97 -34.59 -6.70
N SER A 235 13.61 -33.37 -7.05
CA SER A 235 13.14 -32.38 -6.09
C SER A 235 11.63 -32.37 -6.05
N GLY A 236 11.07 -32.52 -4.87
CA GLY A 236 9.64 -32.42 -4.72
C GLY A 236 8.90 -33.71 -4.81
N ASN A 237 9.58 -34.84 -4.66
CA ASN A 237 8.95 -36.13 -4.47
C ASN A 237 8.93 -36.39 -2.98
N CYS A 238 7.74 -36.59 -2.43
CA CYS A 238 7.54 -36.61 -1.00
C CYS A 238 7.88 -35.24 -0.41
N PRO A 239 7.16 -34.18 -0.77
CA PRO A 239 7.59 -32.84 -0.41
C PRO A 239 7.41 -32.54 1.07
N ARG A 240 7.89 -31.36 1.45
CA ARG A 240 7.63 -30.79 2.77
C ARG A 240 6.51 -29.76 2.59
N CYS A 241 5.34 -30.10 3.10
CA CYS A 241 4.09 -29.51 2.63
C CYS A 241 3.49 -28.48 3.58
N TYR A 242 4.08 -28.30 4.75
CA TYR A 242 3.51 -27.36 5.71
C TYR A 242 3.50 -25.95 5.15
N ASN A 243 2.32 -25.32 5.17
CA ASN A 243 2.15 -23.92 4.76
C ASN A 243 2.53 -23.71 3.30
N ALA A 244 2.25 -24.68 2.50
CA ALA A 244 2.59 -24.59 1.09
C ALA A 244 1.49 -23.89 0.33
N PRO A 245 1.80 -22.82 -0.41
CA PRO A 245 0.74 -22.08 -1.11
C PRO A 245 0.19 -22.78 -2.33
N PHE A 246 0.61 -24.02 -2.57
CA PHE A 246 0.14 -24.80 -3.70
C PHE A 246 -0.34 -26.15 -3.19
N PRO A 247 -1.24 -26.81 -3.90
CA PRO A 247 -1.67 -28.14 -3.48
C PRO A 247 -0.54 -29.13 -3.61
N CYS A 248 -0.15 -29.74 -2.49
CA CYS A 248 0.90 -30.74 -2.51
C CYS A 248 0.47 -31.89 -1.60
N THR A 249 0.70 -33.11 -2.07
CA THR A 249 0.37 -34.29 -1.30
C THR A 249 1.65 -34.85 -0.71
N PRO A 250 1.84 -34.80 0.59
CA PRO A 250 3.03 -35.42 1.18
C PRO A 250 2.96 -36.93 1.08
N CYS A 251 4.07 -37.57 1.43
CA CYS A 251 4.11 -39.02 1.48
C CYS A 251 3.29 -39.51 2.67
N LYS A 252 3.26 -40.82 2.87
CA LYS A 252 2.59 -41.40 4.01
C LYS A 252 3.52 -41.48 5.21
N ASN A 253 2.97 -41.22 6.39
CA ASN A 253 3.71 -41.21 7.66
C ASN A 253 4.82 -40.17 7.66
N ASN A 254 4.69 -39.13 6.83
CA ASN A 254 5.66 -38.04 6.76
C ASN A 254 7.06 -38.56 6.46
N SER A 255 7.15 -39.41 5.47
CA SER A 255 8.43 -40.06 5.23
C SER A 255 9.23 -39.30 4.18
N PRO A 256 10.56 -39.34 4.29
CA PRO A 256 11.40 -38.79 3.24
C PRO A 256 11.46 -39.73 2.05
N LEU A 257 11.76 -39.16 0.89
CA LEU A 257 12.02 -39.95 -0.30
C LEU A 257 13.06 -41.01 0.02
N GLN A 258 12.66 -42.27 -0.14
CA GLN A 258 13.49 -43.39 0.31
C GLN A 258 14.51 -43.74 -0.77
N ILE A 259 15.72 -43.24 -0.62
CA ILE A 259 16.81 -43.50 -1.56
C ILE A 259 17.80 -44.43 -0.88
N PRO A 260 18.14 -45.57 -1.48
CA PRO A 260 19.15 -46.44 -0.88
C PRO A 260 20.52 -45.81 -0.95
N VAL A 261 21.39 -46.25 -0.04
CA VAL A 261 22.73 -45.70 0.04
C VAL A 261 23.48 -45.90 -1.27
N ASN A 262 23.32 -47.05 -1.90
CA ASN A 262 24.00 -47.36 -3.16
C ASN A 262 23.10 -47.09 -4.37
N ALA A 263 22.57 -45.88 -4.45
CA ALA A 263 21.75 -45.51 -5.60
C ALA A 263 22.51 -44.62 -6.57
N PHE A 264 23.34 -43.72 -6.04
CA PHE A 264 24.21 -42.89 -6.88
C PHE A 264 25.55 -43.56 -7.06
N ASP A 265 25.54 -44.82 -7.52
CA ASP A 265 26.78 -45.55 -7.71
C ASP A 265 27.31 -45.37 -9.12
N ALA A 266 26.51 -45.74 -10.13
CA ALA A 266 26.95 -45.63 -11.51
C ALA A 266 27.09 -44.18 -11.94
N LEU A 267 26.40 -43.26 -11.27
CA LEU A 267 26.58 -41.85 -11.59
C LEU A 267 27.97 -41.40 -11.19
N THR A 268 28.86 -41.28 -12.16
CA THR A 268 30.21 -40.79 -11.89
C THR A 268 30.46 -39.40 -12.45
N GLU A 269 29.80 -39.05 -13.55
CA GLU A 269 29.90 -37.73 -14.12
C GLU A 269 28.86 -36.77 -13.58
N LEU A 270 28.31 -37.04 -12.39
CA LEU A 270 27.27 -36.19 -11.86
C LEU A 270 27.86 -34.85 -11.46
N LYS A 271 27.22 -33.78 -11.90
CA LYS A 271 27.66 -32.44 -11.55
C LYS A 271 26.63 -31.62 -10.80
N VAL A 272 25.34 -31.86 -11.02
CA VAL A 272 24.28 -31.21 -10.29
C VAL A 272 23.39 -32.28 -9.69
N LEU A 273 23.00 -32.09 -8.43
CA LEU A 273 22.09 -33.02 -7.76
C LEU A 273 21.15 -32.20 -6.89
N ARG A 274 19.91 -32.05 -7.31
CA ARG A 274 18.92 -31.27 -6.59
C ARG A 274 18.01 -32.23 -5.83
N LEU A 275 18.04 -32.15 -4.51
CA LEU A 275 17.15 -32.90 -3.64
C LEU A 275 16.28 -31.96 -2.82
N HIS A 276 15.83 -30.88 -3.44
CA HIS A 276 15.02 -29.88 -2.79
C HIS A 276 13.64 -30.45 -2.48
N SER A 277 13.15 -30.20 -1.27
CA SER A 277 11.78 -30.54 -0.90
C SER A 277 11.52 -32.04 -0.99
N ASN A 278 12.34 -32.80 -0.29
CA ASN A 278 12.20 -34.25 -0.23
C ASN A 278 11.86 -34.73 1.17
N SER A 279 11.58 -33.81 2.08
CA SER A 279 11.32 -34.13 3.48
C SER A 279 12.46 -34.94 4.07
N LEU A 280 13.67 -34.71 3.61
CA LEU A 280 14.80 -35.49 4.07
C LEU A 280 15.13 -35.15 5.51
N GLN A 281 15.54 -36.15 6.26
CA GLN A 281 15.98 -35.96 7.64
C GLN A 281 17.45 -36.27 7.83
N HIS A 282 17.98 -37.26 7.11
CA HIS A 282 19.40 -37.54 7.07
C HIS A 282 19.87 -37.43 5.63
N VAL A 283 21.16 -37.24 5.44
CA VAL A 283 21.77 -37.34 4.12
C VAL A 283 23.03 -38.18 4.27
N PRO A 284 23.00 -39.46 3.94
CA PRO A 284 24.13 -40.34 4.21
C PRO A 284 25.35 -39.93 3.42
N PRO A 285 26.54 -40.02 4.01
CA PRO A 285 27.76 -39.85 3.23
C PRO A 285 27.97 -40.92 2.18
N ARG A 286 27.26 -42.05 2.25
CA ARG A 286 27.40 -43.09 1.24
C ARG A 286 26.73 -42.75 -0.08
N TRP A 287 25.77 -41.82 -0.09
CA TRP A 287 25.24 -41.32 -1.35
C TRP A 287 26.35 -40.71 -2.19
N PHE A 288 27.25 -39.97 -1.55
CA PHE A 288 28.27 -39.20 -2.25
C PHE A 288 29.60 -39.92 -2.30
N LYS A 289 29.58 -41.24 -2.40
CA LYS A 289 30.83 -41.99 -2.45
C LYS A 289 31.42 -41.99 -3.85
N ASN A 290 30.58 -42.20 -4.87
CA ASN A 290 31.06 -42.33 -6.23
C ASN A 290 30.97 -41.04 -7.02
N ILE A 291 30.13 -40.10 -6.61
CA ILE A 291 30.00 -38.86 -7.36
C ILE A 291 31.11 -37.91 -6.94
N ASN A 292 32.26 -38.04 -7.61
CA ASN A 292 33.48 -37.30 -7.29
C ASN A 292 33.39 -35.84 -7.65
N ASN A 293 32.67 -35.50 -8.72
CA ASN A 293 32.75 -34.17 -9.31
C ASN A 293 31.50 -33.34 -9.07
N LEU A 294 30.76 -33.61 -8.00
CA LEU A 294 29.53 -32.87 -7.77
C LEU A 294 29.85 -31.40 -7.55
N GLN A 295 29.17 -30.53 -8.29
CA GLN A 295 29.40 -29.09 -8.23
C GLN A 295 28.31 -28.35 -7.48
N GLU A 296 27.05 -28.62 -7.77
CA GLU A 296 25.93 -27.93 -7.14
C GLU A 296 25.07 -28.96 -6.44
N LEU A 297 24.62 -28.64 -5.23
CA LEU A 297 23.84 -29.57 -4.42
C LEU A 297 22.70 -28.79 -3.76
N ASP A 298 21.48 -29.00 -4.24
CA ASP A 298 20.29 -28.37 -3.67
C ASP A 298 19.71 -29.28 -2.61
N LEU A 299 19.50 -28.74 -1.41
CA LEU A 299 18.91 -29.51 -0.33
C LEU A 299 17.94 -28.67 0.49
N SER A 300 17.28 -27.72 -0.15
CA SER A 300 16.35 -26.86 0.55
C SER A 300 15.12 -27.63 0.99
N GLN A 301 14.33 -27.01 1.87
CA GLN A 301 12.99 -27.47 2.23
C GLN A 301 12.96 -28.93 2.63
N ASN A 302 13.87 -29.31 3.49
CA ASN A 302 13.91 -30.65 4.05
C ASN A 302 13.85 -30.52 5.55
N PHE A 303 14.19 -31.57 6.27
CA PHE A 303 14.18 -31.49 7.71
C PHE A 303 15.60 -31.67 8.24
N LEU A 304 16.55 -30.98 7.61
CA LEU A 304 17.97 -31.21 7.83
C LEU A 304 18.59 -30.30 8.87
N ALA A 305 17.79 -29.60 9.66
CA ALA A 305 18.36 -28.70 10.65
C ALA A 305 19.23 -29.43 11.66
N LYS A 306 18.97 -30.72 11.87
CA LYS A 306 19.85 -31.51 12.72
C LYS A 306 21.04 -32.07 11.97
N GLU A 307 20.95 -32.22 10.65
CA GLU A 307 22.09 -32.67 9.86
C GLU A 307 23.07 -31.54 9.62
N ILE A 308 22.57 -30.33 9.35
CA ILE A 308 23.44 -29.16 9.21
C ILE A 308 24.37 -29.04 10.41
N GLY A 309 23.95 -29.54 11.56
CA GLY A 309 24.84 -29.57 12.70
C GLY A 309 25.88 -30.66 12.62
N ASP A 310 25.53 -31.81 12.04
CA ASP A 310 26.50 -32.88 11.85
C ASP A 310 27.10 -32.84 10.44
N ALA A 311 26.28 -33.00 9.42
CA ALA A 311 26.66 -32.86 8.02
C ALA A 311 27.97 -33.56 7.71
N LYS A 312 28.00 -34.86 8.00
CA LYS A 312 29.19 -35.65 7.70
C LYS A 312 29.45 -35.70 6.20
N PHE A 313 28.39 -35.69 5.40
CA PHE A 313 28.49 -35.95 3.97
C PHE A 313 29.25 -34.89 3.21
N LEU A 314 29.69 -33.82 3.87
CA LEU A 314 30.41 -32.75 3.18
C LEU A 314 31.88 -33.06 3.01
N HIS A 315 32.38 -34.09 3.69
CA HIS A 315 33.76 -34.52 3.48
C HIS A 315 33.95 -35.21 2.14
N PHE A 316 32.87 -35.52 1.43
CA PHE A 316 32.92 -36.22 0.16
C PHE A 316 32.65 -35.31 -1.03
N LEU A 317 32.59 -34.01 -0.82
CA LEU A 317 32.27 -33.06 -1.88
C LEU A 317 33.36 -31.99 -2.00
N PRO A 318 34.60 -32.39 -2.31
CA PRO A 318 35.68 -31.40 -2.36
C PRO A 318 35.63 -30.48 -3.56
N ASN A 319 34.76 -30.74 -4.52
CA ASN A 319 34.61 -29.88 -5.70
C ASN A 319 33.32 -29.11 -5.69
N LEU A 320 32.60 -29.09 -4.57
CA LEU A 320 31.28 -28.49 -4.52
C LEU A 320 31.39 -26.98 -4.70
N ILE A 321 30.64 -26.45 -5.67
CA ILE A 321 30.63 -25.01 -5.92
C ILE A 321 29.48 -24.33 -5.21
N GLN A 322 28.27 -24.88 -5.30
CA GLN A 322 27.10 -24.34 -4.66
C GLN A 322 26.62 -25.28 -3.56
N LEU A 323 25.94 -24.70 -2.58
CA LEU A 323 25.27 -25.50 -1.56
C LEU A 323 24.08 -24.69 -1.07
N ASP A 324 22.89 -25.05 -1.53
CA ASP A 324 21.65 -24.49 -1.00
C ASP A 324 21.19 -25.38 0.14
N LEU A 325 21.00 -24.79 1.31
CA LEU A 325 20.55 -25.51 2.49
C LEU A 325 19.43 -24.72 3.17
N SER A 326 18.65 -24.00 2.40
CA SER A 326 17.68 -23.10 2.97
C SER A 326 16.48 -23.87 3.53
N PHE A 327 15.75 -23.20 4.42
CA PHE A 327 14.41 -23.58 4.83
C PHE A 327 14.33 -25.00 5.38
N ASN A 328 15.20 -25.31 6.33
CA ASN A 328 15.23 -26.61 6.98
C ASN A 328 14.86 -26.53 8.45
N PHE A 329 14.23 -25.44 8.88
CA PHE A 329 13.84 -25.27 10.26
C PHE A 329 12.88 -26.36 10.70
N GLU A 330 12.82 -26.59 12.01
CA GLU A 330 11.79 -27.42 12.61
C GLU A 330 10.68 -26.52 13.12
N LEU A 331 9.45 -26.85 12.76
CA LEU A 331 8.30 -26.05 13.16
C LEU A 331 8.26 -25.88 14.67
N GLN A 332 8.04 -24.62 15.10
CA GLN A 332 7.95 -24.21 16.49
C GLN A 332 9.26 -24.31 17.25
N VAL A 333 10.39 -24.24 16.55
CA VAL A 333 11.70 -24.16 17.19
C VAL A 333 12.36 -22.87 16.74
N TYR A 334 12.75 -22.04 17.70
CA TYR A 334 13.45 -20.79 17.47
C TYR A 334 14.81 -20.94 18.12
N ARG A 335 15.81 -21.32 17.34
CA ARG A 335 17.10 -21.66 17.92
C ARG A 335 17.82 -20.43 18.43
N ALA A 336 18.65 -20.62 19.44
CA ALA A 336 19.41 -19.50 19.96
C ALA A 336 20.60 -19.16 19.06
N SER A 337 21.13 -20.13 18.33
CA SER A 337 22.28 -19.91 17.48
C SER A 337 22.19 -20.78 16.25
N MET A 338 23.08 -20.54 15.29
CA MET A 338 23.25 -21.43 14.16
C MET A 338 24.33 -22.44 14.48
N ASN A 339 24.07 -23.71 14.21
CA ASN A 339 24.99 -24.78 14.53
C ASN A 339 25.48 -25.37 13.21
N LEU A 340 26.49 -24.76 12.62
CA LEU A 340 27.14 -25.29 11.45
C LEU A 340 28.23 -26.24 11.88
N SER A 341 28.36 -27.36 11.18
CA SER A 341 29.35 -28.33 11.60
C SER A 341 30.74 -27.84 11.24
N GLN A 342 31.74 -28.51 11.80
CA GLN A 342 33.11 -28.25 11.39
C GLN A 342 33.42 -28.86 10.05
N ALA A 343 32.51 -29.66 9.49
CA ALA A 343 32.67 -30.26 8.18
C ALA A 343 32.35 -29.32 7.04
N PHE A 344 31.95 -28.08 7.33
CA PHE A 344 31.82 -27.06 6.31
C PHE A 344 33.17 -26.53 5.84
N SER A 345 34.25 -26.86 6.55
CA SER A 345 35.58 -26.44 6.18
C SER A 345 36.22 -27.34 5.14
N SER A 346 35.57 -28.44 4.76
CA SER A 346 36.05 -29.34 3.73
C SER A 346 35.50 -29.00 2.35
N LEU A 347 34.75 -27.92 2.22
CA LEU A 347 34.16 -27.51 0.96
C LEU A 347 35.08 -26.60 0.18
N LYS A 348 36.33 -27.03 -0.01
CA LYS A 348 37.44 -26.24 -0.50
C LYS A 348 37.10 -25.30 -1.66
N SER A 349 36.26 -25.74 -2.59
CA SER A 349 35.94 -24.95 -3.77
C SER A 349 34.63 -24.21 -3.67
N LEU A 350 34.00 -24.19 -2.50
CA LEU A 350 32.68 -23.60 -2.36
C LEU A 350 32.73 -22.11 -2.66
N LYS A 351 31.73 -21.64 -3.40
CA LYS A 351 31.57 -20.21 -3.69
C LYS A 351 30.33 -19.64 -3.05
N ILE A 352 29.17 -20.24 -3.28
CA ILE A 352 27.89 -19.76 -2.76
C ILE A 352 27.44 -20.67 -1.63
N LEU A 353 26.82 -20.09 -0.62
CA LEU A 353 26.31 -20.84 0.52
C LEU A 353 25.09 -20.11 1.03
N ARG A 354 23.91 -20.57 0.64
CA ARG A 354 22.65 -20.00 1.09
C ARG A 354 22.10 -20.86 2.22
N ILE A 355 21.96 -20.26 3.40
CA ILE A 355 21.33 -20.94 4.53
C ILE A 355 20.18 -20.11 5.06
N ARG A 356 19.42 -19.45 4.19
CA ARG A 356 18.22 -18.78 4.65
C ARG A 356 17.28 -19.78 5.33
N GLY A 357 16.31 -19.24 6.05
CA GLY A 357 15.32 -20.07 6.68
C GLY A 357 15.82 -21.03 7.71
N TYR A 358 16.96 -20.78 8.32
CA TYR A 358 17.44 -21.64 9.39
C TYR A 358 16.90 -21.20 10.74
N VAL A 359 15.70 -20.65 10.78
CA VAL A 359 15.30 -19.60 11.72
C VAL A 359 15.97 -19.76 13.08
N PHE A 360 16.70 -18.73 13.50
CA PHE A 360 17.46 -18.74 14.74
C PHE A 360 17.64 -17.31 15.23
N LYS A 361 18.20 -17.18 16.43
CA LYS A 361 18.06 -15.94 17.18
C LYS A 361 19.24 -14.99 17.05
N GLU A 362 20.44 -15.43 17.39
CA GLU A 362 21.59 -14.54 17.45
C GLU A 362 22.74 -15.08 16.63
N LEU A 363 23.26 -14.23 15.75
CA LEU A 363 24.41 -14.54 14.91
C LEU A 363 25.65 -14.02 15.62
N LYS A 364 26.39 -14.92 16.26
CA LYS A 364 27.58 -14.53 16.99
C LYS A 364 28.82 -14.69 16.11
N SER A 365 29.97 -14.42 16.70
CA SER A 365 31.22 -14.38 15.94
C SER A 365 31.61 -15.78 15.46
N PHE A 366 31.84 -16.68 16.41
CA PHE A 366 32.44 -17.97 16.10
C PHE A 366 31.46 -18.98 15.57
N GLN A 367 30.23 -18.59 15.24
CA GLN A 367 29.34 -19.54 14.60
C GLN A 367 29.67 -19.75 13.14
N LEU A 368 30.28 -18.77 12.49
CA LEU A 368 30.71 -18.88 11.11
C LEU A 368 32.19 -19.20 10.98
N SER A 369 32.78 -19.75 12.02
CA SER A 369 34.21 -20.05 12.07
C SER A 369 34.63 -21.15 11.11
N PRO A 370 33.78 -22.14 10.79
CA PRO A 370 34.16 -23.07 9.71
C PRO A 370 34.39 -22.38 8.37
N LEU A 371 33.66 -21.30 8.09
CA LEU A 371 33.77 -20.60 6.82
C LEU A 371 34.90 -19.57 6.81
N HIS A 372 35.67 -19.48 7.89
CA HIS A 372 36.73 -18.48 7.96
C HIS A 372 37.91 -18.80 7.07
N ASN A 373 37.87 -19.90 6.32
CA ASN A 373 38.98 -20.25 5.45
C ASN A 373 38.55 -20.80 4.10
N LEU A 374 37.30 -20.71 3.74
CA LEU A 374 36.91 -21.07 2.38
C LEU A 374 37.34 -19.93 1.47
N GLN A 375 38.49 -20.09 0.82
CA GLN A 375 39.11 -18.98 0.11
C GLN A 375 38.31 -18.56 -1.11
N ASN A 376 37.54 -19.46 -1.71
CA ASN A 376 36.76 -19.10 -2.89
C ASN A 376 35.37 -18.64 -2.54
N LEU A 377 34.99 -18.64 -1.27
CA LEU A 377 33.65 -18.28 -0.86
C LEU A 377 33.37 -16.81 -1.21
N GLU A 378 32.27 -16.58 -1.92
CA GLU A 378 31.88 -15.23 -2.30
C GLU A 378 30.55 -14.82 -1.69
N VAL A 379 29.49 -15.55 -1.95
CA VAL A 379 28.19 -15.20 -1.40
C VAL A 379 27.99 -15.94 -0.09
N LEU A 380 27.37 -15.26 0.87
CA LEU A 380 27.07 -15.83 2.19
C LEU A 380 25.68 -15.34 2.56
N ASP A 381 24.66 -16.11 2.20
CA ASP A 381 23.27 -15.69 2.34
C ASP A 381 22.73 -16.11 3.69
N LEU A 382 22.17 -15.15 4.42
CA LEU A 382 21.61 -15.40 5.74
C LEU A 382 20.32 -14.62 5.95
N GLY A 383 19.54 -14.44 4.89
CA GLY A 383 18.26 -13.78 5.03
C GLY A 383 17.26 -14.64 5.77
N THR A 384 16.11 -14.04 6.02
CA THR A 384 14.93 -14.72 6.53
C THR A 384 15.25 -15.72 7.63
N ASN A 385 16.07 -15.31 8.57
CA ASN A 385 16.39 -16.14 9.72
C ASN A 385 15.82 -15.61 11.02
N PHE A 386 15.21 -14.43 11.01
CA PHE A 386 14.72 -13.78 12.21
C PHE A 386 15.82 -13.62 13.26
N ILE A 387 17.03 -13.30 12.79
CA ILE A 387 18.14 -13.01 13.71
C ILE A 387 17.85 -11.71 14.41
N LYS A 388 18.27 -11.61 15.67
CA LYS A 388 18.04 -10.40 16.45
C LYS A 388 19.32 -9.69 16.83
N ILE A 389 20.33 -10.41 17.30
CA ILE A 389 21.59 -9.83 17.73
C ILE A 389 22.67 -10.28 16.76
N ALA A 390 23.41 -9.32 16.20
CA ALA A 390 24.48 -9.62 15.27
C ALA A 390 25.44 -8.45 15.26
N ASN A 391 26.63 -8.64 15.80
CA ASN A 391 27.66 -7.61 15.74
C ASN A 391 28.24 -7.60 14.33
N LEU A 392 27.97 -6.54 13.56
CA LEU A 392 28.46 -6.48 12.19
C LEU A 392 29.97 -6.37 12.09
N SER A 393 30.66 -6.11 13.21
CA SER A 393 32.11 -6.06 13.20
C SER A 393 32.76 -7.43 13.07
N MET A 394 31.98 -8.50 13.18
CA MET A 394 32.52 -9.84 12.99
C MET A 394 32.75 -10.18 11.53
N PHE A 395 32.31 -9.32 10.62
CA PHE A 395 32.54 -9.49 9.19
C PHE A 395 33.79 -8.78 8.71
N LYS A 396 34.62 -8.30 9.61
CA LYS A 396 35.97 -7.90 9.23
C LYS A 396 36.81 -9.11 8.86
N GLN A 397 36.28 -10.31 9.02
CA GLN A 397 36.94 -11.53 8.61
C GLN A 397 36.46 -12.05 7.27
N PHE A 398 35.25 -11.70 6.86
CA PHE A 398 34.76 -12.03 5.53
C PHE A 398 34.93 -10.85 4.58
N LYS A 399 36.17 -10.37 4.49
CA LYS A 399 36.48 -9.27 3.58
C LYS A 399 36.57 -9.75 2.15
N ARG A 400 37.22 -10.89 1.93
CA ARG A 400 37.39 -11.42 0.59
C ARG A 400 36.08 -11.79 -0.06
N LEU A 401 34.97 -11.74 0.67
CA LEU A 401 33.68 -12.10 0.13
C LEU A 401 33.21 -11.05 -0.87
N LYS A 402 32.02 -11.25 -1.38
CA LYS A 402 31.45 -10.38 -2.37
C LYS A 402 30.05 -9.95 -2.04
N VAL A 403 29.30 -10.79 -1.34
CA VAL A 403 27.99 -10.45 -0.81
C VAL A 403 27.93 -11.00 0.59
N ILE A 404 27.46 -10.19 1.54
CA ILE A 404 27.11 -10.65 2.87
C ILE A 404 25.65 -10.30 3.05
N ASP A 405 24.77 -11.22 2.69
CA ASP A 405 23.34 -10.92 2.66
C ASP A 405 22.75 -11.15 4.04
N LEU A 406 22.29 -10.08 4.67
CA LEU A 406 21.65 -10.13 5.97
C LEU A 406 20.32 -9.41 5.92
N SER A 407 19.57 -9.58 4.85
CA SER A 407 18.26 -8.98 4.70
C SER A 407 17.31 -9.69 5.66
N VAL A 408 16.05 -9.81 5.28
CA VAL A 408 14.84 -9.69 6.09
C VAL A 408 14.95 -10.07 7.58
N ASN A 409 16.13 -10.35 8.10
CA ASN A 409 16.32 -10.60 9.53
C ASN A 409 15.86 -9.40 10.38
N LYS A 410 16.02 -9.51 11.69
CA LYS A 410 15.55 -8.54 12.67
C LYS A 410 16.69 -7.94 13.48
N ILE A 411 17.78 -7.56 12.83
CA ILE A 411 18.96 -7.04 13.52
C ILE A 411 18.75 -5.55 13.79
N SER A 412 19.26 -5.08 14.93
CA SER A 412 19.03 -3.72 15.39
C SER A 412 20.33 -3.10 15.87
N PRO A 413 20.34 -1.82 16.28
CA PRO A 413 21.58 -1.30 16.87
C PRO A 413 21.95 -2.01 18.15
N TYR A 446 7.71 -23.96 -6.18
CA TYR A 446 7.39 -25.22 -6.84
C TYR A 446 8.28 -25.46 -8.07
N ASP A 447 7.94 -24.81 -9.17
CA ASP A 447 8.63 -25.02 -10.44
C ASP A 447 9.22 -23.68 -10.90
N LYS A 448 10.49 -23.46 -10.58
CA LYS A 448 11.19 -22.24 -10.98
C LYS A 448 11.69 -22.29 -12.41
N TYR A 449 11.69 -23.46 -13.04
CA TYR A 449 11.96 -23.63 -14.46
C TYR A 449 10.66 -23.77 -15.26
N ALA A 450 9.55 -23.24 -14.75
CA ALA A 450 8.27 -23.30 -15.45
C ALA A 450 8.28 -22.27 -16.56
N ARG A 451 8.77 -22.66 -17.74
CA ARG A 451 8.80 -21.77 -18.89
C ARG A 451 7.37 -21.61 -19.40
N SER A 452 6.61 -20.72 -18.77
CA SER A 452 5.28 -20.41 -19.26
C SER A 452 5.40 -19.76 -20.63
N CYS A 453 4.38 -19.97 -21.46
CA CYS A 453 4.40 -19.56 -22.84
C CYS A 453 4.40 -18.03 -22.98
N SER A 468 22.05 -2.97 -9.42
CA SER A 468 22.38 -3.47 -8.10
C SER A 468 23.78 -3.09 -7.67
N CYS A 469 24.13 -3.54 -6.47
CA CYS A 469 25.33 -3.16 -5.77
C CYS A 469 26.53 -4.05 -6.04
N TYR A 470 26.31 -5.25 -6.57
CA TYR A 470 27.37 -6.25 -6.54
C TYR A 470 28.52 -5.89 -7.48
N LYS A 471 28.25 -5.11 -8.52
CA LYS A 471 29.31 -4.69 -9.42
C LYS A 471 30.32 -3.78 -8.77
N TYR A 472 30.04 -3.28 -7.57
CA TYR A 472 30.88 -2.30 -6.91
C TYR A 472 31.88 -2.91 -5.96
N GLY A 473 31.67 -4.15 -5.54
CA GLY A 473 32.61 -4.80 -4.65
C GLY A 473 31.93 -5.46 -3.48
N GLN A 474 32.58 -5.45 -2.31
CA GLN A 474 31.97 -6.03 -1.13
C GLN A 474 30.64 -5.37 -0.84
N THR A 475 29.66 -6.19 -0.49
CA THR A 475 28.31 -5.73 -0.22
C THR A 475 27.88 -6.25 1.14
N LEU A 476 27.28 -5.38 1.93
CA LEU A 476 26.59 -5.76 3.16
C LEU A 476 25.13 -5.40 2.94
N ASP A 477 24.28 -6.41 2.89
CA ASP A 477 22.86 -6.19 2.67
C ASP A 477 22.18 -6.24 4.02
N LEU A 478 21.84 -5.07 4.56
CA LEU A 478 21.10 -4.95 5.80
C LEU A 478 19.71 -4.40 5.53
N SER A 479 19.16 -4.75 4.38
CA SER A 479 17.84 -4.30 4.03
C SER A 479 16.80 -4.97 4.91
N LYS A 480 15.73 -4.24 5.20
CA LYS A 480 14.54 -4.76 5.88
C LYS A 480 14.86 -5.37 7.24
N ASN A 481 15.88 -4.87 7.91
CA ASN A 481 16.14 -5.27 9.28
C ASN A 481 15.43 -4.30 10.23
N SER A 482 15.82 -4.29 11.49
CA SER A 482 15.18 -3.45 12.49
C SER A 482 16.16 -2.45 13.07
N ILE A 483 16.92 -1.78 12.21
CA ILE A 483 17.84 -0.73 12.61
C ILE A 483 17.06 0.58 12.58
N PHE A 484 16.86 1.19 13.74
CA PHE A 484 16.07 2.41 13.82
C PHE A 484 16.93 3.66 14.02
N PHE A 485 18.23 3.51 14.18
CA PHE A 485 19.14 4.65 14.12
C PHE A 485 20.53 4.14 13.80
N ILE A 486 21.38 5.05 13.31
CA ILE A 486 22.71 4.71 12.83
C ILE A 486 23.72 5.32 13.80
N LYS A 487 24.49 4.46 14.44
CA LYS A 487 25.69 4.87 15.16
C LYS A 487 26.92 4.60 14.33
N SER A 488 27.93 5.45 14.45
CA SER A 488 29.16 5.21 13.73
C SER A 488 29.89 4.00 14.26
N SER A 489 29.73 3.67 15.54
CA SER A 489 30.47 2.56 16.11
C SER A 489 29.95 1.20 15.67
N ASP A 490 28.76 1.15 15.08
CA ASP A 490 28.24 -0.10 14.56
C ASP A 490 29.00 -0.53 13.31
N PHE A 491 29.26 0.41 12.40
CA PHE A 491 29.94 0.13 11.15
C PHE A 491 31.44 0.20 11.26
N GLN A 492 31.97 0.32 12.46
CA GLN A 492 33.41 0.22 12.61
C GLN A 492 33.88 -1.14 12.14
N HIS A 493 35.13 -1.21 11.69
CA HIS A 493 35.74 -2.41 11.13
C HIS A 493 35.14 -2.82 9.80
N LEU A 494 34.28 -2.01 9.21
CA LEU A 494 33.70 -2.28 7.91
C LEU A 494 34.16 -1.28 6.87
N SER A 495 35.44 -0.92 6.93
CA SER A 495 35.98 0.04 5.97
C SER A 495 36.00 -0.52 4.56
N PHE A 496 36.29 -1.81 4.41
CA PHE A 496 36.36 -2.47 3.11
C PHE A 496 35.05 -2.43 2.35
N LEU A 497 33.95 -2.00 2.94
CA LEU A 497 32.65 -2.13 2.29
C LEU A 497 32.56 -1.18 1.12
N LYS A 498 32.27 -1.72 -0.05
CA LYS A 498 32.05 -0.91 -1.24
C LYS A 498 30.58 -0.70 -1.54
N CYS A 499 29.69 -1.38 -0.84
CA CYS A 499 28.28 -1.07 -0.93
C CYS A 499 27.62 -1.41 0.41
N LEU A 500 26.52 -0.73 0.67
CA LEU A 500 25.74 -0.92 1.89
C LEU A 500 24.30 -0.71 1.54
N ASN A 501 23.47 -1.71 1.74
CA ASN A 501 22.04 -1.60 1.54
C ASN A 501 21.41 -1.45 2.91
N LEU A 502 20.74 -0.32 3.14
CA LEU A 502 19.98 -0.07 4.35
C LEU A 502 18.53 0.25 4.02
N SER A 503 18.07 -0.21 2.88
CA SER A 503 16.72 0.09 2.44
C SER A 503 15.71 -0.70 3.26
N GLY A 504 14.65 -0.03 3.70
CA GLY A 504 13.57 -0.67 4.40
C GLY A 504 13.70 -0.75 5.89
N ASN A 505 14.76 -0.19 6.47
CA ASN A 505 14.93 -0.23 7.92
C ASN A 505 14.08 0.81 8.63
N LEU A 506 13.48 1.74 7.90
CA LEU A 506 12.69 2.85 8.44
C LEU A 506 13.44 3.60 9.54
N ILE A 507 14.59 4.12 9.16
CA ILE A 507 15.43 4.89 10.06
C ILE A 507 14.98 6.33 10.02
N SER A 508 14.63 6.88 11.17
CA SER A 508 14.30 8.29 11.32
C SER A 508 15.51 8.98 11.89
N GLN A 509 16.18 9.80 11.09
CA GLN A 509 17.41 10.39 11.55
C GLN A 509 17.69 11.67 10.81
N THR A 510 18.24 12.63 11.54
CA THR A 510 18.82 13.85 10.97
C THR A 510 20.31 13.60 10.92
N LEU A 511 20.81 13.32 9.72
CA LEU A 511 22.23 13.02 9.56
C LEU A 511 23.01 14.33 9.51
N ASN A 512 24.02 14.43 10.37
CA ASN A 512 24.85 15.63 10.44
C ASN A 512 26.29 15.34 10.01
N GLY A 513 26.52 14.21 9.36
CA GLY A 513 27.81 13.93 8.74
C GLY A 513 28.79 13.19 9.61
N SER A 514 28.29 12.35 10.52
CA SER A 514 29.15 11.59 11.41
C SER A 514 28.78 10.13 11.54
N GLU A 515 27.64 9.70 11.00
CA GLU A 515 27.14 8.35 11.22
C GLU A 515 27.97 7.34 10.44
N PHE A 516 28.16 7.57 9.15
CA PHE A 516 28.92 6.66 8.31
C PHE A 516 30.39 7.02 8.28
N GLN A 517 31.00 7.23 9.41
CA GLN A 517 32.39 7.66 9.40
C GLN A 517 33.34 6.52 9.05
N PRO A 518 33.18 5.31 9.60
CA PRO A 518 34.15 4.25 9.27
C PRO A 518 34.01 3.72 7.86
N LEU A 519 32.89 3.96 7.19
CA LEU A 519 32.73 3.50 5.81
C LEU A 519 33.53 4.37 4.87
N ALA A 520 34.85 4.24 4.91
CA ALA A 520 35.74 5.15 4.20
C ALA A 520 35.74 4.91 2.70
N GLU A 521 35.56 3.67 2.26
CA GLU A 521 35.65 3.32 0.85
C GLU A 521 34.29 3.20 0.18
N LEU A 522 33.22 3.53 0.87
CA LEU A 522 31.89 3.21 0.38
C LEU A 522 31.61 3.91 -0.93
N ARG A 523 31.24 3.12 -1.94
CA ARG A 523 30.92 3.63 -3.26
C ARG A 523 29.45 3.58 -3.59
N TYR A 524 28.66 2.81 -2.86
CA TYR A 524 27.22 2.74 -3.07
C TYR A 524 26.56 2.72 -1.71
N LEU A 525 25.46 3.45 -1.58
CA LEU A 525 24.69 3.46 -0.35
C LEU A 525 23.22 3.51 -0.71
N ASP A 526 22.49 2.45 -0.38
CA ASP A 526 21.05 2.41 -0.57
C ASP A 526 20.39 2.79 0.74
N PHE A 527 19.64 3.88 0.72
CA PHE A 527 18.96 4.41 1.88
C PHE A 527 17.51 4.65 1.57
N SER A 528 16.95 3.87 0.65
CA SER A 528 15.56 4.00 0.29
C SER A 528 14.67 3.46 1.39
N ASN A 529 13.40 3.84 1.32
CA ASN A 529 12.37 3.36 2.24
C ASN A 529 12.81 3.51 3.69
N ASN A 530 13.13 4.75 4.05
CA ASN A 530 13.54 5.11 5.39
C ASN A 530 12.83 6.42 5.72
N ARG A 531 13.29 7.11 6.76
CA ARG A 531 12.76 8.43 7.10
C ARG A 531 13.92 9.40 7.31
N LEU A 532 14.34 10.04 6.24
CA LEU A 532 15.52 10.89 6.26
C LEU A 532 15.14 12.35 6.45
N ASP A 533 15.79 13.01 7.41
CA ASP A 533 15.58 14.43 7.70
C ASP A 533 16.75 15.21 7.13
N LEU A 534 16.55 15.84 5.98
CA LEU A 534 17.60 16.60 5.30
C LEU A 534 17.66 18.02 5.88
N LEU A 535 18.03 18.10 7.15
CA LEU A 535 18.15 19.38 7.82
C LEU A 535 19.54 19.98 7.70
N HIS A 536 20.55 19.16 7.49
CA HIS A 536 21.91 19.64 7.36
C HIS A 536 22.42 19.38 5.95
N SER A 537 23.24 20.30 5.46
CA SER A 537 23.92 20.10 4.20
C SER A 537 25.17 19.27 4.34
N THR A 538 25.57 18.94 5.56
CA THR A 538 26.73 18.10 5.81
C THR A 538 26.35 16.63 5.92
N ALA A 539 25.14 16.27 5.54
CA ALA A 539 24.76 14.86 5.49
C ALA A 539 25.56 14.15 4.41
N PHE A 540 26.01 12.93 4.72
CA PHE A 540 26.76 12.10 3.78
C PHE A 540 28.07 12.75 3.39
N GLU A 541 28.59 13.61 4.25
CA GLU A 541 29.79 14.36 3.91
C GLU A 541 31.07 13.56 4.10
N GLU A 542 31.07 12.64 5.06
CA GLU A 542 32.23 11.80 5.34
C GLU A 542 32.31 10.60 4.42
N LEU A 543 31.31 10.40 3.57
CA LEU A 543 31.34 9.36 2.55
C LEU A 543 32.05 9.93 1.33
N ARG A 544 33.38 9.94 1.41
CA ARG A 544 34.19 10.70 0.47
C ARG A 544 34.22 10.07 -0.91
N LYS A 545 34.33 8.74 -0.97
CA LYS A 545 34.42 8.04 -2.23
C LYS A 545 33.07 7.66 -2.81
N LEU A 546 31.99 8.12 -2.21
CA LEU A 546 30.66 7.70 -2.62
C LEU A 546 30.39 8.08 -4.06
N GLU A 547 29.85 7.15 -4.83
CA GLU A 547 29.51 7.36 -6.22
C GLU A 547 28.04 7.23 -6.52
N VAL A 548 27.30 6.41 -5.78
CA VAL A 548 25.86 6.30 -5.93
C VAL A 548 25.22 6.52 -4.57
N LEU A 549 24.09 7.22 -4.56
CA LEU A 549 23.36 7.48 -3.34
C LEU A 549 21.88 7.34 -3.64
N ASP A 550 21.21 6.45 -2.92
CA ASP A 550 19.79 6.20 -3.11
C ASP A 550 19.06 6.63 -1.85
N ILE A 551 18.34 7.73 -1.94
CA ILE A 551 17.50 8.17 -0.82
C ILE A 551 16.07 8.29 -1.30
N SER A 552 15.67 7.40 -2.22
CA SER A 552 14.30 7.38 -2.69
C SER A 552 13.37 6.85 -1.61
N SER A 553 12.08 7.15 -1.79
CA SER A 553 11.04 6.77 -0.84
C SER A 553 11.42 7.07 0.60
N ASN A 554 11.91 8.28 0.83
CA ASN A 554 12.14 8.83 2.17
C ASN A 554 11.15 9.96 2.44
N SER A 555 9.89 9.74 2.04
CA SER A 555 8.89 10.78 1.89
C SER A 555 8.41 11.39 3.20
N HIS A 556 8.77 10.85 4.36
CA HIS A 556 8.12 11.28 5.58
C HIS A 556 8.39 12.74 5.88
N TYR A 557 9.65 13.09 6.06
CA TYR A 557 9.99 14.44 6.46
C TYR A 557 9.99 15.41 5.29
N PHE A 558 10.22 14.93 4.07
CA PHE A 558 10.09 15.81 2.92
C PHE A 558 8.65 16.24 2.70
N GLN A 559 7.71 15.43 3.16
CA GLN A 559 6.29 15.81 3.08
C GLN A 559 5.98 16.98 4.01
N SER A 560 6.65 17.05 5.15
CA SER A 560 6.35 18.10 6.13
C SER A 560 6.63 19.47 5.53
N GLU A 561 5.84 20.44 5.95
CA GLU A 561 5.93 21.80 5.41
C GLU A 561 6.38 22.74 6.53
N GLY A 562 7.47 23.46 6.28
CA GLY A 562 7.98 24.43 7.21
C GLY A 562 9.35 24.10 7.75
N ILE A 563 9.75 22.85 7.72
CA ILE A 563 11.09 22.48 8.17
C ILE A 563 12.05 22.59 6.99
N THR A 564 13.33 22.76 7.32
CA THR A 564 14.33 22.96 6.29
C THR A 564 14.61 21.68 5.52
N HIS A 565 14.93 21.82 4.25
CA HIS A 565 15.33 20.69 3.40
C HIS A 565 16.53 21.12 2.59
N MET A 566 17.73 20.89 3.13
CA MET A 566 18.95 21.36 2.49
C MET A 566 19.25 20.47 1.28
N LEU A 567 18.67 20.83 0.14
CA LEU A 567 18.89 20.09 -1.09
C LEU A 567 20.25 20.35 -1.72
N ASN A 568 21.09 21.23 -1.16
CA ASN A 568 22.44 21.41 -1.64
C ASN A 568 23.44 20.58 -0.85
N PHE A 569 22.99 19.47 -0.27
CA PHE A 569 23.85 18.58 0.48
C PHE A 569 24.86 17.86 -0.39
N THR A 570 24.76 17.98 -1.71
CA THR A 570 25.58 17.25 -2.65
C THR A 570 26.88 17.97 -3.00
N LYS A 571 27.05 19.21 -2.54
CA LYS A 571 28.27 19.95 -2.89
C LYS A 571 29.50 19.28 -2.33
N ASN A 572 29.41 18.73 -1.12
CA ASN A 572 30.56 18.15 -0.46
C ASN A 572 30.90 16.76 -0.97
N LEU A 573 30.12 16.23 -1.90
CA LEU A 573 30.29 14.88 -2.41
C LEU A 573 31.04 14.97 -3.72
N LYS A 574 32.34 14.71 -3.68
CA LYS A 574 33.23 15.10 -4.77
C LYS A 574 33.21 14.13 -5.94
N VAL A 575 32.96 12.84 -5.69
CA VAL A 575 32.97 11.85 -6.75
C VAL A 575 31.60 11.28 -7.02
N LEU A 576 30.55 11.80 -6.39
CA LEU A 576 29.21 11.30 -6.61
C LEU A 576 28.84 11.37 -8.07
N GLN A 577 28.40 10.25 -8.63
CA GLN A 577 28.04 10.15 -10.04
C GLN A 577 26.56 10.02 -10.29
N LYS A 578 25.83 9.41 -9.37
CA LYS A 578 24.41 9.13 -9.54
C LYS A 578 23.69 9.40 -8.23
N LEU A 579 22.57 10.12 -8.30
CA LEU A 579 21.75 10.40 -7.12
C LEU A 579 20.32 10.04 -7.46
N MET A 580 19.77 9.05 -6.77
CA MET A 580 18.37 8.69 -6.89
C MET A 580 17.64 9.23 -5.68
N MET A 581 16.68 10.12 -5.89
CA MET A 581 15.86 10.60 -4.81
C MET A 581 14.40 10.66 -5.25
N ASN A 582 13.94 9.61 -5.91
CA ASN A 582 12.59 9.59 -6.43
C ASN A 582 11.60 9.18 -5.34
N ASP A 583 10.34 9.57 -5.53
CA ASP A 583 9.25 9.26 -4.62
C ASP A 583 9.52 9.80 -3.22
N ASN A 584 9.98 11.04 -3.13
CA ASN A 584 10.22 11.69 -1.86
C ASN A 584 9.23 12.79 -1.55
N ASP A 585 8.34 13.12 -2.47
CA ASP A 585 7.34 14.16 -2.28
C ASP A 585 7.96 15.50 -1.94
N ILE A 586 9.18 15.74 -2.43
CA ILE A 586 9.89 16.99 -2.17
C ILE A 586 9.10 18.12 -2.81
N SER A 587 8.55 18.99 -1.98
CA SER A 587 7.77 20.13 -2.46
C SER A 587 8.37 21.46 -2.05
N SER A 588 9.33 21.48 -1.13
CA SER A 588 9.96 22.69 -0.64
C SER A 588 11.44 22.44 -0.42
N SER A 589 12.22 23.50 -0.46
CA SER A 589 13.65 23.37 -0.25
C SER A 589 14.20 24.66 0.33
N THR A 590 14.89 24.55 1.46
CA THR A 590 15.56 25.72 2.02
C THR A 590 16.67 26.18 1.09
N SER A 591 17.35 25.24 0.46
CA SER A 591 18.44 25.57 -0.45
C SER A 591 17.89 25.91 -1.84
N ARG A 592 18.35 27.04 -2.38
CA ARG A 592 17.87 27.52 -3.66
C ARG A 592 18.46 26.77 -4.84
N THR A 593 19.55 26.04 -4.66
CA THR A 593 20.23 25.34 -5.73
C THR A 593 20.70 23.99 -5.23
N MET A 594 20.99 23.10 -6.17
CA MET A 594 21.77 21.90 -5.90
C MET A 594 23.13 22.05 -6.57
N GLU A 595 24.16 21.49 -5.96
CA GLU A 595 25.50 21.73 -6.45
C GLU A 595 26.33 20.45 -6.35
N SER A 596 27.01 20.12 -7.45
CA SER A 596 27.96 19.02 -7.50
C SER A 596 28.74 19.13 -8.79
N GLU A 597 30.06 19.04 -8.70
CA GLU A 597 30.93 19.10 -9.87
C GLU A 597 31.17 17.74 -10.48
N SER A 598 30.46 16.72 -10.04
CA SER A 598 30.64 15.37 -10.56
C SER A 598 29.37 14.61 -10.85
N LEU A 599 28.21 15.06 -10.35
CA LEU A 599 26.97 14.32 -10.57
C LEU A 599 26.66 14.23 -12.06
N ARG A 600 26.35 13.02 -12.51
CA ARG A 600 26.03 12.79 -13.92
C ARG A 600 24.64 12.24 -14.13
N THR A 601 24.04 11.58 -13.15
CA THR A 601 22.66 11.15 -13.19
C THR A 601 21.93 11.74 -12.01
N LEU A 602 20.68 12.11 -12.22
CA LEU A 602 19.82 12.57 -11.13
C LEU A 602 18.41 12.09 -11.43
N GLU A 603 17.85 11.28 -10.53
CA GLU A 603 16.50 10.79 -10.66
C GLU A 603 15.64 11.49 -9.62
N PHE A 604 14.66 12.26 -10.09
CA PHE A 604 13.86 13.14 -9.27
C PHE A 604 12.38 12.89 -9.52
N ARG A 605 12.00 11.63 -9.68
CA ARG A 605 10.66 11.32 -10.11
C ARG A 605 9.75 11.02 -8.93
N GLY A 606 8.47 11.32 -9.09
CA GLY A 606 7.56 11.16 -7.98
C GLY A 606 7.76 12.15 -6.86
N ASN A 607 8.15 13.36 -7.18
CA ASN A 607 8.25 14.46 -6.24
C ASN A 607 7.24 15.53 -6.67
N HIS A 608 7.30 16.69 -6.05
CA HIS A 608 6.39 17.79 -6.38
C HIS A 608 7.21 18.97 -6.87
N LEU A 609 7.48 19.02 -8.16
CA LEU A 609 8.14 20.17 -8.73
C LEU A 609 7.16 21.24 -9.19
N ASP A 610 5.86 20.94 -9.21
CA ASP A 610 4.90 21.96 -9.60
C ASP A 610 4.82 23.05 -8.55
N VAL A 611 5.07 22.72 -7.29
CA VAL A 611 5.05 23.74 -6.25
C VAL A 611 6.40 24.43 -6.13
N LEU A 612 7.49 23.70 -6.39
CA LEU A 612 8.80 24.34 -6.44
C LEU A 612 8.88 25.31 -7.61
N TRP A 613 8.25 24.96 -8.73
CA TRP A 613 8.20 25.80 -9.92
C TRP A 613 6.83 26.46 -10.06
N ARG A 614 6.23 26.85 -8.94
CA ARG A 614 4.91 27.46 -8.95
C ARG A 614 4.93 28.76 -9.74
N ASP A 615 3.73 29.26 -10.01
CA ASP A 615 3.59 30.53 -10.72
C ASP A 615 4.18 31.67 -9.90
N GLY A 616 4.92 32.54 -10.57
CA GLY A 616 5.51 33.70 -9.92
C GLY A 616 6.66 33.39 -8.98
N ASP A 617 6.93 32.12 -8.74
CA ASP A 617 7.97 31.68 -7.82
C ASP A 617 9.22 31.41 -8.65
N ASN A 618 10.10 32.40 -8.73
CA ASN A 618 11.34 32.29 -9.47
C ASN A 618 12.51 31.83 -8.60
N ARG A 619 12.22 31.34 -7.40
CA ARG A 619 13.28 30.95 -6.50
C ARG A 619 13.99 29.69 -6.98
N TYR A 620 13.22 28.63 -7.23
CA TYR A 620 13.80 27.33 -7.56
C TYR A 620 13.86 27.08 -9.05
N LEU A 621 13.90 28.15 -9.86
CA LEU A 621 14.02 27.96 -11.30
C LEU A 621 15.38 27.38 -11.67
N GLN A 622 16.44 27.88 -11.07
CA GLN A 622 17.77 27.33 -11.28
C GLN A 622 18.15 26.35 -10.19
N LEU A 623 17.27 25.38 -9.93
CA LEU A 623 17.54 24.40 -8.88
C LEU A 623 18.60 23.41 -9.29
N PHE A 624 18.72 23.13 -10.59
CA PHE A 624 19.69 22.16 -11.10
C PHE A 624 20.87 22.80 -11.81
N LYS A 625 20.79 24.09 -12.14
CA LYS A 625 21.74 24.74 -13.05
C LYS A 625 23.18 24.51 -12.65
N ASN A 626 23.46 24.33 -11.37
CA ASN A 626 24.83 24.24 -10.89
C ASN A 626 25.39 22.81 -10.92
N LEU A 627 24.57 21.83 -11.26
CA LEU A 627 25.05 20.47 -11.45
C LEU A 627 25.71 20.41 -12.82
N LEU A 628 27.01 20.66 -12.86
CA LEU A 628 27.67 21.00 -14.13
C LEU A 628 27.83 19.78 -15.03
N LYS A 629 28.29 18.66 -14.50
CA LYS A 629 28.50 17.49 -15.32
C LYS A 629 27.24 16.67 -15.53
N LEU A 630 26.11 17.08 -14.96
CA LEU A 630 24.87 16.32 -15.09
C LEU A 630 24.57 16.06 -16.55
N GLU A 631 24.14 14.85 -16.86
CA GLU A 631 23.84 14.47 -18.23
C GLU A 631 22.54 13.69 -18.37
N GLU A 632 21.86 13.36 -17.29
CA GLU A 632 20.61 12.62 -17.39
C GLU A 632 19.73 13.02 -16.22
N LEU A 633 18.70 13.81 -16.50
CA LEU A 633 17.72 14.21 -15.51
C LEU A 633 16.44 13.40 -15.70
N ASP A 634 15.83 13.02 -14.59
CA ASP A 634 14.65 12.16 -14.60
C ASP A 634 13.52 12.81 -13.80
N ILE A 635 13.17 14.05 -14.15
CA ILE A 635 12.07 14.71 -13.46
C ILE A 635 10.75 14.29 -14.10
N SER A 636 10.24 13.13 -13.73
CA SER A 636 9.01 12.60 -14.26
C SER A 636 8.06 12.29 -13.10
N LYS A 637 6.77 12.21 -13.39
CA LYS A 637 5.77 12.00 -12.35
C LYS A 637 5.87 13.06 -11.26
N ASN A 638 6.19 14.29 -11.65
CA ASN A 638 6.33 15.39 -10.72
C ASN A 638 5.12 16.30 -10.72
N SER A 639 3.98 15.82 -11.21
CA SER A 639 2.74 16.59 -11.25
C SER A 639 2.90 17.89 -12.03
N LEU A 640 3.95 18.01 -12.84
CA LEU A 640 4.21 19.23 -13.59
C LEU A 640 3.13 19.42 -14.64
N SER A 641 2.29 20.44 -14.45
CA SER A 641 1.26 20.75 -15.43
C SER A 641 1.73 21.73 -16.49
N PHE A 642 2.84 22.43 -16.25
CA PHE A 642 3.41 23.34 -17.23
C PHE A 642 4.79 23.74 -16.74
N LEU A 643 5.72 23.88 -17.69
CA LEU A 643 7.08 24.25 -17.33
C LEU A 643 7.21 25.77 -17.33
N PRO A 644 7.48 26.40 -16.19
CA PRO A 644 7.60 27.86 -16.16
C PRO A 644 8.73 28.33 -17.06
N SER A 645 8.39 29.17 -18.03
CA SER A 645 9.36 29.67 -19.00
C SER A 645 10.55 30.27 -18.26
N GLY A 646 11.70 29.61 -18.37
CA GLY A 646 12.87 30.06 -17.64
C GLY A 646 13.61 28.91 -16.97
N VAL A 647 12.94 27.77 -16.82
CA VAL A 647 13.62 26.61 -16.23
C VAL A 647 14.65 26.05 -17.19
N PHE A 648 14.40 26.14 -18.50
CA PHE A 648 15.36 25.64 -19.47
C PHE A 648 16.62 26.49 -19.53
N ASP A 649 16.53 27.78 -19.21
CA ASP A 649 17.75 28.55 -19.04
C ASP A 649 18.47 28.18 -17.75
N GLY A 650 17.81 27.50 -16.83
CA GLY A 650 18.43 27.04 -15.61
C GLY A 650 18.69 25.55 -15.60
N MET A 651 19.00 25.01 -16.72
CA MET A 651 19.33 23.60 -16.78
C MET A 651 20.83 23.42 -16.93
N PRO A 652 21.37 22.29 -16.47
CA PRO A 652 22.80 22.07 -16.58
C PRO A 652 23.25 22.11 -18.03
N PRO A 653 24.49 22.53 -18.28
CA PRO A 653 24.92 22.71 -19.68
C PRO A 653 25.10 21.40 -20.43
N ASN A 654 25.67 20.38 -19.80
CA ASN A 654 25.97 19.13 -20.47
C ASN A 654 24.82 18.13 -20.44
N LEU A 655 23.60 18.59 -20.19
CA LEU A 655 22.47 17.68 -20.11
C LEU A 655 22.30 16.94 -21.44
N LYS A 656 21.97 15.66 -21.36
CA LYS A 656 21.90 14.83 -22.55
C LYS A 656 20.59 14.07 -22.66
N ASN A 657 20.07 13.55 -21.55
CA ASN A 657 18.92 12.64 -21.56
C ASN A 657 17.90 13.15 -20.54
N LEU A 658 16.87 13.84 -21.02
CA LEU A 658 15.84 14.41 -20.17
C LEU A 658 14.59 13.54 -20.18
N SER A 659 13.91 13.50 -19.05
CA SER A 659 12.77 12.60 -18.85
C SER A 659 11.61 13.36 -18.22
N LEU A 660 10.56 13.60 -18.98
CA LEU A 660 9.36 14.30 -18.52
C LEU A 660 8.13 13.43 -18.70
N ALA A 661 8.22 12.16 -18.31
CA ALA A 661 7.15 11.22 -18.56
C ALA A 661 6.16 11.19 -17.40
N LYS A 662 4.90 10.93 -17.72
CA LYS A 662 3.85 10.74 -16.72
C LYS A 662 3.75 11.95 -15.79
N ASN A 663 3.89 13.15 -16.34
CA ASN A 663 3.81 14.36 -15.54
C ASN A 663 2.40 14.94 -15.54
N GLY A 664 1.89 15.30 -16.71
CA GLY A 664 0.63 16.00 -16.79
C GLY A 664 0.79 17.25 -17.60
N LEU A 665 1.87 17.32 -18.37
CA LEU A 665 2.21 18.47 -19.19
C LEU A 665 1.04 18.83 -20.07
N LYS A 666 0.44 20.00 -19.85
CA LYS A 666 -0.64 20.43 -20.72
C LYS A 666 -0.10 21.08 -21.99
N SER A 667 1.04 21.76 -21.90
CA SER A 667 1.63 22.41 -23.06
C SER A 667 3.11 22.59 -22.79
N PHE A 668 3.94 21.80 -23.45
CA PHE A 668 5.39 21.84 -23.27
C PHE A 668 5.98 22.61 -24.44
N ILE A 669 6.48 23.82 -24.16
CA ILE A 669 6.99 24.64 -25.23
C ILE A 669 8.26 24.02 -25.81
N TRP A 670 8.50 24.27 -27.09
CA TRP A 670 9.60 23.66 -27.81
C TRP A 670 10.69 24.63 -28.20
N GLU A 671 10.35 25.88 -28.50
CA GLU A 671 11.37 26.85 -28.91
C GLU A 671 12.39 27.10 -27.80
N LYS A 672 12.12 26.63 -26.58
CA LYS A 672 13.08 26.68 -25.49
C LYS A 672 14.06 25.52 -25.50
N LEU A 673 13.84 24.51 -26.36
CA LEU A 673 14.79 23.40 -26.42
C LEU A 673 16.15 23.86 -26.92
N ARG A 674 16.18 24.92 -27.71
CA ARG A 674 17.44 25.47 -28.21
C ARG A 674 18.38 25.84 -27.08
N TYR A 675 17.86 26.07 -25.87
CA TYR A 675 18.73 26.39 -24.74
C TYR A 675 19.53 25.19 -24.29
N LEU A 676 19.11 23.99 -24.68
CA LEU A 676 19.82 22.75 -24.31
C LEU A 676 20.59 22.30 -25.54
N LYS A 677 21.83 22.76 -25.66
CA LYS A 677 22.65 22.47 -26.82
C LYS A 677 23.39 21.15 -26.71
N ASN A 678 22.90 20.22 -25.88
CA ASN A 678 23.44 18.87 -25.85
C ASN A 678 22.38 17.81 -25.69
N LEU A 679 21.10 18.16 -25.79
CA LEU A 679 20.03 17.20 -25.52
C LEU A 679 19.97 16.17 -26.64
N GLU A 680 19.74 14.91 -26.25
CA GLU A 680 19.65 13.82 -27.20
C GLU A 680 18.50 12.86 -26.97
N THR A 681 17.88 12.83 -25.79
CA THR A 681 16.93 11.75 -25.47
C THR A 681 15.70 12.32 -24.77
N LEU A 682 15.10 13.36 -25.34
CA LEU A 682 13.90 13.93 -24.76
C LEU A 682 12.79 12.89 -24.65
N ASP A 683 12.27 12.71 -23.45
CA ASP A 683 11.31 11.64 -23.14
C ASP A 683 10.05 12.26 -22.55
N LEU A 684 9.00 12.36 -23.36
CA LEU A 684 7.73 12.97 -22.97
C LEU A 684 6.58 11.98 -23.04
N SER A 685 6.84 10.72 -22.74
CA SER A 685 5.81 9.70 -22.82
C SER A 685 4.79 9.89 -21.71
N HIS A 686 3.55 9.47 -21.98
CA HIS A 686 2.49 9.45 -20.98
C HIS A 686 2.20 10.84 -20.44
N ASN A 687 2.16 11.83 -21.33
CA ASN A 687 1.81 13.19 -20.94
C ASN A 687 0.51 13.57 -21.63
N GLN A 688 0.14 14.84 -21.51
CA GLN A 688 -1.08 15.35 -22.12
C GLN A 688 -0.80 16.53 -23.02
N LEU A 689 0.26 16.45 -23.81
CA LEU A 689 0.48 17.49 -24.80
C LEU A 689 -0.54 17.36 -25.93
N THR A 690 -0.66 18.42 -26.71
CA THR A 690 -1.58 18.45 -27.84
C THR A 690 -0.88 18.62 -29.17
N THR A 691 0.07 19.56 -29.26
CA THR A 691 0.66 19.99 -30.51
C THR A 691 2.14 19.62 -30.54
N VAL A 692 2.67 19.42 -31.74
CA VAL A 692 4.08 19.13 -31.97
C VAL A 692 4.74 20.43 -32.41
N PRO A 693 6.07 20.51 -32.33
CA PRO A 693 6.75 21.75 -32.75
C PRO A 693 6.52 22.04 -34.21
N GLU A 694 6.59 23.32 -34.56
CA GLU A 694 6.43 23.73 -35.95
C GLU A 694 7.51 23.10 -36.82
N ARG A 695 8.77 23.22 -36.40
CA ARG A 695 9.89 22.66 -37.15
C ARG A 695 10.91 22.14 -36.15
N LEU A 696 11.05 20.82 -36.06
CA LEU A 696 12.04 20.24 -35.16
C LEU A 696 13.45 20.63 -35.54
N SER A 697 13.66 21.18 -36.74
CA SER A 697 14.97 21.73 -37.06
C SER A 697 15.24 23.00 -36.26
N ASN A 698 14.26 23.91 -36.22
CA ASN A 698 14.45 25.17 -35.54
C ASN A 698 14.49 25.00 -34.02
N CYS A 699 14.02 23.86 -33.51
CA CYS A 699 13.94 23.66 -32.06
C CYS A 699 15.26 23.19 -31.49
N SER A 700 15.73 22.02 -31.90
CA SER A 700 16.96 21.46 -31.39
C SER A 700 17.84 21.01 -32.54
N ARG A 701 19.15 21.20 -32.36
CA ARG A 701 20.16 20.81 -33.33
C ARG A 701 20.89 19.55 -32.93
N SER A 702 20.47 18.89 -31.85
CA SER A 702 21.10 17.66 -31.41
C SER A 702 20.11 16.59 -30.97
N LEU A 703 18.81 16.79 -31.17
CA LEU A 703 17.83 15.84 -30.70
C LEU A 703 17.88 14.57 -31.53
N LYS A 704 17.86 13.42 -30.85
CA LYS A 704 17.84 12.16 -31.59
C LYS A 704 17.01 11.05 -30.95
N ASN A 705 16.24 11.32 -29.88
CA ASN A 705 15.50 10.22 -29.26
C ASN A 705 14.12 10.64 -28.74
N LEU A 706 13.36 11.42 -29.52
CA LEU A 706 12.06 11.86 -29.04
C LEU A 706 11.18 10.68 -28.68
N ILE A 707 10.45 10.79 -27.56
CA ILE A 707 9.55 9.76 -27.09
C ILE A 707 8.25 10.44 -26.68
N LEU A 708 7.25 10.41 -27.56
CA LEU A 708 5.95 11.00 -27.29
C LEU A 708 4.88 9.91 -27.15
N LYS A 709 5.28 8.72 -26.73
CA LYS A 709 4.37 7.62 -26.46
C LYS A 709 3.20 8.07 -25.58
N ASN A 710 2.01 7.55 -25.87
CA ASN A 710 0.84 7.69 -25.02
C ASN A 710 0.43 9.15 -24.81
N ASN A 711 0.76 10.02 -25.76
CA ASN A 711 0.41 11.43 -25.64
C ASN A 711 -0.98 11.69 -26.22
N GLN A 712 -1.33 12.95 -26.45
CA GLN A 712 -2.58 13.31 -27.12
C GLN A 712 -2.27 14.20 -28.32
N ILE A 713 -1.91 13.59 -29.43
CA ILE A 713 -1.57 14.29 -30.66
C ILE A 713 -2.55 13.83 -31.73
N ARG A 714 -3.01 14.77 -32.55
CA ARG A 714 -4.04 14.45 -33.54
C ARG A 714 -3.57 14.54 -34.99
N SER A 715 -2.54 15.33 -35.29
CA SER A 715 -1.82 15.23 -36.55
C SER A 715 -0.61 16.14 -36.50
N LEU A 716 0.50 15.67 -37.07
CA LEU A 716 1.75 16.43 -37.02
C LEU A 716 1.67 17.63 -37.95
N THR A 717 2.80 18.31 -38.09
CA THR A 717 2.90 19.51 -38.90
C THR A 717 3.06 19.16 -40.38
N LYS A 718 3.19 20.20 -41.21
CA LYS A 718 3.46 19.99 -42.62
C LYS A 718 4.95 20.01 -42.94
N TYR A 719 5.78 20.46 -42.00
CA TYR A 719 7.23 20.44 -42.13
C TYR A 719 7.88 19.96 -40.84
N PHE A 720 7.31 18.93 -40.24
CA PHE A 720 7.71 18.48 -38.91
C PHE A 720 9.19 18.16 -38.84
N LEU A 721 9.63 17.14 -39.58
CA LEU A 721 11.03 16.76 -39.63
C LEU A 721 11.78 17.45 -40.75
N GLN A 722 11.32 18.63 -41.17
CA GLN A 722 12.01 19.38 -42.20
C GLN A 722 13.42 19.76 -41.76
N ASP A 723 14.42 19.30 -42.50
CA ASP A 723 15.83 19.63 -42.30
C ASP A 723 16.41 19.05 -41.02
N ALA A 724 15.62 18.33 -40.23
CA ALA A 724 16.07 17.81 -38.93
C ALA A 724 16.73 16.45 -39.12
N PHE A 725 17.94 16.49 -39.68
CA PHE A 725 18.62 15.26 -40.07
C PHE A 725 19.15 14.49 -38.87
N GLN A 726 19.65 15.19 -37.86
CA GLN A 726 20.36 14.55 -36.76
C GLN A 726 19.50 13.57 -35.96
N LEU A 727 18.18 13.59 -36.15
CA LEU A 727 17.31 12.72 -35.38
C LEU A 727 17.40 11.28 -35.87
N ARG A 728 17.36 10.34 -34.92
CA ARG A 728 17.64 8.94 -35.19
C ARG A 728 16.65 8.00 -34.51
N TYR A 729 15.56 8.50 -33.93
CA TYR A 729 14.62 7.70 -33.15
C TYR A 729 13.43 8.59 -32.86
N LEU A 730 12.23 8.02 -32.92
CA LEU A 730 11.02 8.79 -32.68
C LEU A 730 9.91 7.83 -32.30
N ASP A 731 8.94 8.33 -31.53
CA ASP A 731 7.94 7.49 -30.91
C ASP A 731 6.62 8.21 -30.73
N LEU A 732 5.67 7.99 -31.63
CA LEU A 732 4.35 8.59 -31.53
C LEU A 732 3.25 7.56 -31.31
N SER A 733 3.58 6.44 -30.68
CA SER A 733 2.61 5.40 -30.38
C SER A 733 1.54 5.90 -29.42
N SER A 734 0.37 5.28 -29.48
CA SER A 734 -0.74 5.49 -28.54
C SER A 734 -1.22 6.94 -28.51
N ASN A 735 -1.41 7.55 -29.68
CA ASN A 735 -1.90 8.92 -29.76
C ASN A 735 -3.26 8.94 -30.45
N LYS A 736 -3.75 10.14 -30.76
CA LYS A 736 -4.98 10.31 -31.52
C LYS A 736 -4.72 10.88 -32.91
N ILE A 737 -3.54 10.60 -33.49
CA ILE A 737 -3.20 11.19 -34.79
C ILE A 737 -4.01 10.51 -35.88
N GLN A 738 -4.38 11.29 -36.89
CA GLN A 738 -5.31 10.85 -37.91
C GLN A 738 -4.65 10.64 -39.27
N MET A 739 -3.99 11.65 -39.81
CA MET A 739 -3.34 11.54 -41.10
C MET A 739 -1.93 12.08 -41.01
N ILE A 740 -1.01 11.43 -41.71
CA ILE A 740 0.38 11.89 -41.79
C ILE A 740 0.75 11.96 -43.26
N GLN A 741 0.95 13.18 -43.76
CA GLN A 741 1.26 13.40 -45.15
C GLN A 741 2.77 13.27 -45.38
N LYS A 742 3.19 13.50 -46.63
CA LYS A 742 4.60 13.38 -47.00
C LYS A 742 5.41 14.63 -46.66
N THR A 743 4.82 15.82 -46.87
CA THR A 743 5.58 17.06 -46.81
C THR A 743 6.43 17.16 -45.56
N SER A 744 5.93 16.63 -44.44
CA SER A 744 6.66 16.63 -43.19
C SER A 744 7.54 15.41 -43.00
N PHE A 745 7.36 14.37 -43.80
CA PHE A 745 8.17 13.16 -43.62
C PHE A 745 9.01 12.87 -44.86
N PRO A 746 10.00 13.69 -45.18
CA PRO A 746 10.84 13.37 -46.35
C PRO A 746 11.74 12.18 -46.05
N GLU A 747 11.88 11.30 -47.03
CA GLU A 747 12.79 10.18 -46.86
C GLU A 747 14.24 10.63 -46.77
N ASN A 748 14.54 11.86 -47.18
CA ASN A 748 15.82 12.47 -46.85
C ASN A 748 16.10 12.35 -45.37
N VAL A 749 15.06 12.46 -44.56
CA VAL A 749 15.17 12.32 -43.11
C VAL A 749 14.93 10.88 -42.68
N LEU A 750 13.92 10.22 -43.28
CA LEU A 750 13.54 8.89 -42.83
C LEU A 750 14.63 7.86 -43.08
N ASN A 751 15.51 8.09 -44.05
CA ASN A 751 16.46 7.07 -44.45
C ASN A 751 17.37 6.63 -43.31
N ASN A 752 17.56 7.48 -42.30
CA ASN A 752 18.49 7.19 -41.21
C ASN A 752 17.80 6.80 -39.91
N LEU A 753 16.49 7.00 -39.79
CA LEU A 753 15.78 6.65 -38.56
C LEU A 753 15.93 5.17 -38.26
N LYS A 754 16.59 4.86 -37.15
CA LYS A 754 16.77 3.48 -36.73
C LYS A 754 15.47 2.85 -36.26
N MET A 755 14.54 3.64 -35.74
CA MET A 755 13.28 3.12 -35.24
C MET A 755 12.22 4.20 -35.37
N LEU A 756 10.96 3.78 -35.45
CA LEU A 756 9.86 4.73 -35.50
C LEU A 756 8.58 3.97 -35.18
N LEU A 757 7.82 4.46 -34.19
CA LEU A 757 6.65 3.75 -33.69
C LEU A 757 5.42 4.65 -33.82
N LEU A 758 4.40 4.17 -34.53
CA LEU A 758 3.13 4.85 -34.60
C LEU A 758 1.96 3.90 -34.47
N HIS A 759 2.01 2.95 -33.54
CA HIS A 759 0.90 2.02 -33.46
C HIS A 759 -0.10 2.46 -32.40
N HIS A 760 -1.26 1.80 -32.41
CA HIS A 760 -2.34 1.99 -31.45
C HIS A 760 -2.92 3.39 -31.49
N ASN A 761 -2.73 4.10 -32.59
CA ASN A 761 -3.29 5.43 -32.77
C ASN A 761 -4.38 5.39 -33.85
N ARG A 762 -4.88 6.56 -34.24
CA ARG A 762 -6.18 6.65 -34.87
C ARG A 762 -6.15 7.07 -36.34
N PHE A 763 -5.29 6.46 -37.14
CA PHE A 763 -5.34 6.64 -38.58
C PHE A 763 -6.72 6.27 -39.13
N LEU A 764 -7.45 7.23 -39.70
CA LEU A 764 -8.63 6.89 -40.48
C LEU A 764 -8.20 6.74 -41.94
N CYS A 765 -8.19 5.50 -42.43
CA CYS A 765 -7.40 5.13 -43.60
C CYS A 765 -8.23 5.30 -44.86
N THR A 766 -8.65 6.53 -45.13
CA THR A 766 -9.33 6.85 -46.37
C THR A 766 -8.30 7.20 -47.44
N CYS A 767 -8.79 7.51 -48.64
CA CYS A 767 -7.91 7.78 -49.77
C CYS A 767 -7.27 9.18 -49.70
N ASP A 768 -7.47 9.93 -48.62
CA ASP A 768 -6.72 11.16 -48.44
C ASP A 768 -5.23 10.90 -48.23
N ALA A 769 -4.87 9.64 -47.97
CA ALA A 769 -3.54 9.24 -47.55
C ALA A 769 -2.89 8.27 -48.53
N VAL A 770 -2.93 8.60 -49.83
CA VAL A 770 -2.35 7.71 -50.84
C VAL A 770 -0.84 7.56 -50.61
N TRP A 771 -0.14 8.68 -50.38
CA TRP A 771 1.28 8.59 -50.12
C TRP A 771 1.56 7.85 -48.82
N PHE A 772 0.72 8.06 -47.80
CA PHE A 772 0.85 7.27 -46.58
C PHE A 772 0.84 5.79 -46.91
N VAL A 773 -0.16 5.36 -47.69
CA VAL A 773 -0.27 3.96 -48.09
C VAL A 773 1.01 3.48 -48.77
N TRP A 774 1.38 4.14 -49.87
CA TRP A 774 2.50 3.69 -50.69
C TRP A 774 3.79 3.67 -49.89
N TRP A 775 4.01 4.69 -49.07
CA TRP A 775 5.25 4.78 -48.31
C TRP A 775 5.29 3.78 -47.17
N VAL A 776 4.17 3.60 -46.45
CA VAL A 776 4.17 2.75 -45.28
C VAL A 776 4.28 1.29 -45.68
N GLN A 777 3.80 0.93 -46.88
CA GLN A 777 4.03 -0.45 -47.32
C GLN A 777 5.04 -0.55 -48.45
N HIS A 778 5.84 0.49 -48.67
CA HIS A 778 6.92 0.42 -49.64
C HIS A 778 8.21 1.10 -49.21
N THR A 779 8.31 1.56 -47.96
CA THR A 779 9.58 2.02 -47.42
C THR A 779 10.15 0.96 -46.47
N GLU A 780 11.44 1.07 -46.19
CA GLU A 780 12.08 0.19 -45.22
C GLU A 780 12.46 0.91 -43.94
N VAL A 781 11.73 1.96 -43.57
CA VAL A 781 11.84 2.51 -42.23
C VAL A 781 11.21 1.53 -41.25
N THR A 782 11.97 1.13 -40.24
CA THR A 782 11.46 0.17 -39.26
C THR A 782 10.25 0.77 -38.58
N ILE A 783 9.13 0.05 -38.60
CA ILE A 783 7.91 0.41 -37.88
C ILE A 783 7.36 -0.88 -37.29
N PRO A 784 7.55 -1.13 -36.00
CA PRO A 784 7.15 -2.43 -35.44
C PRO A 784 5.63 -2.55 -35.35
N TYR A 785 5.18 -3.80 -35.38
CA TYR A 785 3.76 -4.14 -35.32
C TYR A 785 2.98 -3.48 -36.46
N LEU A 786 3.60 -3.45 -37.65
CA LEU A 786 2.97 -2.85 -38.82
C LEU A 786 1.81 -3.69 -39.37
N ALA A 787 1.47 -4.79 -38.72
CA ALA A 787 0.44 -5.67 -39.25
C ALA A 787 -0.76 -5.85 -38.32
N THR A 788 -0.61 -5.55 -37.03
CA THR A 788 -1.64 -5.98 -36.08
C THR A 788 -2.19 -4.84 -35.22
N ASP A 789 -1.33 -3.95 -34.74
CA ASP A 789 -1.75 -2.94 -33.79
C ASP A 789 -1.86 -1.54 -34.37
N VAL A 790 -1.12 -1.21 -35.42
CA VAL A 790 -1.35 0.06 -36.14
C VAL A 790 -2.45 -0.25 -37.15
N THR A 791 -3.69 0.03 -36.76
CA THR A 791 -4.85 -0.27 -37.56
C THR A 791 -5.52 1.01 -38.01
N CYS A 792 -6.57 0.84 -38.79
CA CYS A 792 -7.24 1.96 -39.43
C CYS A 792 -8.65 2.12 -38.87
N VAL A 793 -9.01 3.36 -38.52
CA VAL A 793 -10.29 3.63 -37.88
C VAL A 793 -11.43 3.72 -38.88
N GLY A 794 -11.16 4.07 -40.13
CA GLY A 794 -12.21 4.17 -41.11
C GLY A 794 -11.72 4.13 -42.55
N PRO A 795 -12.61 4.41 -43.50
CA PRO A 795 -14.01 4.71 -43.19
C PRO A 795 -14.94 3.51 -43.34
N GLY A 796 -15.57 3.08 -42.24
CA GLY A 796 -16.55 2.02 -42.32
C GLY A 796 -15.97 0.66 -42.66
N ALA A 797 -16.20 0.21 -43.91
CA ALA A 797 -15.75 -1.11 -44.34
C ALA A 797 -14.24 -1.29 -44.15
N HIS A 798 -13.49 -0.19 -44.14
CA HIS A 798 -12.05 -0.25 -43.89
C HIS A 798 -11.69 0.03 -42.44
N LYS A 799 -12.53 -0.40 -41.50
CA LYS A 799 -12.18 -0.33 -40.09
C LYS A 799 -11.44 -1.60 -39.69
N GLY A 800 -10.48 -1.46 -38.79
CA GLY A 800 -9.66 -2.61 -38.43
C GLY A 800 -8.69 -3.05 -39.50
N GLN A 801 -8.56 -2.27 -40.57
CA GLN A 801 -7.63 -2.58 -41.64
C GLN A 801 -6.19 -2.42 -41.19
N SER A 802 -5.29 -3.14 -41.85
CA SER A 802 -3.87 -2.89 -41.69
C SER A 802 -3.45 -1.78 -42.65
N VAL A 803 -2.41 -1.04 -42.25
CA VAL A 803 -1.87 -0.01 -43.13
C VAL A 803 -0.95 -0.61 -44.17
N ILE A 804 -0.55 -1.87 -43.97
CA ILE A 804 0.21 -2.59 -44.98
C ILE A 804 -0.73 -3.34 -45.93
N SER A 805 -1.92 -3.71 -45.45
CA SER A 805 -2.95 -4.33 -46.27
C SER A 805 -3.80 -3.30 -46.98
N LEU A 806 -3.29 -2.08 -47.16
CA LEU A 806 -4.03 -0.99 -47.77
C LEU A 806 -3.66 -0.90 -49.24
N ASP A 807 -4.66 -1.00 -50.11
CA ASP A 807 -4.50 -0.74 -51.54
C ASP A 807 -5.86 -0.27 -52.06
N LEU A 808 -6.03 1.04 -52.19
CA LEU A 808 -7.27 1.61 -52.68
C LEU A 808 -7.11 1.84 -54.18
N TYR A 809 -7.55 0.85 -54.95
CA TYR A 809 -7.34 0.85 -56.40
C TYR A 809 -8.10 1.98 -57.07
N THR A 810 -9.32 2.24 -56.60
CA THR A 810 -10.23 3.19 -57.24
C THR A 810 -9.93 4.64 -56.86
N CYS A 811 -8.70 4.94 -56.43
CA CYS A 811 -8.36 6.31 -56.10
C CYS A 811 -8.12 7.14 -57.35
N GLU A 812 -7.29 6.64 -58.26
CA GLU A 812 -6.96 7.34 -59.51
C GLU A 812 -7.59 6.64 -60.71
N LEU A 813 -8.82 6.16 -60.55
CA LEU A 813 -9.48 5.45 -61.65
C LEU A 813 -10.10 6.43 -62.65
N ALA B 5 -51.13 19.85 5.48
CA ALA B 5 -49.94 19.54 6.28
C ALA B 5 -49.28 20.81 6.81
N ARG B 6 -48.87 21.68 5.90
CA ARG B 6 -48.18 22.91 6.27
C ARG B 6 -48.73 24.07 5.43
N TRP B 7 -48.76 25.25 6.06
CA TRP B 7 -48.97 26.51 5.36
C TRP B 7 -47.80 27.47 5.55
N PHE B 8 -46.68 27.00 6.09
CA PHE B 8 -45.54 27.83 6.44
C PHE B 8 -44.28 27.28 5.77
N PRO B 9 -44.10 27.55 4.47
CA PRO B 9 -42.88 27.12 3.78
C PRO B 9 -41.72 28.05 4.11
N LYS B 10 -40.80 27.58 4.96
CA LYS B 10 -39.70 28.40 5.44
C LYS B 10 -38.44 28.08 4.65
N THR B 11 -37.95 29.06 3.89
CA THR B 11 -36.82 28.88 2.99
C THR B 11 -35.47 29.11 3.67
N LEU B 12 -35.43 29.20 4.99
CA LEU B 12 -34.18 29.45 5.69
C LEU B 12 -33.23 28.28 5.46
N PRO B 13 -32.04 28.52 4.89
CA PRO B 13 -31.20 27.41 4.43
C PRO B 13 -30.38 26.76 5.54
N CYS B 14 -30.73 27.02 6.79
CA CYS B 14 -30.03 26.46 7.94
C CYS B 14 -31.01 25.74 8.85
N ASP B 15 -30.52 24.69 9.51
CA ASP B 15 -31.35 23.86 10.37
C ASP B 15 -31.90 24.67 11.55
N VAL B 16 -32.91 24.11 12.20
CA VAL B 16 -33.54 24.70 13.37
C VAL B 16 -33.81 23.59 14.39
N THR B 17 -33.59 23.90 15.67
CA THR B 17 -33.87 22.99 16.76
C THR B 17 -34.63 23.73 17.85
N LEU B 18 -35.62 23.07 18.44
CA LEU B 18 -36.50 23.69 19.44
C LEU B 18 -36.54 22.82 20.69
N ASP B 19 -35.91 23.30 21.76
CA ASP B 19 -36.01 22.69 23.09
C ASP B 19 -36.72 23.72 23.98
N VAL B 20 -38.06 23.65 23.99
CA VAL B 20 -38.87 24.67 24.64
C VAL B 20 -38.62 24.75 26.14
N SER B 21 -38.15 23.68 26.77
CA SER B 21 -37.77 23.77 28.18
C SER B 21 -36.43 24.48 28.34
N LYS B 22 -35.44 24.12 27.51
CA LYS B 22 -34.21 24.90 27.46
C LYS B 22 -34.44 26.31 26.93
N ASN B 23 -35.61 26.58 26.36
CA ASN B 23 -35.93 27.88 25.78
C ASN B 23 -34.94 28.24 24.68
N HIS B 24 -34.39 27.21 24.02
CA HIS B 24 -33.35 27.37 23.01
C HIS B 24 -33.92 27.16 21.62
N VAL B 25 -33.48 28.00 20.67
CA VAL B 25 -33.77 27.81 19.26
C VAL B 25 -32.45 27.96 18.52
N ILE B 26 -31.95 26.87 17.96
CA ILE B 26 -30.60 26.81 17.40
C ILE B 26 -30.67 26.77 15.89
N VAL B 27 -30.18 27.83 15.24
CA VAL B 27 -30.15 27.91 13.78
C VAL B 27 -28.70 27.95 13.33
N ASP B 28 -28.27 26.92 12.62
CA ASP B 28 -26.85 26.67 12.35
C ASP B 28 -26.62 26.63 10.84
N CYS B 29 -25.82 27.56 10.33
CA CYS B 29 -25.47 27.60 8.91
C CYS B 29 -24.07 27.08 8.63
N THR B 30 -23.64 26.04 9.35
CA THR B 30 -22.29 25.49 9.23
C THR B 30 -21.96 25.01 7.83
N ASP B 31 -20.87 25.52 7.26
CA ASP B 31 -20.34 25.06 5.97
C ASP B 31 -21.36 25.25 4.85
N LYS B 32 -21.99 26.44 4.83
CA LYS B 32 -23.08 26.70 3.90
C LYS B 32 -22.75 27.76 2.85
N HIS B 33 -21.52 28.26 2.83
CA HIS B 33 -21.01 29.15 1.79
C HIS B 33 -21.89 30.38 1.59
N LEU B 34 -22.63 30.80 2.62
CA LEU B 34 -23.43 31.99 2.52
C LEU B 34 -22.55 33.22 2.36
N THR B 35 -23.02 34.19 1.59
CA THR B 35 -22.36 35.46 1.43
C THR B 35 -22.96 36.55 2.30
N GLU B 36 -23.96 36.23 3.10
CA GLU B 36 -24.58 37.19 4.00
C GLU B 36 -25.52 36.44 4.93
N ILE B 37 -25.70 36.99 6.12
CA ILE B 37 -26.65 36.43 7.08
C ILE B 37 -28.04 36.58 6.47
N PRO B 38 -28.75 35.48 6.25
CA PRO B 38 -30.06 35.57 5.58
C PRO B 38 -31.07 36.34 6.41
N GLY B 39 -32.04 36.92 5.71
CA GLY B 39 -33.16 37.53 6.39
C GLY B 39 -34.21 36.51 6.80
N GLY B 40 -35.09 36.94 7.71
CA GLY B 40 -36.13 36.08 8.21
C GLY B 40 -35.72 35.17 9.34
N ILE B 41 -34.52 35.35 9.89
CA ILE B 41 -34.11 34.58 11.06
C ILE B 41 -35.12 34.80 12.17
N PRO B 42 -35.55 33.76 12.89
CA PRO B 42 -36.55 33.96 13.95
C PRO B 42 -35.96 34.78 15.10
N THR B 43 -36.75 35.71 15.61
CA THR B 43 -36.36 36.39 16.84
C THR B 43 -36.30 35.46 18.03
N ASN B 44 -36.72 34.21 17.85
CA ASN B 44 -36.77 33.19 18.90
C ASN B 44 -35.43 32.47 19.07
N THR B 45 -34.47 32.69 18.18
CA THR B 45 -33.23 31.95 18.24
C THR B 45 -32.41 32.33 19.47
N THR B 46 -31.56 31.39 19.90
CA THR B 46 -30.65 31.61 21.01
C THR B 46 -29.21 31.42 20.55
N ASN B 47 -28.94 30.34 19.83
CA ASN B 47 -27.61 30.03 19.32
C ASN B 47 -27.61 30.20 17.81
N LEU B 48 -26.57 30.83 17.28
CA LEU B 48 -26.41 31.09 15.86
C LEU B 48 -25.01 30.65 15.45
N THR B 49 -24.92 29.95 14.33
CA THR B 49 -23.66 29.39 13.86
C THR B 49 -23.38 29.82 12.43
N LEU B 50 -22.25 30.47 12.22
CA LEU B 50 -21.88 30.97 10.90
C LEU B 50 -20.42 30.64 10.61
N THR B 51 -20.03 29.39 10.81
CA THR B 51 -18.66 28.97 10.51
C THR B 51 -18.50 28.84 9.00
N ILE B 52 -17.45 28.11 8.60
CA ILE B 52 -16.74 28.31 7.34
C ILE B 52 -17.68 28.73 6.24
N ASN B 53 -17.40 29.87 5.62
CA ASN B 53 -18.33 30.60 4.78
C ASN B 53 -17.56 31.66 4.00
N HIS B 54 -18.31 32.54 3.33
CA HIS B 54 -17.76 33.67 2.61
C HIS B 54 -18.39 34.99 3.04
N ILE B 55 -18.75 35.11 4.31
CA ILE B 55 -19.35 36.36 4.80
C ILE B 55 -18.34 37.48 4.71
N PRO B 56 -18.70 38.63 4.14
CA PRO B 56 -17.70 39.69 3.95
C PRO B 56 -17.35 40.44 5.22
N ASP B 57 -18.34 40.75 6.05
CA ASP B 57 -18.13 41.59 7.23
C ASP B 57 -19.37 41.55 8.11
N ILE B 58 -19.31 42.30 9.20
CA ILE B 58 -20.43 42.43 10.14
C ILE B 58 -20.95 43.87 10.06
N SER B 59 -22.02 44.13 10.77
CA SER B 59 -22.64 45.45 10.82
C SER B 59 -23.68 45.45 11.94
N PRO B 60 -24.03 46.63 12.46
CA PRO B 60 -25.13 46.69 13.43
C PRO B 60 -26.44 46.12 12.91
N ALA B 61 -26.61 46.07 11.59
CA ALA B 61 -27.80 45.47 11.00
C ALA B 61 -27.75 43.95 10.98
N SER B 62 -26.59 43.36 11.26
CA SER B 62 -26.45 41.91 11.21
C SER B 62 -27.33 41.25 12.26
N PHE B 63 -27.18 41.66 13.51
CA PHE B 63 -27.97 41.16 14.64
C PHE B 63 -28.93 42.23 15.12
N HIS B 64 -29.57 42.93 14.16
CA HIS B 64 -30.43 44.06 14.47
C HIS B 64 -31.54 43.67 15.43
N ARG B 65 -32.44 42.81 14.98
CA ARG B 65 -33.68 42.54 15.70
C ARG B 65 -33.55 41.41 16.71
N LEU B 66 -32.39 40.78 16.81
CA LEU B 66 -32.22 39.54 17.58
C LEU B 66 -31.70 39.88 18.97
N VAL B 67 -32.62 40.05 19.91
CA VAL B 67 -32.22 40.33 21.29
C VAL B 67 -32.07 39.06 22.11
N HIS B 68 -32.73 37.97 21.71
CA HIS B 68 -32.69 36.73 22.48
C HIS B 68 -31.53 35.83 22.08
N LEU B 69 -30.46 36.39 21.52
CA LEU B 69 -29.29 35.60 21.15
C LEU B 69 -28.36 35.47 22.33
N VAL B 70 -27.94 34.24 22.61
CA VAL B 70 -26.93 33.98 23.64
C VAL B 70 -25.64 33.45 23.07
N GLU B 71 -25.60 33.10 21.78
CA GLU B 71 -24.44 32.46 21.20
C GLU B 71 -24.35 32.80 19.72
N ILE B 72 -23.21 33.34 19.31
CA ILE B 72 -22.89 33.57 17.90
C ILE B 72 -21.61 32.84 17.57
N ASP B 73 -21.62 32.04 16.52
CA ASP B 73 -20.48 31.22 16.13
C ASP B 73 -20.04 31.66 14.73
N PHE B 74 -19.02 32.50 14.68
CA PHE B 74 -18.55 33.14 13.46
C PHE B 74 -17.15 32.66 13.10
N ARG B 75 -16.91 31.36 13.22
CA ARG B 75 -15.56 30.83 13.18
C ARG B 75 -15.05 30.69 11.75
N CYS B 76 -13.85 31.21 11.51
CA CYS B 76 -13.06 30.84 10.34
C CYS B 76 -13.77 31.20 9.04
N ASN B 77 -14.23 32.44 8.93
CA ASN B 77 -14.87 32.85 7.68
C ASN B 77 -13.86 33.32 6.65
N CYS B 78 -12.62 33.61 7.08
CA CYS B 78 -11.46 33.78 6.21
C CYS B 78 -10.27 33.14 6.92
N VAL B 79 -10.02 31.87 6.59
CA VAL B 79 -8.98 31.07 7.21
C VAL B 79 -7.62 31.70 6.94
N PRO B 80 -6.66 31.53 7.85
CA PRO B 80 -5.31 32.05 7.60
C PRO B 80 -4.64 31.35 6.42
N ILE B 81 -3.39 31.72 6.14
CA ILE B 81 -2.72 31.25 4.93
C ILE B 81 -2.63 29.72 4.92
N ARG B 82 -2.27 29.13 6.06
CA ARG B 82 -1.97 27.71 6.11
C ARG B 82 -2.99 26.91 6.94
N LEU B 83 -3.97 27.57 7.53
CA LEU B 83 -4.84 26.93 8.52
C LEU B 83 -6.17 26.44 7.94
N GLY B 84 -6.44 26.69 6.66
CA GLY B 84 -7.70 26.28 6.06
C GLY B 84 -7.51 25.76 4.65
N SER B 85 -8.60 25.24 4.11
CA SER B 85 -8.65 24.81 2.72
C SER B 85 -8.39 26.02 1.83
N LYS B 86 -7.27 26.01 1.11
CA LYS B 86 -6.94 27.13 0.24
C LYS B 86 -7.63 27.05 -1.10
N SER B 87 -8.75 26.33 -1.19
CA SER B 87 -9.64 26.50 -2.32
C SER B 87 -10.63 27.63 -2.10
N ASN B 88 -10.65 28.23 -0.91
CA ASN B 88 -11.64 29.25 -0.55
C ASN B 88 -10.91 30.48 0.00
N MET B 89 -10.61 31.44 -0.89
CA MET B 89 -9.94 32.66 -0.49
C MET B 89 -10.93 33.71 0.00
N CYS B 90 -10.56 34.37 1.09
CA CYS B 90 -11.19 35.69 1.17
C CYS B 90 -10.28 36.73 0.51
N PRO B 91 -10.84 37.80 -0.03
CA PRO B 91 -9.99 38.85 -0.62
C PRO B 91 -9.18 39.56 0.45
N ARG B 92 -9.75 39.72 1.63
CA ARG B 92 -9.03 40.23 2.79
C ARG B 92 -9.78 39.81 4.05
N ARG B 93 -9.30 40.30 5.18
CA ARG B 93 -9.80 39.86 6.47
C ARG B 93 -11.27 40.26 6.65
N LEU B 94 -11.82 39.80 7.77
CA LEU B 94 -13.14 40.25 8.20
C LEU B 94 -13.06 41.65 8.81
N GLN B 95 -14.14 42.41 8.67
CA GLN B 95 -14.25 43.73 9.26
C GLN B 95 -15.51 43.81 10.10
N ILE B 96 -15.37 44.31 11.33
CA ILE B 96 -16.47 44.39 12.28
C ILE B 96 -16.75 45.85 12.57
N LYS B 97 -17.94 46.30 12.20
CA LYS B 97 -18.32 47.69 12.38
C LYS B 97 -18.36 48.05 13.86
N PRO B 98 -18.28 49.34 14.20
CA PRO B 98 -18.49 49.74 15.58
C PRO B 98 -19.94 49.49 16.00
N ARG B 99 -20.12 49.19 17.29
CA ARG B 99 -21.42 48.87 17.86
C ARG B 99 -22.08 47.72 17.11
N SER B 100 -21.26 46.74 16.71
CA SER B 100 -21.76 45.60 15.97
C SER B 100 -22.37 44.52 16.85
N PHE B 101 -22.15 44.59 18.17
CA PHE B 101 -22.71 43.61 19.09
C PHE B 101 -23.41 44.21 20.29
N SER B 102 -23.43 45.54 20.45
CA SER B 102 -23.93 46.13 21.67
C SER B 102 -25.41 45.83 21.89
N GLY B 103 -26.19 45.81 20.81
CA GLY B 103 -27.62 45.55 20.91
C GLY B 103 -27.99 44.15 21.34
N LEU B 104 -27.01 43.32 21.70
CA LEU B 104 -27.27 41.96 22.16
C LEU B 104 -27.13 41.93 23.67
N THR B 105 -28.21 42.31 24.35
CA THR B 105 -28.18 42.40 25.81
C THR B 105 -28.06 41.02 26.46
N TYR B 106 -28.52 39.98 25.77
CA TYR B 106 -28.53 38.64 26.32
C TYR B 106 -27.40 37.76 25.80
N LEU B 107 -26.45 38.34 25.07
CA LEU B 107 -25.35 37.57 24.52
C LEU B 107 -24.47 37.04 25.64
N LYS B 108 -23.99 35.81 25.48
CA LYS B 108 -23.18 35.15 26.49
C LYS B 108 -21.95 34.43 25.94
N SER B 109 -21.85 34.20 24.64
CA SER B 109 -20.71 33.48 24.08
C SER B 109 -20.59 33.83 22.61
N LEU B 110 -19.35 33.89 22.12
CA LEU B 110 -19.09 34.40 20.79
C LEU B 110 -17.76 33.86 20.28
N TYR B 111 -17.77 33.19 19.14
CA TYR B 111 -16.61 32.50 18.59
C TYR B 111 -16.17 33.19 17.29
N LEU B 112 -15.10 33.98 17.36
CA LEU B 112 -14.55 34.66 16.20
C LEU B 112 -13.21 34.08 15.78
N ASP B 113 -13.06 32.76 15.82
CA ASP B 113 -11.77 32.16 15.54
C ASP B 113 -11.51 32.09 14.05
N GLY B 114 -10.25 32.29 13.67
CA GLY B 114 -9.83 32.15 12.29
C GLY B 114 -10.32 33.22 11.34
N ASN B 115 -10.43 34.46 11.81
CA ASN B 115 -11.03 35.53 11.02
C ASN B 115 -10.07 36.66 10.69
N GLN B 116 -8.77 36.48 10.92
CA GLN B 116 -7.75 37.46 10.54
C GLN B 116 -8.03 38.84 11.13
N LEU B 117 -8.71 38.90 12.27
CA LEU B 117 -8.88 40.15 12.96
C LEU B 117 -7.55 40.61 13.54
N LEU B 118 -7.25 41.90 13.42
CA LEU B 118 -5.97 42.41 13.89
C LEU B 118 -6.00 42.90 15.32
N GLU B 119 -7.17 43.33 15.82
CA GLU B 119 -7.32 43.66 17.24
C GLU B 119 -8.69 43.21 17.72
N ILE B 120 -8.84 43.18 19.04
CA ILE B 120 -10.04 42.63 19.67
C ILE B 120 -11.23 43.54 19.37
N PRO B 121 -12.34 43.00 18.87
CA PRO B 121 -13.49 43.84 18.51
C PRO B 121 -14.09 44.53 19.73
N GLN B 122 -14.44 45.80 19.55
CA GLN B 122 -14.90 46.63 20.66
C GLN B 122 -16.41 46.83 20.60
N GLY B 123 -16.97 47.20 21.75
CA GLY B 123 -18.39 47.41 21.88
C GLY B 123 -19.19 46.21 22.30
N LEU B 124 -18.54 45.09 22.61
CA LEU B 124 -19.26 43.89 22.98
C LEU B 124 -20.06 44.11 24.25
N PRO B 125 -21.21 43.46 24.40
CA PRO B 125 -22.05 43.68 25.57
C PRO B 125 -21.35 43.22 26.85
N PRO B 126 -21.78 43.73 28.02
CA PRO B 126 -21.17 43.28 29.27
C PRO B 126 -21.63 41.91 29.72
N SER B 127 -22.66 41.34 29.10
CA SER B 127 -23.14 40.02 29.49
C SER B 127 -22.30 38.90 28.89
N LEU B 128 -21.29 39.21 28.10
CA LEU B 128 -20.50 38.19 27.43
C LEU B 128 -19.68 37.41 28.44
N GLN B 129 -19.81 36.09 28.41
CA GLN B 129 -19.09 35.21 29.32
C GLN B 129 -18.00 34.40 28.64
N LEU B 130 -18.11 34.16 27.34
CA LEU B 130 -17.09 33.46 26.57
C LEU B 130 -16.67 34.32 25.40
N LEU B 131 -15.44 34.11 24.93
CA LEU B 131 -14.94 34.84 23.76
C LEU B 131 -13.77 34.08 23.17
N SER B 132 -13.94 33.58 21.96
CA SER B 132 -12.91 32.82 21.27
C SER B 132 -12.33 33.65 20.14
N LEU B 133 -11.02 33.92 20.21
CA LEU B 133 -10.37 34.75 19.22
C LEU B 133 -9.16 34.05 18.61
N GLU B 134 -9.22 32.73 18.48
CA GLU B 134 -8.06 31.98 18.02
C GLU B 134 -7.87 32.15 16.52
N ALA B 135 -6.65 31.83 16.08
CA ALA B 135 -6.27 31.87 14.67
C ALA B 135 -6.48 33.25 14.05
N ASN B 136 -6.46 34.29 14.87
CA ASN B 136 -6.54 35.65 14.39
C ASN B 136 -5.15 36.27 14.39
N ASN B 137 -5.08 37.55 14.03
CA ASN B 137 -3.80 38.26 13.94
C ASN B 137 -3.68 39.33 15.01
N ILE B 138 -4.27 39.07 16.18
CA ILE B 138 -4.08 39.94 17.34
C ILE B 138 -2.83 39.45 18.06
N PHE B 139 -1.76 40.24 17.99
CA PHE B 139 -0.55 39.91 18.73
C PHE B 139 -0.16 41.02 19.69
N SER B 140 -1.14 41.76 20.20
CA SER B 140 -0.89 42.82 21.17
C SER B 140 -2.12 42.98 22.04
N ILE B 141 -1.91 42.94 23.35
CA ILE B 141 -2.99 43.01 24.33
C ILE B 141 -2.72 44.21 25.22
N ARG B 142 -3.69 45.12 25.27
CA ARG B 142 -3.62 46.31 26.11
C ARG B 142 -4.82 46.37 27.02
N LYS B 143 -4.69 47.13 28.11
CA LYS B 143 -5.74 47.14 29.13
C LYS B 143 -7.01 47.80 28.62
N GLU B 144 -6.87 48.87 27.83
CA GLU B 144 -8.04 49.66 27.43
C GLU B 144 -8.97 48.89 26.50
N GLN B 145 -8.44 47.95 25.72
CA GLN B 145 -9.32 47.13 24.90
C GLN B 145 -9.94 45.98 25.68
N LEU B 146 -9.48 45.72 26.90
CA LEU B 146 -10.12 44.76 27.79
C LEU B 146 -10.95 45.43 28.87
N THR B 147 -11.03 46.76 28.85
CA THR B 147 -11.98 47.47 29.72
C THR B 147 -13.39 46.94 29.56
N GLU B 148 -13.77 46.56 28.34
CA GLU B 148 -15.15 46.17 28.06
C GLU B 148 -15.47 44.74 28.51
N LEU B 149 -14.46 43.90 28.72
CA LEU B 149 -14.66 42.50 29.05
C LEU B 149 -14.56 42.23 30.55
N ALA B 150 -15.01 43.18 31.38
CA ALA B 150 -14.81 43.06 32.81
C ALA B 150 -15.63 41.94 33.44
N ASN B 151 -16.51 41.29 32.68
CA ASN B 151 -17.31 40.20 33.20
C ASN B 151 -17.07 38.89 32.45
N ILE B 152 -16.13 38.88 31.51
CA ILE B 152 -15.88 37.67 30.72
C ILE B 152 -15.41 36.56 31.64
N GLU B 153 -15.64 35.32 31.21
CA GLU B 153 -15.26 34.14 31.97
C GLU B 153 -14.38 33.17 31.21
N ILE B 154 -14.41 33.20 29.88
CA ILE B 154 -13.61 32.30 29.06
C ILE B 154 -13.03 33.11 27.90
N LEU B 155 -11.71 33.04 27.72
CA LEU B 155 -11.03 33.86 26.74
C LEU B 155 -10.01 32.99 26.02
N TYR B 156 -10.27 32.71 24.75
CA TYR B 156 -9.43 31.85 23.93
C TYR B 156 -8.68 32.72 22.93
N LEU B 157 -7.48 33.15 23.29
CA LEU B 157 -6.64 33.97 22.44
C LEU B 157 -5.49 33.18 21.82
N GLY B 158 -5.75 31.93 21.45
CA GLY B 158 -4.68 31.07 20.99
C GLY B 158 -4.41 31.17 19.51
N GLN B 159 -3.31 30.52 19.10
CA GLN B 159 -2.94 30.40 17.69
C GLN B 159 -2.89 31.75 16.98
N ASN B 160 -2.43 32.80 17.65
CA ASN B 160 -2.35 34.10 17.00
C ASN B 160 -0.97 34.37 16.40
N CYS B 161 0.07 33.66 16.81
CA CYS B 161 1.39 33.86 16.23
C CYS B 161 2.19 32.56 16.39
N TYR B 162 2.22 31.76 15.34
CA TYR B 162 3.03 30.54 15.32
C TYR B 162 3.25 30.16 13.85
N TYR B 163 3.79 28.95 13.62
CA TYR B 163 4.30 28.65 12.28
C TYR B 163 3.18 28.49 11.25
N ARG B 164 2.03 27.99 11.64
CA ARG B 164 0.93 27.88 10.67
C ARG B 164 0.35 29.25 10.33
N ASN B 165 0.53 30.23 11.21
CA ASN B 165 -0.06 31.56 11.03
C ASN B 165 0.84 32.54 11.76
N PRO B 166 1.83 33.09 11.07
CA PRO B 166 2.87 33.89 11.75
C PRO B 166 2.54 35.37 11.80
N CYS B 167 3.22 36.04 12.72
CA CYS B 167 3.09 37.47 12.90
C CYS B 167 4.44 38.19 13.06
N TYR B 168 5.53 37.44 13.16
CA TYR B 168 6.90 37.92 13.06
C TYR B 168 7.33 38.83 14.21
N VAL B 169 6.50 38.97 15.25
CA VAL B 169 6.89 39.64 16.49
C VAL B 169 6.36 38.82 17.65
N SER B 170 7.10 38.83 18.76
CA SER B 170 6.62 38.18 19.96
C SER B 170 5.33 38.84 20.46
N TYR B 171 4.48 38.05 21.10
CA TYR B 171 3.27 38.57 21.70
C TYR B 171 3.63 39.62 22.74
N SER B 172 3.05 40.81 22.60
CA SER B 172 3.18 41.86 23.58
C SER B 172 1.92 41.92 24.41
N ILE B 173 2.08 41.95 25.73
CA ILE B 173 0.99 42.08 26.67
C ILE B 173 1.39 43.14 27.69
N GLU B 174 0.66 44.25 27.70
CA GLU B 174 1.04 45.33 28.61
C GLU B 174 0.72 44.95 30.05
N LYS B 175 1.38 45.64 30.97
CA LYS B 175 1.30 45.32 32.39
C LYS B 175 -0.15 45.27 32.87
N ASP B 176 -0.52 44.15 33.47
CA ASP B 176 -1.81 44.00 34.15
C ASP B 176 -2.98 44.22 33.20
N ALA B 177 -2.80 43.86 31.94
CA ALA B 177 -3.89 43.96 30.98
C ALA B 177 -5.06 43.07 31.35
N PHE B 178 -4.80 41.94 32.01
CA PHE B 178 -5.83 40.97 32.37
C PHE B 178 -6.31 41.11 33.79
N LEU B 179 -5.68 41.96 34.61
CA LEU B 179 -5.92 41.94 36.04
C LEU B 179 -7.37 42.22 36.40
N ASN B 180 -7.97 43.24 35.82
CA ASN B 180 -9.30 43.66 36.25
C ASN B 180 -10.42 42.95 35.50
N LEU B 181 -10.14 41.79 34.91
CA LEU B 181 -11.20 40.87 34.49
C LEU B 181 -11.48 39.95 35.67
N THR B 182 -12.28 40.46 36.60
CA THR B 182 -12.41 39.81 37.90
C THR B 182 -13.14 38.48 37.80
N LYS B 183 -13.91 38.26 36.74
CA LYS B 183 -14.65 37.02 36.58
C LYS B 183 -13.94 36.02 35.68
N LEU B 184 -12.73 36.32 35.24
CA LEU B 184 -12.03 35.47 34.28
C LEU B 184 -11.70 34.13 34.91
N LYS B 185 -12.02 33.06 34.21
CA LYS B 185 -11.81 31.70 34.72
C LYS B 185 -10.93 30.83 33.84
N VAL B 186 -11.07 30.93 32.52
CA VAL B 186 -10.27 30.17 31.58
C VAL B 186 -9.54 31.15 30.68
N LEU B 187 -8.23 30.97 30.55
CA LEU B 187 -7.42 31.82 29.67
C LEU B 187 -6.44 30.95 28.91
N SER B 188 -6.64 30.83 27.61
CA SER B 188 -5.79 30.00 26.75
C SER B 188 -4.97 30.91 25.86
N LEU B 189 -3.70 31.10 26.19
CA LEU B 189 -2.76 31.89 25.41
C LEU B 189 -1.82 31.03 24.59
N LYS B 190 -2.32 29.93 24.02
CA LYS B 190 -1.47 28.96 23.35
C LYS B 190 -1.07 29.44 21.97
N ASP B 191 0.15 29.07 21.55
CA ASP B 191 0.65 29.30 20.20
C ASP B 191 0.61 30.77 19.84
N ASN B 192 1.17 31.60 20.71
CA ASN B 192 1.10 33.04 20.52
C ASN B 192 2.45 33.72 20.53
N ASN B 193 3.55 32.98 20.38
CA ASN B 193 4.88 33.57 20.43
C ASN B 193 5.10 34.36 21.70
N VAL B 194 4.32 34.07 22.74
CA VAL B 194 4.49 34.76 24.01
C VAL B 194 5.86 34.45 24.57
N THR B 195 6.51 35.46 25.10
CA THR B 195 7.87 35.32 25.62
C THR B 195 7.93 35.29 27.13
N THR B 196 6.97 35.90 27.81
CA THR B 196 6.90 35.87 29.26
C THR B 196 5.46 35.64 29.67
N VAL B 197 5.26 35.02 30.83
CA VAL B 197 3.90 34.83 31.32
C VAL B 197 3.30 36.18 31.70
N PRO B 198 2.10 36.50 31.24
CA PRO B 198 1.54 37.86 31.41
C PRO B 198 0.99 38.18 32.80
N THR B 199 1.90 38.51 33.71
CA THR B 199 1.50 39.08 34.99
C THR B 199 0.92 40.48 34.79
N VAL B 200 -0.02 40.87 35.66
CA VAL B 200 -0.54 40.05 36.74
C VAL B 200 -1.88 39.49 36.33
N LEU B 201 -2.12 38.21 36.62
CA LEU B 201 -3.31 37.51 36.14
C LEU B 201 -4.41 37.54 37.19
N PRO B 202 -5.68 37.51 36.78
CA PRO B 202 -6.77 37.57 37.74
C PRO B 202 -6.75 36.39 38.69
N SER B 203 -7.05 36.66 39.96
CA SER B 203 -6.96 35.64 40.99
C SER B 203 -8.04 34.57 40.88
N THR B 204 -9.01 34.74 39.97
CA THR B 204 -10.08 33.77 39.83
C THR B 204 -9.87 32.85 38.64
N LEU B 205 -8.62 32.68 38.19
CA LEU B 205 -8.32 31.75 37.11
C LEU B 205 -8.43 30.33 37.61
N THR B 206 -9.00 29.45 36.79
CA THR B 206 -8.97 28.02 37.07
C THR B 206 -8.24 27.22 36.00
N GLU B 207 -8.00 27.79 34.82
CA GLU B 207 -7.34 27.08 33.73
C GLU B 207 -6.47 28.06 32.97
N LEU B 208 -5.18 27.78 32.89
CA LEU B 208 -4.24 28.64 32.18
C LEU B 208 -3.46 27.80 31.17
N TYR B 209 -3.67 28.06 29.90
CA TYR B 209 -3.04 27.30 28.82
C TYR B 209 -2.01 28.18 28.13
N LEU B 210 -0.75 28.04 28.51
CA LEU B 210 0.35 28.82 27.95
C LEU B 210 1.24 27.98 27.05
N TYR B 211 0.70 26.93 26.46
CA TYR B 211 1.56 25.94 25.85
C TYR B 211 1.86 26.30 24.41
N ASN B 212 3.02 25.83 23.94
CA ASN B 212 3.52 26.06 22.59
C ASN B 212 3.84 27.53 22.35
N ASN B 213 4.60 28.11 23.28
CA ASN B 213 5.04 29.49 23.21
C ASN B 213 6.56 29.53 23.27
N MET B 214 7.11 30.72 23.43
CA MET B 214 8.55 30.87 23.54
C MET B 214 8.96 31.31 24.93
N ILE B 215 8.21 30.88 25.95
CA ILE B 215 8.55 31.24 27.31
C ILE B 215 9.74 30.40 27.76
N ALA B 216 10.86 31.06 28.05
CA ALA B 216 12.05 30.36 28.48
C ALA B 216 12.24 30.37 29.98
N GLU B 217 11.72 31.36 30.67
CA GLU B 217 11.86 31.45 32.12
C GLU B 217 10.51 31.65 32.77
N ILE B 218 10.38 31.11 33.99
CA ILE B 218 9.25 31.36 34.87
C ILE B 218 9.79 32.13 36.06
N GLN B 219 9.09 33.18 36.45
CA GLN B 219 9.46 33.94 37.63
C GLN B 219 8.73 33.40 38.85
N GLU B 220 9.27 33.72 40.03
CA GLU B 220 8.66 33.17 41.25
C GLU B 220 7.39 33.91 41.64
N ASP B 221 7.23 35.16 41.20
CA ASP B 221 6.00 35.92 41.40
C ASP B 221 5.12 35.88 40.16
N ASP B 222 5.11 34.75 39.47
CA ASP B 222 4.45 34.61 38.18
C ASP B 222 3.12 33.88 38.29
N PHE B 223 3.06 32.81 39.09
CA PHE B 223 1.84 32.14 39.48
C PHE B 223 1.54 32.42 40.94
N ASN B 224 1.76 33.66 41.38
CA ASN B 224 1.85 33.99 42.79
C ASN B 224 0.50 34.21 43.45
N ASN B 225 -0.51 34.61 42.70
CA ASN B 225 -1.82 34.85 43.29
C ASN B 225 -2.83 33.79 42.92
N LEU B 226 -2.60 33.06 41.83
CA LEU B 226 -3.59 32.09 41.37
C LEU B 226 -3.65 30.92 42.35
N ASN B 227 -4.61 30.97 43.26
CA ASN B 227 -4.83 29.88 44.19
C ASN B 227 -6.06 29.06 43.87
N GLN B 228 -6.91 29.54 42.96
CA GLN B 228 -8.03 28.76 42.45
C GLN B 228 -7.71 28.14 41.09
N LEU B 229 -6.43 28.08 40.73
CA LEU B 229 -6.04 27.48 39.47
C LEU B 229 -6.08 25.96 39.58
N GLN B 230 -6.59 25.31 38.55
CA GLN B 230 -6.70 23.86 38.53
C GLN B 230 -5.96 23.20 37.38
N ILE B 231 -5.87 23.84 36.23
CA ILE B 231 -5.14 23.31 35.09
C ILE B 231 -4.06 24.31 34.71
N LEU B 232 -2.86 23.81 34.46
CA LEU B 232 -1.74 24.66 34.05
C LEU B 232 -0.97 23.92 32.97
N ASP B 233 -1.08 24.40 31.75
CA ASP B 233 -0.40 23.80 30.60
C ASP B 233 0.79 24.68 30.22
N LEU B 234 1.99 24.19 30.47
CA LEU B 234 3.22 24.85 30.09
C LEU B 234 4.02 24.01 29.10
N SER B 235 3.33 23.41 28.14
CA SER B 235 3.89 22.36 27.31
C SER B 235 4.40 22.95 26.00
N GLY B 236 5.64 22.69 25.67
CA GLY B 236 6.16 23.13 24.40
C GLY B 236 6.84 24.47 24.41
N ASN B 237 7.23 24.96 25.58
CA ASN B 237 8.10 26.11 25.71
C ASN B 237 9.50 25.57 25.93
N CYS B 238 10.41 25.93 25.04
CA CYS B 238 11.72 25.30 24.97
C CYS B 238 11.57 23.83 24.61
N PRO B 239 11.04 23.50 23.43
CA PRO B 239 10.68 22.12 23.15
C PRO B 239 11.89 21.22 22.94
N ARG B 240 11.59 19.92 22.77
CA ARG B 240 12.57 18.93 22.35
C ARG B 240 12.34 18.70 20.87
N CYS B 241 13.27 19.18 20.05
CA CYS B 241 13.02 19.49 18.65
C CYS B 241 13.60 18.47 17.69
N TYR B 242 14.36 17.49 18.17
CA TYR B 242 14.97 16.53 17.27
C TYR B 242 13.93 15.74 16.51
N ASN B 243 14.04 15.74 15.18
CA ASN B 243 13.18 14.95 14.30
C ASN B 243 11.72 15.37 14.43
N ALA B 244 11.51 16.62 14.62
CA ALA B 244 10.16 17.13 14.77
C ALA B 244 9.56 17.43 13.41
N PRO B 245 8.39 16.86 13.09
CA PRO B 245 7.81 17.08 11.76
C PRO B 245 7.21 18.47 11.56
N PHE B 246 7.38 19.36 12.54
CA PHE B 246 6.87 20.71 12.46
C PHE B 246 8.01 21.67 12.75
N PRO B 247 7.94 22.91 12.27
CA PRO B 247 8.98 23.88 12.60
C PRO B 247 8.91 24.23 14.07
N CYS B 248 10.01 23.98 14.77
CA CYS B 248 10.07 24.32 16.19
C CYS B 248 11.45 24.91 16.47
N THR B 249 11.47 25.97 17.25
CA THR B 249 12.72 26.62 17.62
C THR B 249 13.05 26.23 19.04
N PRO B 250 14.10 25.45 19.28
CA PRO B 250 14.50 25.13 20.64
C PRO B 250 15.04 26.38 21.34
N CYS B 251 15.26 26.23 22.64
CA CYS B 251 15.88 27.28 23.41
C CYS B 251 17.36 27.39 23.03
N LYS B 252 18.06 28.30 23.70
CA LYS B 252 19.50 28.43 23.49
C LYS B 252 20.27 27.51 24.41
N ASN B 253 21.36 26.94 23.88
CA ASN B 253 22.21 25.99 24.60
C ASN B 253 21.45 24.75 25.02
N ASN B 254 20.35 24.44 24.34
CA ASN B 254 19.55 23.25 24.61
C ASN B 254 19.09 23.22 26.06
N SER B 255 18.54 24.33 26.50
CA SER B 255 18.21 24.42 27.91
C SER B 255 16.75 24.04 28.15
N PRO B 256 16.45 23.48 29.31
CA PRO B 256 15.06 23.24 29.68
C PRO B 256 14.40 24.53 30.13
N LEU B 257 13.08 24.56 30.01
CA LEU B 257 12.29 25.65 30.56
C LEU B 257 12.69 25.88 32.01
N GLN B 258 13.18 27.08 32.31
CA GLN B 258 13.76 27.37 33.61
C GLN B 258 12.66 27.77 34.59
N ILE B 259 12.21 26.81 35.39
CA ILE B 259 11.18 27.03 36.39
C ILE B 259 11.85 26.99 37.76
N PRO B 260 11.68 28.02 38.59
CA PRO B 260 12.25 27.97 39.93
C PRO B 260 11.50 26.97 40.80
N VAL B 261 12.20 26.49 41.83
CA VAL B 261 11.63 25.47 42.70
C VAL B 261 10.36 25.98 43.36
N ASN B 262 10.33 27.24 43.77
CA ASN B 262 9.17 27.84 44.42
C ASN B 262 8.29 28.59 43.44
N ALA B 263 7.89 27.94 42.35
CA ALA B 263 7.01 28.58 41.39
C ALA B 263 5.58 28.07 41.51
N PHE B 264 5.40 26.79 41.81
CA PHE B 264 4.09 26.22 42.08
C PHE B 264 3.79 26.27 43.58
N ASP B 265 3.91 27.47 44.16
CA ASP B 265 3.66 27.62 45.58
C ASP B 265 2.20 27.98 45.86
N ALA B 266 1.73 29.09 45.28
CA ALA B 266 0.36 29.51 45.52
C ALA B 266 -0.64 28.58 44.87
N LEU B 267 -0.22 27.82 43.86
CA LEU B 267 -1.12 26.84 43.27
C LEU B 267 -1.38 25.72 44.27
N THR B 268 -2.55 25.75 44.92
CA THR B 268 -2.92 24.70 45.83
C THR B 268 -4.04 23.82 45.31
N GLU B 269 -4.93 24.39 44.50
CA GLU B 269 -6.00 23.62 43.87
C GLU B 269 -5.59 23.06 42.52
N LEU B 270 -4.29 22.88 42.28
CA LEU B 270 -3.86 22.39 40.98
C LEU B 270 -4.24 20.93 40.84
N LYS B 271 -4.85 20.60 39.71
CA LYS B 271 -5.24 19.22 39.44
C LYS B 271 -4.60 18.65 38.19
N VAL B 272 -4.31 19.46 37.20
CA VAL B 272 -3.61 19.03 35.99
C VAL B 272 -2.38 19.91 35.82
N LEU B 273 -1.26 19.29 35.47
CA LEU B 273 -0.03 20.03 35.21
C LEU B 273 0.67 19.35 34.03
N ARG B 274 0.63 19.97 32.87
CA ARG B 274 1.24 19.41 31.67
C ARG B 274 2.57 20.12 31.42
N LEU B 275 3.66 19.38 31.50
CA LEU B 275 4.99 19.89 31.17
C LEU B 275 5.58 19.12 30.00
N HIS B 276 4.74 18.79 29.03
CA HIS B 276 5.14 18.03 27.87
C HIS B 276 6.06 18.87 27.00
N SER B 277 7.15 18.27 26.54
CA SER B 277 8.04 18.90 25.55
C SER B 277 8.64 20.20 26.07
N ASN B 278 9.31 20.09 27.22
CA ASN B 278 9.98 21.21 27.84
C ASN B 278 11.49 21.00 27.88
N SER B 279 11.99 19.96 27.23
CA SER B 279 13.40 19.62 27.27
C SER B 279 13.90 19.46 28.70
N LEU B 280 13.03 19.03 29.58
CA LEU B 280 13.39 18.92 30.99
C LEU B 280 14.39 17.81 31.19
N GLN B 281 15.33 18.02 32.10
CA GLN B 281 16.29 17.00 32.48
C GLN B 281 16.14 16.54 33.92
N HIS B 282 15.76 17.43 34.82
CA HIS B 282 15.40 17.09 36.18
C HIS B 282 13.97 17.55 36.43
N VAL B 283 13.34 16.96 37.44
CA VAL B 283 12.05 17.45 37.93
C VAL B 283 12.14 17.49 39.44
N PRO B 284 12.38 18.66 40.03
CA PRO B 284 12.62 18.73 41.47
C PRO B 284 11.39 18.31 42.26
N PRO B 285 11.58 17.60 43.37
CA PRO B 285 10.46 17.36 44.28
C PRO B 285 9.92 18.62 44.93
N ARG B 286 10.66 19.73 44.90
CA ARG B 286 10.18 20.98 45.48
C ARG B 286 9.10 21.65 44.63
N TRP B 287 9.01 21.35 43.34
CA TRP B 287 7.90 21.81 42.55
C TRP B 287 6.58 21.33 43.13
N PHE B 288 6.55 20.07 43.58
CA PHE B 288 5.33 19.41 44.01
C PHE B 288 5.16 19.44 45.52
N LYS B 289 5.62 20.52 46.17
CA LYS B 289 5.50 20.60 47.62
C LYS B 289 4.11 21.06 48.02
N ASN B 290 3.58 22.07 47.35
CA ASN B 290 2.31 22.67 47.73
C ASN B 290 1.13 22.13 46.95
N ILE B 291 1.36 21.54 45.77
CA ILE B 291 0.25 21.03 44.99
C ILE B 291 -0.12 19.64 45.49
N ASN B 292 -0.97 19.61 46.50
CA ASN B 292 -1.37 18.39 47.20
C ASN B 292 -2.26 17.49 46.35
N ASN B 293 -3.10 18.07 45.49
CA ASN B 293 -4.17 17.33 44.84
C ASN B 293 -3.91 17.09 43.36
N LEU B 294 -2.66 17.06 42.93
CA LEU B 294 -2.39 16.87 41.51
C LEU B 294 -2.89 15.51 41.06
N GLN B 295 -3.67 15.51 39.99
CA GLN B 295 -4.26 14.30 39.45
C GLN B 295 -3.59 13.78 38.20
N GLU B 296 -3.34 14.65 37.23
CA GLU B 296 -2.75 14.27 35.96
C GLU B 296 -1.46 15.05 35.79
N LEU B 297 -0.40 14.38 35.33
CA LEU B 297 0.91 15.01 35.17
C LEU B 297 1.51 14.55 33.85
N ASP B 298 1.55 15.44 32.87
CA ASP B 298 2.15 15.16 31.58
C ASP B 298 3.62 15.56 31.60
N LEU B 299 4.50 14.64 31.23
CA LEU B 299 5.92 14.92 31.20
C LEU B 299 6.58 14.26 29.99
N SER B 300 5.85 14.13 28.90
CA SER B 300 6.39 13.50 27.71
C SER B 300 7.45 14.37 27.07
N GLN B 301 8.20 13.78 26.15
CA GLN B 301 9.10 14.49 25.24
C GLN B 301 10.05 15.42 25.98
N ASN B 302 10.68 14.89 27.01
CA ASN B 302 11.68 15.62 27.76
C ASN B 302 12.95 14.78 27.76
N PHE B 303 13.89 15.09 28.62
CA PHE B 303 15.09 14.29 28.68
C PHE B 303 15.18 13.58 30.03
N LEU B 304 14.08 12.99 30.45
CA LEU B 304 13.92 12.48 31.80
C LEU B 304 14.25 11.01 31.94
N ALA B 305 14.89 10.40 30.94
CA ALA B 305 15.21 8.98 31.04
C ALA B 305 16.11 8.67 32.22
N LYS B 306 16.89 9.65 32.69
CA LYS B 306 17.68 9.47 33.89
C LYS B 306 16.89 9.78 35.15
N GLU B 307 15.84 10.60 35.05
CA GLU B 307 15.00 10.87 36.20
C GLU B 307 14.03 9.74 36.47
N ILE B 308 13.46 9.16 35.41
CA ILE B 308 12.60 7.99 35.55
C ILE B 308 13.29 6.91 36.37
N GLY B 309 14.62 6.87 36.33
CA GLY B 309 15.35 5.96 37.20
C GLY B 309 15.39 6.40 38.64
N ASP B 310 15.47 7.71 38.89
CA ASP B 310 15.45 8.23 40.24
C ASP B 310 14.03 8.65 40.65
N ALA B 311 13.47 9.64 39.95
CA ALA B 311 12.08 10.08 40.11
C ALA B 311 11.71 10.23 41.57
N LYS B 312 12.47 11.06 42.28
CA LYS B 312 12.17 11.33 43.67
C LYS B 312 10.82 12.01 43.83
N PHE B 313 10.45 12.85 42.86
CA PHE B 313 9.30 13.72 42.98
C PHE B 313 7.98 12.98 43.05
N LEU B 314 7.97 11.66 42.92
CA LEU B 314 6.73 10.91 42.95
C LEU B 314 6.26 10.62 44.36
N HIS B 315 7.10 10.86 45.36
CA HIS B 315 6.68 10.73 46.74
C HIS B 315 5.74 11.84 47.17
N PHE B 316 5.59 12.88 46.35
CA PHE B 316 4.76 14.05 46.67
C PHE B 316 3.45 14.05 45.90
N LEU B 317 3.12 12.98 45.19
CA LEU B 317 1.92 12.93 44.37
C LEU B 317 1.05 11.73 44.76
N PRO B 318 0.57 11.69 46.00
CA PRO B 318 -0.20 10.51 46.42
C PRO B 318 -1.60 10.45 45.83
N ASN B 319 -2.06 11.49 45.15
CA ASN B 319 -3.37 11.48 44.51
C ASN B 319 -3.28 11.41 43.00
N LEU B 320 -2.10 11.14 42.46
CA LEU B 320 -1.90 11.18 41.01
C LEU B 320 -2.70 10.09 40.34
N ILE B 321 -3.52 10.48 39.37
CA ILE B 321 -4.32 9.52 38.61
C ILE B 321 -3.62 9.12 37.32
N GLN B 322 -3.11 10.07 36.56
CA GLN B 322 -2.43 9.81 35.31
C GLN B 322 -0.96 10.17 35.45
N LEU B 323 -0.13 9.52 34.65
CA LEU B 323 1.27 9.88 34.54
C LEU B 323 1.74 9.51 33.14
N ASP B 324 1.85 10.49 32.27
CA ASP B 324 2.46 10.32 30.96
C ASP B 324 3.94 10.60 31.10
N LEU B 325 4.76 9.64 30.71
CA LEU B 325 6.22 9.78 30.75
C LEU B 325 6.82 9.29 29.46
N SER B 326 6.11 9.45 28.36
CA SER B 326 6.54 8.88 27.10
C SER B 326 7.70 9.67 26.50
N PHE B 327 8.42 9.00 25.60
CA PHE B 327 9.34 9.65 24.66
C PHE B 327 10.42 10.47 25.35
N ASN B 328 11.08 9.86 26.33
CA ASN B 328 12.16 10.53 27.04
C ASN B 328 13.51 9.87 26.79
N PHE B 329 13.63 9.10 25.72
CA PHE B 329 14.87 8.41 25.40
C PHE B 329 15.99 9.42 25.15
N GLU B 330 17.23 8.95 25.31
CA GLU B 330 18.40 9.70 24.89
C GLU B 330 18.81 9.23 23.51
N LEU B 331 19.00 10.16 22.59
CA LEU B 331 19.38 9.81 21.23
C LEU B 331 20.63 8.94 21.21
N GLN B 332 20.56 7.87 20.42
CA GLN B 332 21.62 6.89 20.22
C GLN B 332 21.90 6.04 21.45
N VAL B 333 20.93 5.87 22.34
CA VAL B 333 21.04 4.96 23.46
C VAL B 333 19.93 3.93 23.36
N TYR B 334 20.31 2.66 23.32
CA TYR B 334 19.37 1.53 23.27
C TYR B 334 19.58 0.77 24.56
N ARG B 335 18.76 1.04 25.57
CA ARG B 335 19.00 0.48 26.89
C ARG B 335 18.71 -1.01 26.91
N ALA B 336 19.41 -1.71 27.80
CA ALA B 336 19.16 -3.14 27.92
C ALA B 336 17.89 -3.43 28.71
N SER B 337 17.50 -2.53 29.60
CA SER B 337 16.32 -2.76 30.42
C SER B 337 15.64 -1.43 30.70
N MET B 338 14.45 -1.50 31.28
CA MET B 338 13.79 -0.31 31.80
C MET B 338 14.13 -0.15 33.27
N ASN B 339 14.49 1.07 33.66
CA ASN B 339 14.92 1.34 35.02
C ASN B 339 13.89 2.25 35.65
N LEU B 340 12.81 1.66 36.17
CA LEU B 340 11.82 2.41 36.92
C LEU B 340 12.24 2.46 38.38
N SER B 341 12.06 3.60 39.00
CA SER B 341 12.51 3.73 40.37
C SER B 341 11.56 2.97 41.29
N GLN B 342 12.01 2.78 42.52
CA GLN B 342 11.14 2.24 43.56
C GLN B 342 10.13 3.26 44.04
N ALA B 343 10.26 4.51 43.61
CA ALA B 343 9.32 5.56 43.97
C ALA B 343 8.05 5.55 43.14
N PHE B 344 7.94 4.62 42.19
CA PHE B 344 6.68 4.42 41.49
C PHE B 344 5.65 3.70 42.35
N SER B 345 6.06 3.16 43.49
CA SER B 345 5.16 2.48 44.40
C SER B 345 4.42 3.43 45.33
N SER B 346 4.75 4.71 45.30
CA SER B 346 4.08 5.73 46.11
C SER B 346 2.94 6.39 45.37
N LEU B 347 2.62 5.93 44.17
CA LEU B 347 1.53 6.51 43.37
C LEU B 347 0.20 5.83 43.64
N LYS B 348 -0.16 5.75 44.92
CA LYS B 348 -1.25 4.93 45.44
C LYS B 348 -2.52 4.95 44.59
N SER B 349 -2.88 6.09 44.03
CA SER B 349 -4.13 6.22 43.29
C SER B 349 -3.93 6.13 41.79
N LEU B 350 -2.73 5.78 41.32
CA LEU B 350 -2.46 5.81 39.89
C LEU B 350 -3.33 4.81 39.15
N LYS B 351 -3.86 5.23 38.01
CA LYS B 351 -4.63 4.36 37.13
C LYS B 351 -3.93 4.10 35.81
N ILE B 352 -3.53 5.16 35.11
CA ILE B 352 -2.90 5.05 33.80
C ILE B 352 -1.42 5.36 33.95
N LEU B 353 -0.59 4.66 33.18
CA LEU B 353 0.86 4.86 33.22
C LEU B 353 1.38 4.55 31.82
N ARG B 354 1.58 5.59 31.02
CA ARG B 354 2.14 5.43 29.68
C ARG B 354 3.62 5.74 29.73
N ILE B 355 4.44 4.75 29.37
CA ILE B 355 5.88 4.95 29.25
C ILE B 355 6.36 4.53 27.88
N ARG B 356 5.57 4.78 26.84
CA ARG B 356 6.06 4.53 25.50
C ARG B 356 7.34 5.32 25.24
N GLY B 357 8.04 4.94 24.19
CA GLY B 357 9.22 5.67 23.79
C GLY B 357 10.35 5.68 24.79
N TYR B 358 10.42 4.71 25.68
CA TYR B 358 11.55 4.63 26.59
C TYR B 358 12.69 3.83 26.01
N VAL B 359 12.88 3.88 24.69
CA VAL B 359 13.38 2.77 23.88
C VAL B 359 14.41 1.94 24.63
N PHE B 360 14.13 0.64 24.76
CA PHE B 360 14.96 -0.29 25.51
C PHE B 360 14.75 -1.70 24.97
N LYS B 361 15.56 -2.63 25.45
CA LYS B 361 15.74 -3.90 24.76
C LYS B 361 14.89 -5.03 25.29
N GLU B 362 15.00 -5.36 26.57
CA GLU B 362 14.34 -6.54 27.10
C GLU B 362 13.49 -6.18 28.31
N LEU B 363 12.22 -6.60 28.27
CA LEU B 363 11.27 -6.41 29.36
C LEU B 363 11.29 -7.66 30.20
N LYS B 364 11.98 -7.62 31.33
CA LYS B 364 12.09 -8.76 32.22
C LYS B 364 11.01 -8.70 33.30
N SER B 365 11.06 -9.68 34.20
CA SER B 365 10.01 -9.83 35.19
C SER B 365 10.05 -8.70 36.21
N PHE B 366 11.15 -8.57 36.92
CA PHE B 366 11.23 -7.68 38.07
C PHE B 366 11.48 -6.24 37.71
N GLN B 367 11.42 -5.87 36.44
CA GLN B 367 11.53 -4.47 36.11
C GLN B 367 10.25 -3.70 36.39
N LEU B 368 9.11 -4.37 36.38
CA LEU B 368 7.83 -3.76 36.70
C LEU B 368 7.39 -4.06 38.13
N SER B 369 8.33 -4.41 39.00
CA SER B 369 8.05 -4.79 40.37
C SER B 369 7.55 -3.64 41.24
N PRO B 370 7.94 -2.38 40.99
CA PRO B 370 7.26 -1.29 41.70
C PRO B 370 5.76 -1.23 41.46
N LEU B 371 5.31 -1.60 40.26
CA LEU B 371 3.90 -1.55 39.92
C LEU B 371 3.13 -2.79 40.36
N HIS B 372 3.77 -3.72 41.07
CA HIS B 372 3.11 -4.95 41.48
C HIS B 372 2.11 -4.73 42.59
N ASN B 373 1.93 -3.50 43.06
CA ASN B 373 0.98 -3.26 44.14
C ASN B 373 0.17 -1.99 43.96
N LEU B 374 0.20 -1.35 42.80
CA LEU B 374 -0.70 -0.24 42.56
C LEU B 374 -2.08 -0.82 42.29
N GLN B 375 -2.93 -0.84 43.32
CA GLN B 375 -4.18 -1.57 43.24
C GLN B 375 -5.16 -0.96 42.26
N ASN B 376 -5.07 0.34 42.01
CA ASN B 376 -5.99 0.99 41.08
C ASN B 376 -5.45 1.03 39.67
N LEU B 377 -4.23 0.54 39.44
CA LEU B 377 -3.63 0.61 38.12
C LEU B 377 -4.43 -0.22 37.12
N GLU B 378 -4.79 0.42 36.01
CA GLU B 378 -5.55 -0.25 34.97
C GLU B 378 -4.80 -0.33 33.65
N VAL B 379 -4.38 0.77 33.10
CA VAL B 379 -3.66 0.78 31.83
C VAL B 379 -2.17 0.77 32.12
N LEU B 380 -1.42 0.01 31.32
CA LEU B 380 0.03 -0.09 31.43
C LEU B 380 0.58 -0.09 30.02
N ASP B 381 0.89 1.09 29.51
CA ASP B 381 1.26 1.27 28.12
C ASP B 381 2.77 1.14 27.95
N LEU B 382 3.18 0.27 27.03
CA LEU B 382 4.59 0.02 26.76
C LEU B 382 4.85 -0.15 25.28
N GLY B 383 4.12 0.56 24.44
CA GLY B 383 4.35 0.51 23.03
C GLY B 383 5.64 1.20 22.65
N THR B 384 5.97 1.09 21.36
CA THR B 384 7.05 1.83 20.72
C THR B 384 8.30 1.92 21.59
N ASN B 385 8.69 0.78 22.15
CA ASN B 385 9.92 0.70 22.92
C ASN B 385 11.00 -0.12 22.25
N PHE B 386 10.70 -0.76 21.13
CA PHE B 386 11.62 -1.67 20.46
C PHE B 386 12.12 -2.76 21.40
N ILE B 387 11.22 -3.26 22.24
CA ILE B 387 11.55 -4.39 23.11
C ILE B 387 11.71 -5.62 22.25
N LYS B 388 12.61 -6.51 22.65
CA LYS B 388 12.88 -7.73 21.89
C LYS B 388 12.53 -8.99 22.65
N ILE B 389 12.91 -9.08 23.92
CA ILE B 389 12.65 -10.25 24.74
C ILE B 389 11.67 -9.87 25.83
N ALA B 390 10.58 -10.62 25.94
CA ALA B 390 9.56 -10.36 26.95
C ALA B 390 8.78 -11.64 27.17
N ASN B 391 8.96 -12.26 28.33
CA ASN B 391 8.17 -13.43 28.70
C ASN B 391 6.78 -12.95 29.08
N LEU B 392 5.78 -13.27 28.27
CA LEU B 392 4.42 -12.81 28.56
C LEU B 392 3.83 -13.48 29.80
N SER B 393 4.48 -14.51 30.34
CA SER B 393 4.00 -15.14 31.56
C SER B 393 4.24 -14.30 32.79
N MET B 394 5.01 -13.22 32.68
CA MET B 394 5.23 -12.34 33.82
C MET B 394 4.04 -11.43 34.09
N PHE B 395 3.03 -11.44 33.21
CA PHE B 395 1.81 -10.68 33.40
C PHE B 395 0.71 -11.49 34.08
N LYS B 396 1.05 -12.66 34.61
CA LYS B 396 0.14 -13.32 35.54
C LYS B 396 0.05 -12.57 36.85
N GLN B 397 0.84 -11.51 37.01
CA GLN B 397 0.79 -10.64 38.17
C GLN B 397 -0.02 -9.38 37.93
N PHE B 398 -0.14 -8.94 36.68
CA PHE B 398 -1.00 -7.82 36.35
C PHE B 398 -2.34 -8.32 35.83
N LYS B 399 -3.00 -9.14 36.64
CA LYS B 399 -4.32 -9.64 36.29
C LYS B 399 -5.39 -8.58 36.51
N ARG B 400 -5.31 -7.88 37.64
CA ARG B 400 -6.31 -6.86 37.97
C ARG B 400 -6.31 -5.72 36.97
N LEU B 401 -5.35 -5.68 36.05
CA LEU B 401 -5.29 -4.60 35.09
C LEU B 401 -6.43 -4.70 34.10
N LYS B 402 -6.42 -3.80 33.13
CA LYS B 402 -7.46 -3.74 32.13
C LYS B 402 -6.92 -3.66 30.73
N VAL B 403 -5.74 -3.06 30.56
CA VAL B 403 -5.02 -3.06 29.30
C VAL B 403 -3.56 -3.32 29.62
N ILE B 404 -2.94 -4.21 28.87
CA ILE B 404 -1.50 -4.40 28.90
C ILE B 404 -1.04 -4.16 27.47
N ASP B 405 -0.72 -2.92 27.15
CA ASP B 405 -0.42 -2.54 25.77
C ASP B 405 1.05 -2.82 25.48
N LEU B 406 1.30 -3.76 24.58
CA LEU B 406 2.64 -4.12 24.14
C LEU B 406 2.71 -4.10 22.63
N SER B 407 2.09 -3.12 22.01
CA SER B 407 2.13 -2.97 20.56
C SER B 407 3.53 -2.53 20.18
N VAL B 408 3.64 -1.73 19.13
CA VAL B 408 4.65 -1.74 18.09
C VAL B 408 6.05 -2.23 18.46
N ASN B 409 6.26 -2.76 19.66
CA ASN B 409 7.53 -3.39 20.04
C ASN B 409 7.91 -4.53 19.09
N LYS B 410 9.04 -5.18 19.38
CA LYS B 410 9.63 -6.22 18.54
C LYS B 410 9.73 -7.54 19.28
N ILE B 411 8.68 -7.95 19.98
CA ILE B 411 8.71 -9.19 20.76
C ILE B 411 8.40 -10.36 19.87
N SER B 412 9.03 -11.50 20.13
CA SER B 412 8.95 -12.68 19.27
C SER B 412 8.71 -13.93 20.12
N PRO B 413 8.54 -15.11 19.50
CA PRO B 413 8.45 -16.30 20.33
C PRO B 413 9.74 -16.57 21.10
N TYR B 446 2.06 18.23 18.35
CA TYR B 446 2.11 19.65 18.68
C TYR B 446 0.88 20.08 19.48
N ASP B 447 -0.24 20.28 18.78
CA ASP B 447 -1.46 20.80 19.40
C ASP B 447 -2.57 19.78 19.20
N LYS B 448 -2.78 18.92 20.20
CA LYS B 448 -3.82 17.91 20.15
C LYS B 448 -5.20 18.47 20.51
N TYR B 449 -5.26 19.68 21.06
CA TYR B 449 -6.50 20.41 21.28
C TYR B 449 -6.74 21.45 20.18
N ALA B 450 -6.17 21.25 18.99
CA ALA B 450 -6.35 22.16 17.88
C ALA B 450 -7.73 21.94 17.29
N ARG B 451 -8.73 22.63 17.83
CA ARG B 451 -10.10 22.52 17.32
C ARG B 451 -10.16 23.24 15.99
N SER B 452 -9.74 22.56 14.93
CA SER B 452 -9.89 23.12 13.59
C SER B 452 -11.37 23.26 13.26
N CYS B 453 -11.67 24.26 12.44
CA CYS B 453 -13.05 24.64 12.16
C CYS B 453 -13.79 23.55 11.37
N SER B 468 -13.64 -1.97 19.81
CA SER B 468 -12.40 -2.39 20.45
C SER B 468 -12.62 -3.47 21.49
N CYS B 469 -11.51 -3.88 22.09
CA CYS B 469 -11.42 -5.02 22.98
C CYS B 469 -11.67 -4.68 24.44
N TYR B 470 -11.57 -3.41 24.84
CA TYR B 470 -11.46 -3.10 26.26
C TYR B 470 -12.77 -3.37 26.99
N LYS B 471 -13.90 -3.34 26.29
CA LYS B 471 -15.18 -3.63 26.93
C LYS B 471 -15.29 -5.07 27.38
N TYR B 472 -14.36 -5.93 26.97
CA TYR B 472 -14.47 -7.35 27.23
C TYR B 472 -13.70 -7.79 28.47
N GLY B 473 -12.77 -6.98 28.95
CA GLY B 473 -12.03 -7.30 30.15
C GLY B 473 -10.54 -7.11 29.98
N GLN B 474 -9.75 -7.97 30.60
CA GLN B 474 -8.31 -7.87 30.46
C GLN B 474 -7.91 -7.98 29.00
N THR B 475 -6.98 -7.14 28.59
CA THR B 475 -6.52 -7.07 27.22
C THR B 475 -5.01 -7.18 27.21
N LEU B 476 -4.49 -8.01 26.30
CA LEU B 476 -3.08 -8.05 25.98
C LEU B 476 -2.95 -7.62 24.54
N ASP B 477 -2.33 -6.48 24.31
CA ASP B 477 -2.17 -5.95 22.97
C ASP B 477 -0.78 -6.33 22.49
N LEU B 478 -0.69 -7.34 21.65
CA LEU B 478 0.56 -7.76 21.02
C LEU B 478 0.53 -7.47 19.54
N SER B 479 -0.15 -6.39 19.18
CA SER B 479 -0.23 -6.01 17.78
C SER B 479 1.12 -5.53 17.29
N LYS B 480 1.40 -5.80 16.01
CA LYS B 480 2.56 -5.26 15.31
C LYS B 480 3.88 -5.61 15.99
N ASN B 481 3.94 -6.74 16.65
CA ASN B 481 5.20 -7.24 17.17
C ASN B 481 5.85 -8.16 16.14
N SER B 482 6.82 -8.96 16.55
CA SER B 482 7.52 -9.84 15.63
C SER B 482 7.32 -11.30 16.02
N ILE B 483 6.07 -11.68 16.27
CA ILE B 483 5.70 -13.06 16.56
C ILE B 483 5.39 -13.73 15.22
N PHE B 484 6.20 -14.70 14.82
CA PHE B 484 6.01 -15.34 13.53
C PHE B 484 5.43 -16.73 13.64
N PHE B 485 5.22 -17.24 14.85
CA PHE B 485 4.43 -18.44 15.05
C PHE B 485 3.93 -18.47 16.48
N ILE B 486 2.89 -19.25 16.70
CA ILE B 486 2.20 -19.31 18.00
C ILE B 486 2.46 -20.66 18.62
N LYS B 487 3.13 -20.66 19.76
CA LYS B 487 3.22 -21.82 20.63
C LYS B 487 2.24 -21.69 21.78
N SER B 488 1.69 -22.82 22.22
CA SER B 488 0.78 -22.78 23.35
C SER B 488 1.50 -22.41 24.64
N SER B 489 2.79 -22.74 24.74
CA SER B 489 3.51 -22.50 25.98
C SER B 489 3.85 -21.03 26.18
N ASP B 490 3.72 -20.21 25.14
CA ASP B 490 3.94 -18.78 25.31
C ASP B 490 2.81 -18.13 26.10
N PHE B 491 1.57 -18.49 25.78
CA PHE B 491 0.38 -17.92 26.41
C PHE B 491 -0.01 -18.65 27.67
N GLN B 492 0.81 -19.56 28.16
CA GLN B 492 0.55 -20.16 29.45
C GLN B 492 0.55 -19.06 30.52
N HIS B 493 -0.20 -19.30 31.59
CA HIS B 493 -0.38 -18.36 32.69
C HIS B 493 -1.17 -17.12 32.28
N LEU B 494 -1.74 -17.10 31.10
CA LEU B 494 -2.57 -16.00 30.65
C LEU B 494 -4.02 -16.43 30.48
N SER B 495 -4.51 -17.25 31.40
CA SER B 495 -5.89 -17.72 31.31
C SER B 495 -6.88 -16.58 31.50
N PHE B 496 -6.58 -15.66 32.41
CA PHE B 496 -7.44 -14.52 32.71
C PHE B 496 -7.72 -13.62 31.52
N LEU B 497 -7.05 -13.81 30.39
CA LEU B 497 -7.16 -12.86 29.30
C LEU B 497 -8.52 -12.95 28.65
N LYS B 498 -9.23 -11.83 28.61
CA LYS B 498 -10.50 -11.76 27.92
C LYS B 498 -10.40 -11.16 26.54
N CYS B 499 -9.24 -10.63 26.17
CA CYS B 499 -9.01 -10.24 24.79
C CYS B 499 -7.53 -10.39 24.48
N LEU B 500 -7.24 -10.59 23.20
CA LEU B 500 -5.87 -10.74 22.72
C LEU B 500 -5.82 -10.14 21.34
N ASN B 501 -4.97 -9.14 21.16
CA ASN B 501 -4.75 -8.54 19.86
C ASN B 501 -3.45 -9.08 19.33
N LEU B 502 -3.50 -9.78 18.20
CA LEU B 502 -2.32 -10.27 17.50
C LEU B 502 -2.30 -9.77 16.08
N SER B 503 -2.95 -8.64 15.82
CA SER B 503 -3.03 -8.10 14.49
C SER B 503 -1.70 -7.50 14.07
N GLY B 504 -1.27 -7.79 12.86
CA GLY B 504 -0.07 -7.21 12.29
C GLY B 504 1.20 -7.97 12.56
N ASN B 505 1.15 -9.11 13.22
CA ASN B 505 2.36 -9.88 13.49
C ASN B 505 2.81 -10.69 12.28
N LEU B 506 1.99 -10.78 11.24
CA LEU B 506 2.25 -11.57 10.04
C LEU B 506 2.66 -13.00 10.37
N ILE B 507 1.77 -13.69 11.07
CA ILE B 507 1.97 -15.07 11.47
C ILE B 507 1.49 -15.96 10.34
N SER B 508 2.37 -16.81 9.84
CA SER B 508 2.03 -17.82 8.85
C SER B 508 1.87 -19.13 9.58
N GLN B 509 0.64 -19.62 9.69
CA GLN B 509 0.42 -20.80 10.48
C GLN B 509 -0.83 -21.52 10.02
N THR B 510 -0.76 -22.85 10.05
CA THR B 510 -1.91 -23.72 9.89
C THR B 510 -2.32 -24.11 11.31
N LEU B 511 -3.39 -23.50 11.79
CA LEU B 511 -3.85 -23.77 13.15
C LEU B 511 -4.66 -25.06 13.15
N ASN B 512 -4.27 -25.99 14.02
CA ASN B 512 -4.95 -27.27 14.14
C ASN B 512 -5.64 -27.42 15.49
N GLY B 513 -5.83 -26.33 16.22
CA GLY B 513 -6.63 -26.34 17.42
C GLY B 513 -5.88 -26.61 18.70
N SER B 514 -4.61 -26.24 18.76
CA SER B 514 -3.80 -26.45 19.95
C SER B 514 -2.98 -25.25 20.37
N GLU B 515 -2.92 -24.19 19.58
CA GLU B 515 -2.03 -23.07 19.84
C GLU B 515 -2.54 -22.24 21.01
N PHE B 516 -3.81 -21.84 20.98
CA PHE B 516 -4.38 -21.04 22.04
C PHE B 516 -5.02 -21.91 23.12
N GLN B 517 -4.31 -22.89 23.61
CA GLN B 517 -4.93 -23.77 24.58
C GLN B 517 -5.05 -23.12 25.96
N PRO B 518 -4.05 -22.41 26.47
CA PRO B 518 -4.20 -21.84 27.81
C PRO B 518 -5.15 -20.67 27.87
N LEU B 519 -5.48 -20.05 26.75
CA LEU B 519 -6.42 -18.94 26.74
C LEU B 519 -7.84 -19.46 26.93
N ALA B 520 -8.16 -19.92 28.14
CA ALA B 520 -9.40 -20.61 28.39
C ALA B 520 -10.61 -19.68 28.40
N GLU B 521 -10.43 -18.43 28.85
CA GLU B 521 -11.53 -17.49 29.01
C GLU B 521 -11.64 -16.51 27.88
N LEU B 522 -10.85 -16.67 26.82
CA LEU B 522 -10.73 -15.63 25.80
C LEU B 522 -12.06 -15.39 25.13
N ARG B 523 -12.49 -14.13 25.13
CA ARG B 523 -13.74 -13.73 24.52
C ARG B 523 -13.56 -12.91 23.25
N TYR B 524 -12.37 -12.38 23.01
CA TYR B 524 -12.08 -11.64 21.80
C TYR B 524 -10.69 -12.03 21.33
N LEU B 525 -10.55 -12.20 20.03
CA LEU B 525 -9.25 -12.51 19.44
C LEU B 525 -9.14 -11.76 18.13
N ASP B 526 -8.19 -10.84 18.06
CA ASP B 526 -7.90 -10.11 16.83
C ASP B 526 -6.72 -10.80 16.16
N PHE B 527 -6.96 -11.31 14.97
CA PHE B 527 -5.95 -12.03 14.19
C PHE B 527 -5.88 -11.45 12.80
N SER B 528 -6.18 -10.17 12.66
CA SER B 528 -6.12 -9.51 11.37
C SER B 528 -4.68 -9.29 10.94
N ASN B 529 -4.50 -9.03 9.66
CA ASN B 529 -3.20 -8.71 9.08
C ASN B 529 -2.15 -9.73 9.47
N ASN B 530 -2.44 -10.98 9.15
CA ASN B 530 -1.56 -12.11 9.42
C ASN B 530 -1.58 -12.98 8.16
N ARG B 531 -1.12 -14.21 8.27
CA ARG B 531 -1.19 -15.17 7.18
C ARG B 531 -1.76 -16.49 7.70
N LEU B 532 -3.08 -16.62 7.66
CA LEU B 532 -3.76 -17.75 8.24
C LEU B 532 -4.07 -18.80 7.19
N ASP B 533 -3.72 -20.05 7.48
CA ASP B 533 -3.98 -21.18 6.60
C ASP B 533 -5.15 -21.98 7.17
N LEU B 534 -6.33 -21.79 6.59
CA LEU B 534 -7.54 -22.46 7.07
C LEU B 534 -7.65 -23.84 6.44
N LEU B 535 -6.69 -24.70 6.81
CA LEU B 535 -6.67 -26.06 6.30
C LEU B 535 -7.45 -27.04 7.19
N HIS B 536 -7.61 -26.71 8.46
CA HIS B 536 -8.33 -27.57 9.38
C HIS B 536 -9.58 -26.87 9.85
N SER B 537 -10.63 -27.66 10.05
CA SER B 537 -11.86 -27.14 10.65
C SER B 537 -11.77 -27.09 12.16
N THR B 538 -10.71 -27.63 12.75
CA THR B 538 -10.52 -27.59 14.19
C THR B 538 -9.71 -26.37 14.62
N ALA B 539 -9.52 -25.41 13.73
CA ALA B 539 -8.87 -24.17 14.12
C ALA B 539 -9.75 -23.40 15.09
N PHE B 540 -9.13 -22.82 16.11
CA PHE B 540 -9.83 -22.01 17.12
C PHE B 540 -10.84 -22.85 17.90
N GLU B 541 -10.61 -24.14 17.95
CA GLU B 541 -11.57 -25.04 18.58
C GLU B 541 -11.46 -25.04 20.10
N GLU B 542 -10.27 -24.83 20.64
CA GLU B 542 -10.06 -24.81 22.07
C GLU B 542 -10.38 -23.47 22.70
N LEU B 543 -10.73 -22.48 21.88
CA LEU B 543 -11.19 -21.18 22.37
C LEU B 543 -12.69 -21.30 22.60
N ARG B 544 -13.03 -21.88 23.75
CA ARG B 544 -14.41 -22.32 23.98
C ARG B 544 -15.33 -21.14 24.23
N LYS B 545 -14.89 -20.16 25.00
CA LYS B 545 -15.73 -19.03 25.36
C LYS B 545 -15.66 -17.89 24.35
N LEU B 546 -14.98 -18.11 23.22
CA LEU B 546 -14.76 -17.03 22.27
C LEU B 546 -16.07 -16.49 21.74
N GLU B 547 -16.19 -15.17 21.71
CA GLU B 547 -17.37 -14.49 21.21
C GLU B 547 -17.12 -13.63 19.99
N VAL B 548 -15.92 -13.09 19.83
CA VAL B 548 -15.57 -12.34 18.63
C VAL B 548 -14.30 -12.93 18.06
N LEU B 549 -14.22 -13.01 16.74
CA LEU B 549 -13.05 -13.53 16.06
C LEU B 549 -12.80 -12.66 14.85
N ASP B 550 -11.61 -12.07 14.76
CA ASP B 550 -11.23 -11.20 13.66
C ASP B 550 -10.10 -11.87 12.90
N ILE B 551 -10.39 -12.37 11.71
CA ILE B 551 -9.36 -12.92 10.84
C ILE B 551 -9.38 -12.17 9.52
N SER B 552 -9.69 -10.89 9.57
CA SER B 552 -9.66 -10.06 8.38
C SER B 552 -8.23 -9.83 7.91
N SER B 553 -8.11 -9.44 6.64
CA SER B 553 -6.82 -9.19 6.00
C SER B 553 -5.82 -10.31 6.27
N ASN B 554 -6.28 -11.55 6.10
CA ASN B 554 -5.41 -12.73 6.11
C ASN B 554 -5.33 -13.32 4.71
N SER B 555 -5.20 -12.45 3.71
CA SER B 555 -5.44 -12.75 2.31
C SER B 555 -4.41 -13.67 1.67
N HIS B 556 -3.32 -13.99 2.33
CA HIS B 556 -2.23 -14.67 1.63
C HIS B 556 -2.65 -16.05 1.15
N TYR B 557 -3.02 -16.92 2.08
CA TYR B 557 -3.33 -18.29 1.70
C TYR B 557 -4.74 -18.44 1.13
N PHE B 558 -5.66 -17.56 1.49
CA PHE B 558 -6.97 -17.60 0.86
C PHE B 558 -6.89 -17.21 -0.61
N GLN B 559 -5.88 -16.43 -0.99
CA GLN B 559 -5.67 -16.12 -2.40
C GLN B 559 -5.25 -17.35 -3.19
N SER B 560 -4.50 -18.25 -2.58
CA SER B 560 -3.99 -19.41 -3.29
C SER B 560 -5.14 -20.27 -3.80
N GLU B 561 -4.94 -20.90 -4.94
CA GLU B 561 -5.97 -21.70 -5.59
C GLU B 561 -5.53 -23.15 -5.60
N GLY B 562 -6.37 -24.02 -5.05
CA GLY B 562 -6.13 -25.45 -5.03
C GLY B 562 -5.95 -26.03 -3.66
N ILE B 563 -5.59 -25.22 -2.68
CA ILE B 563 -5.47 -25.71 -1.31
C ILE B 563 -6.82 -25.60 -0.62
N THR B 564 -7.00 -26.40 0.41
CA THR B 564 -8.27 -26.45 1.11
C THR B 564 -8.49 -25.21 1.94
N HIS B 565 -9.75 -24.80 2.07
CA HIS B 565 -10.14 -23.67 2.91
C HIS B 565 -11.38 -24.09 3.68
N MET B 566 -11.20 -24.68 4.85
CA MET B 566 -12.32 -25.21 5.63
C MET B 566 -13.08 -24.05 6.25
N LEU B 567 -14.03 -23.52 5.50
CA LEU B 567 -14.85 -22.42 5.98
C LEU B 567 -15.92 -22.86 6.97
N ASN B 568 -16.04 -24.14 7.28
CA ASN B 568 -16.95 -24.59 8.32
C ASN B 568 -16.25 -24.76 9.66
N PHE B 569 -15.16 -24.03 9.87
CA PHE B 569 -14.41 -24.10 11.11
C PHE B 569 -15.18 -23.51 12.29
N THR B 570 -16.33 -22.90 12.04
CA THR B 570 -17.11 -22.21 13.06
C THR B 570 -18.08 -23.11 13.79
N LYS B 571 -18.26 -24.36 13.35
CA LYS B 571 -19.23 -25.23 13.99
C LYS B 571 -18.85 -25.51 15.43
N ASN B 572 -17.56 -25.68 15.70
CA ASN B 572 -17.11 -26.04 17.03
C ASN B 572 -17.10 -24.86 17.99
N LEU B 573 -17.43 -23.67 17.53
CA LEU B 573 -17.37 -22.46 18.33
C LEU B 573 -18.78 -22.16 18.83
N LYS B 574 -19.03 -22.52 20.09
CA LYS B 574 -20.40 -22.63 20.59
C LYS B 574 -21.00 -21.29 20.97
N VAL B 575 -20.20 -20.34 21.42
CA VAL B 575 -20.71 -19.05 21.87
C VAL B 575 -20.29 -17.92 20.98
N LEU B 576 -19.63 -18.20 19.85
CA LEU B 576 -19.21 -17.16 18.93
C LEU B 576 -20.39 -16.32 18.47
N GLN B 577 -20.27 -15.02 18.62
CA GLN B 577 -21.34 -14.09 18.28
C GLN B 577 -21.04 -13.26 17.06
N LYS B 578 -19.78 -12.96 16.80
CA LYS B 578 -19.37 -12.08 15.71
C LYS B 578 -18.13 -12.65 15.04
N LEU B 579 -18.14 -12.69 13.71
CA LEU B 579 -17.00 -13.17 12.95
C LEU B 579 -16.71 -12.14 11.87
N MET B 580 -15.54 -11.51 11.95
CA MET B 580 -15.07 -10.61 10.92
C MET B 580 -14.02 -11.33 10.11
N MET B 581 -14.26 -11.50 8.81
CA MET B 581 -13.28 -12.10 7.93
C MET B 581 -13.23 -11.31 6.62
N ASN B 582 -13.24 -9.99 6.72
CA ASN B 582 -13.25 -9.16 5.52
C ASN B 582 -11.84 -8.99 4.96
N ASP B 583 -11.79 -8.68 3.67
CA ASP B 583 -10.53 -8.46 2.95
C ASP B 583 -9.63 -9.69 3.00
N ASN B 584 -10.21 -10.86 2.78
CA ASN B 584 -9.45 -12.10 2.74
C ASN B 584 -9.32 -12.69 1.34
N ASP B 585 -9.98 -12.11 0.34
CA ASP B 585 -9.93 -12.59 -1.04
C ASP B 585 -10.38 -14.03 -1.15
N ILE B 586 -11.26 -14.46 -0.25
CA ILE B 586 -11.77 -15.82 -0.25
C ILE B 586 -12.53 -16.04 -1.55
N SER B 587 -12.00 -16.90 -2.41
CA SER B 587 -12.64 -17.21 -3.69
C SER B 587 -13.01 -18.67 -3.82
N SER B 588 -12.52 -19.54 -2.94
CA SER B 588 -12.77 -20.96 -2.99
C SER B 588 -12.94 -21.49 -1.57
N SER B 589 -13.65 -22.60 -1.44
CA SER B 589 -13.86 -23.19 -0.13
C SER B 589 -14.05 -24.69 -0.27
N THR B 590 -13.24 -25.46 0.45
CA THR B 590 -13.44 -26.91 0.47
C THR B 590 -14.76 -27.24 1.13
N SER B 591 -15.14 -26.49 2.15
CA SER B 591 -16.40 -26.72 2.85
C SER B 591 -17.55 -26.06 2.12
N ARG B 592 -18.62 -26.83 1.91
CA ARG B 592 -19.77 -26.36 1.16
C ARG B 592 -20.67 -25.42 1.96
N THR B 593 -20.54 -25.42 3.28
CA THR B 593 -21.39 -24.61 4.15
C THR B 593 -20.56 -24.02 5.27
N MET B 594 -21.10 -23.01 5.92
CA MET B 594 -20.62 -22.54 7.20
C MET B 594 -21.67 -22.88 8.26
N GLU B 595 -21.22 -23.18 9.47
CA GLU B 595 -22.16 -23.66 10.47
C GLU B 595 -21.82 -23.08 11.84
N SER B 596 -22.83 -22.54 12.51
CA SER B 596 -22.72 -22.08 13.89
C SER B 596 -24.12 -21.83 14.41
N GLU B 597 -24.42 -22.34 15.60
CA GLU B 597 -25.72 -22.16 16.22
C GLU B 597 -25.76 -20.92 17.09
N SER B 598 -24.74 -20.06 17.02
CA SER B 598 -24.71 -18.86 17.84
C SER B 598 -24.25 -17.61 17.10
N LEU B 599 -23.66 -17.72 15.91
CA LEU B 599 -23.16 -16.55 15.21
C LEU B 599 -24.31 -15.60 14.88
N ARG B 600 -24.12 -14.33 15.20
CA ARG B 600 -25.12 -13.31 14.95
C ARG B 600 -24.67 -12.22 14.01
N THR B 601 -23.37 -11.98 13.91
CA THR B 601 -22.80 -11.05 12.94
C THR B 601 -21.80 -11.80 12.08
N LEU B 602 -21.75 -11.46 10.80
CA LEU B 602 -20.74 -12.00 9.91
C LEU B 602 -20.36 -10.92 8.92
N GLU B 603 -19.09 -10.54 8.92
CA GLU B 603 -18.59 -9.54 7.99
C GLU B 603 -17.72 -10.24 6.97
N PHE B 604 -18.13 -10.18 5.71
CA PHE B 604 -17.54 -10.94 4.63
C PHE B 604 -17.19 -10.02 3.47
N ARG B 605 -16.69 -8.84 3.77
CA ARG B 605 -16.54 -7.82 2.74
C ARG B 605 -15.12 -7.83 2.19
N GLY B 606 -14.99 -7.46 0.93
CA GLY B 606 -13.68 -7.51 0.30
C GLY B 606 -13.19 -8.91 0.04
N ASN B 607 -14.07 -9.83 -0.25
CA ASN B 607 -13.74 -11.18 -0.67
C ASN B 607 -14.23 -11.36 -2.10
N HIS B 608 -14.19 -12.59 -2.60
CA HIS B 608 -14.64 -12.88 -3.96
C HIS B 608 -15.79 -13.87 -3.88
N LEU B 609 -17.01 -13.36 -3.76
CA LEU B 609 -18.17 -14.23 -3.81
C LEU B 609 -18.69 -14.40 -5.22
N ASP B 610 -18.20 -13.64 -6.19
CA ASP B 610 -18.65 -13.83 -7.56
C ASP B 610 -18.17 -15.16 -8.13
N VAL B 611 -17.02 -15.64 -7.65
CA VAL B 611 -16.53 -16.93 -8.11
C VAL B 611 -17.12 -18.06 -7.29
N LEU B 612 -17.38 -17.83 -6.01
CA LEU B 612 -18.08 -18.83 -5.21
C LEU B 612 -19.51 -19.00 -5.72
N TRP B 613 -20.13 -17.92 -6.15
CA TRP B 613 -21.49 -17.93 -6.70
C TRP B 613 -21.46 -17.80 -8.22
N ARG B 614 -20.47 -18.42 -8.86
CA ARG B 614 -20.32 -18.34 -10.30
C ARG B 614 -21.53 -18.93 -11.00
N ASP B 615 -21.61 -18.68 -12.31
CA ASP B 615 -22.69 -19.23 -13.11
C ASP B 615 -22.63 -20.76 -13.13
N GLY B 616 -23.79 -21.39 -12.97
CA GLY B 616 -23.88 -22.84 -13.01
C GLY B 616 -23.29 -23.55 -11.81
N ASP B 617 -22.65 -22.81 -10.92
CA ASP B 617 -22.00 -23.37 -9.74
C ASP B 617 -22.98 -23.25 -8.58
N ASN B 618 -23.73 -24.32 -8.33
CA ASN B 618 -24.71 -24.38 -7.26
C ASN B 618 -24.12 -24.94 -5.97
N ARG B 619 -22.80 -25.05 -5.88
CA ARG B 619 -22.19 -25.66 -4.71
C ARG B 619 -22.31 -24.74 -3.50
N TYR B 620 -21.87 -23.50 -3.63
CA TYR B 620 -21.80 -22.58 -2.51
C TYR B 620 -23.00 -21.66 -2.43
N LEU B 621 -24.14 -22.08 -2.98
CA LEU B 621 -25.34 -21.25 -2.88
C LEU B 621 -25.84 -21.18 -1.45
N GLN B 622 -25.86 -22.31 -0.75
CA GLN B 622 -26.23 -22.33 0.67
C GLN B 622 -25.00 -22.28 1.56
N LEU B 623 -24.12 -21.32 1.32
CA LEU B 623 -22.89 -21.21 2.09
C LEU B 623 -23.17 -20.68 3.50
N PHE B 624 -24.22 -19.87 3.65
CA PHE B 624 -24.56 -19.27 4.93
C PHE B 624 -25.79 -19.88 5.58
N LYS B 625 -26.58 -20.66 4.83
CA LYS B 625 -27.90 -21.09 5.26
C LYS B 625 -27.92 -21.71 6.65
N ASN B 626 -26.83 -22.33 7.06
CA ASN B 626 -26.80 -23.06 8.32
C ASN B 626 -26.42 -22.19 9.51
N LEU B 627 -26.05 -20.93 9.29
CA LEU B 627 -25.82 -20.00 10.39
C LEU B 627 -27.18 -19.53 10.87
N LEU B 628 -27.72 -20.23 11.87
CA LEU B 628 -29.13 -20.12 12.18
C LEU B 628 -29.48 -18.81 12.87
N LYS B 629 -28.71 -18.41 13.87
CA LYS B 629 -29.00 -17.19 14.60
C LYS B 629 -28.46 -15.94 13.91
N LEU B 630 -27.78 -16.08 12.78
CA LEU B 630 -27.21 -14.93 12.09
C LEU B 630 -28.28 -13.87 11.86
N GLU B 631 -27.91 -12.62 12.08
CA GLU B 631 -28.84 -11.52 11.93
C GLU B 631 -28.26 -10.32 11.20
N GLU B 632 -26.98 -10.34 10.84
CA GLU B 632 -26.38 -9.21 10.15
C GLU B 632 -25.27 -9.75 9.26
N LEU B 633 -25.52 -9.79 7.96
CA LEU B 633 -24.52 -10.20 6.98
C LEU B 633 -23.97 -8.96 6.29
N ASP B 634 -22.67 -8.97 6.03
CA ASP B 634 -21.96 -7.84 5.43
C ASP B 634 -21.21 -8.27 4.19
N ILE B 635 -21.89 -8.89 3.24
CA ILE B 635 -21.22 -9.29 2.01
C ILE B 635 -21.21 -8.11 1.04
N SER B 636 -20.25 -7.22 1.22
CA SER B 636 -20.11 -6.04 0.39
C SER B 636 -18.71 -6.00 -0.18
N LYS B 637 -18.53 -5.27 -1.27
CA LYS B 637 -17.23 -5.21 -1.95
C LYS B 637 -16.76 -6.61 -2.33
N ASN B 638 -17.69 -7.48 -2.71
CA ASN B 638 -17.38 -8.85 -3.08
C ASN B 638 -17.38 -9.05 -4.58
N SER B 639 -17.26 -7.97 -5.35
CA SER B 639 -17.24 -8.02 -6.81
C SER B 639 -18.48 -8.69 -7.39
N LEU B 640 -19.53 -8.80 -6.60
CA LEU B 640 -20.76 -9.45 -7.05
C LEU B 640 -21.41 -8.63 -8.15
N SER B 641 -21.40 -9.15 -9.37
CA SER B 641 -22.05 -8.47 -10.47
C SER B 641 -23.51 -8.87 -10.63
N PHE B 642 -23.92 -9.98 -10.03
CA PHE B 642 -25.31 -10.41 -10.06
C PHE B 642 -25.49 -11.53 -9.05
N LEU B 643 -26.63 -11.54 -8.38
CA LEU B 643 -26.90 -12.56 -7.38
C LEU B 643 -27.56 -13.76 -8.04
N PRO B 644 -26.92 -14.93 -8.05
CA PRO B 644 -27.52 -16.10 -8.69
C PRO B 644 -28.83 -16.47 -8.01
N SER B 645 -29.90 -16.48 -8.80
CA SER B 645 -31.23 -16.78 -8.28
C SER B 645 -31.21 -18.09 -7.50
N GLY B 646 -31.38 -18.01 -6.19
CA GLY B 646 -31.29 -19.19 -5.36
C GLY B 646 -30.48 -18.95 -4.11
N VAL B 647 -29.68 -17.89 -4.08
CA VAL B 647 -28.92 -17.59 -2.88
C VAL B 647 -29.83 -17.09 -1.78
N PHE B 648 -30.92 -16.39 -2.12
CA PHE B 648 -31.84 -15.92 -1.11
C PHE B 648 -32.62 -17.05 -0.45
N ASP B 649 -32.85 -18.15 -1.16
CA ASP B 649 -33.38 -19.33 -0.50
C ASP B 649 -32.36 -20.00 0.40
N GLY B 650 -31.08 -19.66 0.24
CA GLY B 650 -30.03 -20.19 1.09
C GLY B 650 -29.50 -19.16 2.06
N MET B 651 -30.34 -18.32 2.52
CA MET B 651 -29.91 -17.35 3.52
C MET B 651 -30.43 -17.75 4.89
N PRO B 652 -29.74 -17.34 5.96
CA PRO B 652 -30.20 -17.71 7.30
C PRO B 652 -31.60 -17.20 7.55
N PRO B 653 -32.37 -17.89 8.39
CA PRO B 653 -33.76 -17.50 8.57
C PRO B 653 -33.95 -16.20 9.34
N ASN B 654 -33.16 -15.97 10.39
CA ASN B 654 -33.33 -14.80 11.24
C ASN B 654 -32.55 -13.59 10.76
N LEU B 655 -32.13 -13.57 9.50
CA LEU B 655 -31.35 -12.45 8.99
C LEU B 655 -32.14 -11.16 9.13
N LYS B 656 -31.45 -10.09 9.50
CA LYS B 656 -32.11 -8.83 9.78
C LYS B 656 -31.50 -7.65 9.02
N ASN B 657 -30.18 -7.60 8.92
CA ASN B 657 -29.47 -6.44 8.39
C ASN B 657 -28.49 -6.92 7.33
N LEU B 658 -28.86 -6.78 6.07
CA LEU B 658 -28.04 -7.22 4.96
C LEU B 658 -27.31 -6.04 4.31
N SER B 659 -26.10 -6.31 3.83
CA SER B 659 -25.23 -5.25 3.32
C SER B 659 -24.64 -5.69 1.98
N LEU B 660 -25.08 -5.04 0.90
CA LEU B 660 -24.59 -5.32 -0.44
C LEU B 660 -24.01 -4.07 -1.07
N ALA B 661 -23.19 -3.33 -0.34
CA ALA B 661 -22.69 -2.06 -0.80
C ALA B 661 -21.37 -2.22 -1.55
N LYS B 662 -21.16 -1.34 -2.52
CA LYS B 662 -19.90 -1.28 -3.26
C LYS B 662 -19.56 -2.61 -3.90
N ASN B 663 -20.56 -3.31 -4.42
CA ASN B 663 -20.34 -4.60 -5.06
C ASN B 663 -20.15 -4.47 -6.56
N GLY B 664 -21.13 -3.94 -7.25
CA GLY B 664 -21.11 -3.92 -8.70
C GLY B 664 -22.37 -4.53 -9.26
N LEU B 665 -23.38 -4.63 -8.40
CA LEU B 665 -24.66 -5.24 -8.75
C LEU B 665 -25.20 -4.58 -10.01
N LYS B 666 -25.30 -5.34 -11.10
CA LYS B 666 -25.90 -4.79 -12.30
C LYS B 666 -27.41 -4.87 -12.26
N SER B 667 -27.96 -5.89 -11.62
CA SER B 667 -29.41 -6.04 -11.52
C SER B 667 -29.71 -6.92 -10.31
N PHE B 668 -30.21 -6.32 -9.24
CA PHE B 668 -30.51 -7.03 -8.01
C PHE B 668 -32.01 -7.28 -7.97
N ILE B 669 -32.41 -8.54 -8.13
CA ILE B 669 -33.84 -8.83 -8.19
C ILE B 669 -34.46 -8.59 -6.82
N TRP B 670 -35.74 -8.23 -6.83
CA TRP B 670 -36.45 -7.86 -5.62
C TRP B 670 -37.52 -8.84 -5.20
N GLU B 671 -38.18 -9.51 -6.14
CA GLU B 671 -39.23 -10.45 -5.78
C GLU B 671 -38.70 -11.62 -4.98
N LYS B 672 -37.38 -11.76 -4.87
CA LYS B 672 -36.76 -12.74 -4.00
C LYS B 672 -36.60 -12.25 -2.57
N LEU B 673 -36.85 -10.97 -2.30
CA LEU B 673 -36.74 -10.48 -0.94
C LEU B 673 -37.78 -11.13 -0.03
N ARG B 674 -38.91 -11.54 -0.60
CA ARG B 674 -39.94 -12.23 0.17
C ARG B 674 -39.40 -13.47 0.87
N TYR B 675 -38.31 -14.04 0.39
CA TYR B 675 -37.74 -15.21 1.04
C TYR B 675 -37.09 -14.86 2.38
N LEU B 676 -36.81 -13.58 2.61
CA LEU B 676 -36.21 -13.11 3.85
C LEU B 676 -37.33 -12.46 4.66
N LYS B 677 -37.99 -13.26 5.50
CA LYS B 677 -39.12 -12.79 6.27
C LYS B 677 -38.72 -12.13 7.58
N ASN B 678 -37.48 -11.64 7.68
CA ASN B 678 -37.07 -10.86 8.84
C ASN B 678 -36.18 -9.70 8.47
N LEU B 679 -36.01 -9.39 7.19
CA LEU B 679 -35.08 -8.37 6.77
C LEU B 679 -35.59 -6.99 7.16
N GLU B 680 -34.67 -6.14 7.64
CA GLU B 680 -35.03 -4.78 8.05
C GLU B 680 -34.08 -3.71 7.56
N THR B 681 -32.87 -4.02 7.12
CA THR B 681 -31.87 -2.98 6.88
C THR B 681 -31.11 -3.25 5.57
N LEU B 682 -31.84 -3.51 4.49
CA LEU B 682 -31.19 -3.75 3.21
C LEU B 682 -30.34 -2.56 2.80
N ASP B 683 -29.07 -2.82 2.52
CA ASP B 683 -28.08 -1.77 2.26
C ASP B 683 -27.44 -2.03 0.90
N LEU B 684 -27.86 -1.26 -0.12
CA LEU B 684 -27.37 -1.41 -1.48
C LEU B 684 -26.69 -0.14 -1.97
N SER B 685 -26.00 0.55 -1.08
CA SER B 685 -25.34 1.80 -1.47
C SER B 685 -24.15 1.51 -2.36
N HIS B 686 -23.83 2.47 -3.23
CA HIS B 686 -22.64 2.42 -4.07
C HIS B 686 -22.64 1.20 -4.99
N ASN B 687 -23.79 0.92 -5.58
CA ASN B 687 -23.90 -0.17 -6.54
C ASN B 687 -24.26 0.42 -7.90
N GLN B 688 -24.55 -0.45 -8.86
CA GLN B 688 -24.90 -0.03 -10.20
C GLN B 688 -26.25 -0.60 -10.61
N LEU B 689 -27.23 -0.57 -9.73
CA LEU B 689 -28.57 -0.95 -10.12
C LEU B 689 -29.16 0.13 -11.01
N THR B 690 -30.24 -0.23 -11.71
CA THR B 690 -30.93 0.70 -12.59
C THR B 690 -32.38 0.95 -12.17
N THR B 691 -33.11 -0.10 -11.83
CA THR B 691 -34.55 -0.04 -11.61
C THR B 691 -34.87 -0.36 -10.16
N VAL B 692 -35.99 0.19 -9.70
CA VAL B 692 -36.50 -0.05 -8.35
C VAL B 692 -37.61 -1.09 -8.46
N PRO B 693 -37.98 -1.74 -7.36
CA PRO B 693 -39.05 -2.75 -7.43
C PRO B 693 -40.37 -2.13 -7.87
N GLU B 694 -41.20 -2.96 -8.50
CA GLU B 694 -42.51 -2.51 -8.92
C GLU B 694 -43.34 -2.03 -7.74
N ARG B 695 -43.43 -2.84 -6.69
CA ARG B 695 -44.18 -2.51 -5.50
C ARG B 695 -43.41 -3.03 -4.28
N LEU B 696 -42.85 -2.12 -3.50
CA LEU B 696 -42.15 -2.53 -2.29
C LEU B 696 -43.06 -3.22 -1.29
N SER B 697 -44.38 -3.13 -1.47
CA SER B 697 -45.28 -3.91 -0.65
C SER B 697 -45.19 -5.40 -1.01
N ASN B 698 -45.23 -5.70 -2.30
CA ASN B 698 -45.21 -7.09 -2.75
C ASN B 698 -43.84 -7.74 -2.52
N CYS B 699 -42.80 -6.95 -2.31
CA CYS B 699 -41.46 -7.49 -2.18
C CYS B 699 -41.17 -7.97 -0.76
N SER B 700 -41.19 -7.05 0.20
CA SER B 700 -40.90 -7.39 1.58
C SER B 700 -41.98 -6.83 2.49
N ARG B 701 -42.30 -7.60 3.53
CA ARG B 701 -43.30 -7.22 4.52
C ARG B 701 -42.66 -6.76 5.82
N SER B 702 -41.33 -6.64 5.87
CA SER B 702 -40.65 -6.18 7.07
C SER B 702 -39.53 -5.19 6.79
N LEU B 703 -39.39 -4.71 5.56
CA LEU B 703 -38.30 -3.81 5.22
C LEU B 703 -38.51 -2.45 5.84
N LYS B 704 -37.46 -1.91 6.47
CA LYS B 704 -37.57 -0.57 7.04
C LYS B 704 -36.32 0.28 6.93
N ASN B 705 -35.28 -0.14 6.20
CA ASN B 705 -34.06 0.69 6.16
C ASN B 705 -33.37 0.67 4.80
N LEU B 706 -34.11 0.77 3.71
CA LEU B 706 -33.48 0.73 2.39
C LEU B 706 -32.42 1.82 2.26
N ILE B 707 -31.29 1.45 1.65
CA ILE B 707 -30.18 2.37 1.44
C ILE B 707 -29.70 2.19 -0.01
N LEU B 708 -30.14 3.05 -0.90
CA LEU B 708 -29.74 3.01 -2.30
C LEU B 708 -28.86 4.21 -2.67
N LYS B 709 -28.14 4.73 -1.68
CA LYS B 709 -27.18 5.80 -1.90
C LYS B 709 -26.24 5.49 -3.06
N ASN B 710 -25.91 6.53 -3.84
CA ASN B 710 -24.88 6.46 -4.87
C ASN B 710 -25.17 5.42 -5.93
N ASN B 711 -26.44 5.10 -6.17
CA ASN B 711 -26.81 4.12 -7.17
C ASN B 711 -26.99 4.77 -8.53
N GLN B 712 -27.59 4.07 -9.48
CA GLN B 712 -27.92 4.65 -10.79
C GLN B 712 -29.40 4.44 -11.06
N ILE B 713 -30.22 5.34 -10.51
CA ILE B 713 -31.67 5.29 -10.67
C ILE B 713 -32.12 6.56 -11.34
N ARG B 714 -33.07 6.46 -12.27
CA ARG B 714 -33.47 7.61 -13.06
C ARG B 714 -34.89 8.09 -12.80
N SER B 715 -35.78 7.22 -12.33
CA SER B 715 -37.06 7.64 -11.75
C SER B 715 -37.76 6.42 -11.17
N LEU B 716 -38.39 6.61 -10.02
CA LEU B 716 -39.03 5.50 -9.33
C LEU B 716 -40.30 5.08 -10.07
N THR B 717 -41.05 4.18 -9.45
CA THR B 717 -42.27 3.63 -10.03
C THR B 717 -43.44 4.58 -9.81
N LYS B 718 -44.61 4.16 -10.27
CA LYS B 718 -45.84 4.92 -10.04
C LYS B 718 -46.57 4.44 -8.78
N TYR B 719 -46.20 3.29 -8.23
CA TYR B 719 -46.75 2.79 -6.99
C TYR B 719 -45.65 2.24 -6.10
N PHE B 720 -44.53 2.95 -6.03
CA PHE B 720 -43.33 2.45 -5.37
C PHE B 720 -43.59 2.07 -3.93
N LEU B 721 -43.95 3.03 -3.09
CA LEU B 721 -44.26 2.77 -1.69
C LEU B 721 -45.74 2.52 -1.48
N GLN B 722 -46.44 2.01 -2.48
CA GLN B 722 -47.85 1.68 -2.35
C GLN B 722 -48.05 0.59 -1.31
N ASP B 723 -48.81 0.90 -0.26
CA ASP B 723 -49.21 -0.03 0.79
C ASP B 723 -48.05 -0.46 1.68
N ALA B 724 -46.83 0.00 1.41
CA ALA B 724 -45.64 -0.44 2.15
C ALA B 724 -45.46 0.42 3.40
N PHE B 725 -46.32 0.18 4.38
CA PHE B 725 -46.37 1.03 5.57
C PHE B 725 -45.19 0.79 6.49
N GLN B 726 -44.75 -0.46 6.64
CA GLN B 726 -43.77 -0.81 7.65
C GLN B 726 -42.42 -0.12 7.45
N LEU B 727 -42.19 0.50 6.30
CA LEU B 727 -40.90 1.13 6.04
C LEU B 727 -40.76 2.43 6.81
N ARG B 728 -39.54 2.68 7.32
CA ARG B 728 -39.30 3.78 8.24
C ARG B 728 -38.03 4.55 7.93
N TYR B 729 -37.40 4.32 6.78
CA TYR B 729 -36.13 4.92 6.42
C TYR B 729 -35.86 4.58 4.97
N LEU B 730 -35.31 5.53 4.22
CA LEU B 730 -35.05 5.33 2.81
C LEU B 730 -33.99 6.32 2.38
N ASP B 731 -33.25 5.95 1.33
CA ASP B 731 -32.06 6.69 0.94
C ASP B 731 -31.79 6.59 -0.55
N LEU B 732 -32.18 7.60 -1.32
CA LEU B 732 -31.93 7.64 -2.75
C LEU B 732 -30.98 8.75 -3.15
N SER B 733 -30.09 9.15 -2.25
CA SER B 733 -29.11 10.19 -2.54
C SER B 733 -28.16 9.75 -3.65
N SER B 734 -27.60 10.75 -4.34
CA SER B 734 -26.54 10.56 -5.35
C SER B 734 -26.96 9.65 -6.49
N ASN B 735 -28.15 9.85 -7.04
CA ASN B 735 -28.62 9.04 -8.16
C ASN B 735 -28.80 9.93 -9.39
N LYS B 736 -29.41 9.38 -10.43
CA LYS B 736 -29.77 10.13 -11.63
C LYS B 736 -31.27 10.29 -11.78
N ILE B 737 -32.01 10.32 -10.68
CA ILE B 737 -33.47 10.38 -10.76
C ILE B 737 -33.88 11.78 -11.19
N GLN B 738 -34.96 11.85 -11.97
CA GLN B 738 -35.38 13.08 -12.62
C GLN B 738 -36.66 13.66 -12.04
N MET B 739 -37.74 12.89 -12.02
CA MET B 739 -39.01 13.36 -11.49
C MET B 739 -39.58 12.32 -10.55
N ILE B 740 -40.20 12.79 -9.47
CA ILE B 740 -40.88 11.92 -8.52
C ILE B 740 -42.29 12.44 -8.33
N GLN B 741 -43.28 11.69 -8.81
CA GLN B 741 -44.67 12.10 -8.75
C GLN B 741 -45.27 11.71 -7.40
N LYS B 742 -46.56 11.99 -7.24
CA LYS B 742 -47.27 11.69 -6.00
C LYS B 742 -47.73 10.24 -5.92
N THR B 743 -48.22 9.68 -7.03
CA THR B 743 -48.91 8.39 -7.01
C THR B 743 -48.12 7.33 -6.24
N SER B 744 -46.79 7.39 -6.33
CA SER B 744 -45.94 6.45 -5.62
C SER B 744 -45.54 6.92 -4.23
N PHE B 745 -45.77 8.20 -3.91
CA PHE B 745 -45.37 8.68 -2.59
C PHE B 745 -46.57 9.20 -1.82
N PRO B 746 -47.49 8.33 -1.38
CA PRO B 746 -48.62 8.81 -0.59
C PRO B 746 -48.16 9.20 0.80
N GLU B 747 -48.68 10.31 1.31
CA GLU B 747 -48.36 10.70 2.68
C GLU B 747 -48.91 9.72 3.70
N ASN B 748 -49.86 8.87 3.31
CA ASN B 748 -50.22 7.72 4.12
C ASN B 748 -48.98 6.94 4.51
N VAL B 749 -48.00 6.87 3.61
CA VAL B 749 -46.73 6.21 3.88
C VAL B 749 -45.71 7.19 4.44
N LEU B 750 -45.64 8.39 3.87
CA LEU B 750 -44.60 9.34 4.24
C LEU B 750 -44.72 9.81 5.69
N ASN B 751 -45.94 9.76 6.26
CA ASN B 751 -46.16 10.35 7.56
C ASN B 751 -45.28 9.74 8.65
N ASN B 752 -44.81 8.49 8.45
CA ASN B 752 -44.03 7.80 9.46
C ASN B 752 -42.54 7.72 9.16
N LEU B 753 -42.12 8.04 7.93
CA LEU B 753 -40.71 7.97 7.59
C LEU B 753 -39.89 8.90 8.48
N LYS B 754 -39.01 8.29 9.28
CA LYS B 754 -38.15 9.06 10.17
C LYS B 754 -37.08 9.83 9.41
N MET B 755 -36.67 9.34 8.24
CA MET B 755 -35.64 10.01 7.46
C MET B 755 -35.88 9.69 5.99
N LEU B 756 -35.38 10.56 5.12
CA LEU B 756 -35.47 10.32 3.68
C LEU B 756 -34.49 11.25 3.00
N LEU B 757 -33.61 10.69 2.16
CA LEU B 757 -32.54 11.45 1.53
C LEU B 757 -32.64 11.34 0.03
N LEU B 758 -32.73 12.48 -0.65
CA LEU B 758 -32.68 12.52 -2.11
C LEU B 758 -31.82 13.67 -2.62
N HIS B 759 -30.66 13.89 -2.03
CA HIS B 759 -29.86 15.01 -2.51
C HIS B 759 -28.82 14.55 -3.52
N HIS B 760 -28.21 15.54 -4.18
CA HIS B 760 -27.12 15.35 -5.13
C HIS B 760 -27.55 14.54 -6.36
N ASN B 761 -28.85 14.47 -6.62
CA ASN B 761 -29.37 13.79 -7.80
C ASN B 761 -29.95 14.81 -8.77
N ARG B 762 -30.61 14.31 -9.82
CA ARG B 762 -30.79 15.09 -11.03
C ARG B 762 -32.22 15.51 -11.32
N PHE B 763 -32.93 16.02 -10.31
CA PHE B 763 -34.24 16.63 -10.55
C PHE B 763 -34.14 17.75 -11.59
N LEU B 764 -34.79 17.61 -12.73
CA LEU B 764 -34.96 18.75 -13.63
C LEU B 764 -36.28 19.42 -13.29
N CYS B 765 -36.20 20.60 -12.68
CA CYS B 765 -37.30 21.15 -11.90
C CYS B 765 -38.21 22.00 -12.79
N THR B 766 -38.82 21.37 -13.78
CA THR B 766 -39.80 22.03 -14.62
C THR B 766 -41.17 21.89 -13.98
N CYS B 767 -42.19 22.45 -14.65
CA CYS B 767 -43.54 22.45 -14.10
C CYS B 767 -44.25 21.10 -14.26
N ASP B 768 -43.56 20.07 -14.73
CA ASP B 768 -44.13 18.73 -14.71
C ASP B 768 -44.29 18.21 -13.28
N ALA B 769 -43.68 18.90 -12.31
CA ALA B 769 -43.57 18.43 -10.94
C ALA B 769 -44.21 19.41 -9.94
N VAL B 770 -45.45 19.82 -10.23
CA VAL B 770 -46.14 20.78 -9.35
C VAL B 770 -46.35 20.16 -7.97
N TRP B 771 -46.82 18.91 -7.92
CA TRP B 771 -46.99 18.26 -6.63
C TRP B 771 -45.65 18.05 -5.93
N PHE B 772 -44.60 17.72 -6.69
CA PHE B 772 -43.28 17.66 -6.10
C PHE B 772 -42.95 18.96 -5.38
N VAL B 773 -43.15 20.08 -6.06
CA VAL B 773 -42.88 21.40 -5.47
C VAL B 773 -43.67 21.57 -4.18
N TRP B 774 -45.00 21.48 -4.28
CA TRP B 774 -45.87 21.79 -3.14
C TRP B 774 -45.56 20.87 -1.96
N TRP B 775 -45.34 19.58 -2.24
CA TRP B 775 -45.11 18.63 -1.17
C TRP B 775 -43.73 18.80 -0.56
N VAL B 776 -42.70 19.02 -1.38
CA VAL B 776 -41.34 19.09 -0.87
C VAL B 776 -41.13 20.35 -0.06
N GLN B 777 -41.87 21.42 -0.36
CA GLN B 777 -41.75 22.61 0.49
C GLN B 777 -43.00 22.83 1.34
N HIS B 778 -43.85 21.82 1.49
CA HIS B 778 -45.00 21.93 2.39
C HIS B 778 -45.30 20.65 3.17
N THR B 779 -44.45 19.64 3.12
CA THR B 779 -44.54 18.50 4.02
C THR B 779 -43.47 18.60 5.10
N GLU B 780 -43.68 17.84 6.17
CA GLU B 780 -42.68 17.76 7.24
C GLU B 780 -41.99 16.41 7.29
N VAL B 781 -41.87 15.73 6.14
CA VAL B 781 -40.98 14.58 6.05
C VAL B 781 -39.54 15.10 6.07
N THR B 782 -38.74 14.58 7.00
CA THR B 782 -37.35 15.03 7.11
C THR B 782 -36.63 14.72 5.81
N ILE B 783 -36.02 15.74 5.22
CA ILE B 783 -35.17 15.59 4.04
C ILE B 783 -33.97 16.50 4.25
N PRO B 784 -32.82 15.97 4.64
CA PRO B 784 -31.68 16.84 4.98
C PRO B 784 -31.09 17.50 3.75
N TYR B 785 -30.47 18.65 3.99
CA TYR B 785 -29.85 19.46 2.94
C TYR B 785 -30.86 19.86 1.88
N LEU B 786 -32.09 20.18 2.31
CA LEU B 786 -33.14 20.57 1.39
C LEU B 786 -32.92 21.95 0.78
N ALA B 787 -31.81 22.61 1.09
CA ALA B 787 -31.58 23.97 0.61
C ALA B 787 -30.35 24.12 -0.28
N THR B 788 -29.40 23.19 -0.20
CA THR B 788 -28.11 23.45 -0.81
C THR B 788 -27.65 22.39 -1.80
N ASP B 789 -27.86 21.11 -1.47
CA ASP B 789 -27.32 20.03 -2.30
C ASP B 789 -28.36 19.31 -3.13
N VAL B 790 -29.63 19.28 -2.74
CA VAL B 790 -30.68 18.77 -3.62
C VAL B 790 -31.10 19.97 -4.49
N THR B 791 -30.49 20.06 -5.66
CA THR B 791 -30.70 21.18 -6.56
C THR B 791 -31.41 20.70 -7.82
N CYS B 792 -31.69 21.65 -8.69
CA CYS B 792 -32.48 21.39 -9.88
C CYS B 792 -31.62 21.57 -11.12
N VAL B 793 -31.72 20.60 -12.04
CA VAL B 793 -30.88 20.60 -13.23
C VAL B 793 -31.43 21.50 -14.33
N GLY B 794 -32.74 21.75 -14.37
CA GLY B 794 -33.30 22.60 -15.39
C GLY B 794 -34.66 23.15 -15.03
N PRO B 795 -35.34 23.79 -16.00
CA PRO B 795 -34.76 23.98 -17.34
C PRO B 795 -34.11 25.35 -17.54
N GLY B 796 -32.80 25.37 -17.79
CA GLY B 796 -32.14 26.62 -18.09
C GLY B 796 -32.06 27.59 -16.94
N ALA B 797 -32.87 28.64 -16.99
CA ALA B 797 -32.85 29.68 -15.96
C ALA B 797 -33.09 29.12 -14.57
N HIS B 798 -33.75 27.96 -14.47
CA HIS B 798 -33.95 27.29 -13.19
C HIS B 798 -32.93 26.20 -12.92
N LYS B 799 -31.69 26.40 -13.37
CA LYS B 799 -30.60 25.49 -12.99
C LYS B 799 -29.97 25.96 -11.69
N GLY B 800 -29.55 25.00 -10.87
CA GLY B 800 -29.02 25.35 -9.56
C GLY B 800 -30.06 25.84 -8.59
N GLN B 801 -31.34 25.73 -8.94
CA GLN B 801 -32.43 26.13 -8.05
C GLN B 801 -32.54 25.18 -6.87
N SER B 802 -33.09 25.70 -5.77
CA SER B 802 -33.50 24.85 -4.68
C SER B 802 -34.90 24.31 -4.94
N VAL B 803 -35.18 23.12 -4.39
CA VAL B 803 -36.52 22.57 -4.52
C VAL B 803 -37.45 23.17 -3.48
N ILE B 804 -36.89 23.85 -2.49
CA ILE B 804 -37.70 24.61 -1.54
C ILE B 804 -37.92 26.03 -2.04
N SER B 805 -37.00 26.56 -2.84
CA SER B 805 -37.13 27.87 -3.47
C SER B 805 -37.91 27.80 -4.76
N LEU B 806 -38.70 26.75 -4.95
CA LEU B 806 -39.45 26.53 -6.18
C LEU B 806 -40.87 27.06 -6.01
N ASP B 807 -41.27 27.99 -6.88
CA ASP B 807 -42.66 28.43 -6.98
C ASP B 807 -42.88 28.90 -8.41
N LEU B 808 -43.46 28.04 -9.23
CA LEU B 808 -43.74 28.36 -10.63
C LEU B 808 -45.18 28.87 -10.71
N TYR B 809 -45.30 30.20 -10.62
CA TYR B 809 -46.62 30.83 -10.53
C TYR B 809 -47.41 30.63 -11.82
N THR B 810 -46.74 30.70 -12.96
CA THR B 810 -47.40 30.67 -14.27
C THR B 810 -47.74 29.25 -14.71
N CYS B 811 -47.87 28.31 -13.79
CA CYS B 811 -48.26 26.95 -14.17
C CYS B 811 -49.74 26.85 -14.46
N GLU B 812 -50.58 27.36 -13.56
CA GLU B 812 -52.03 27.32 -13.71
C GLU B 812 -52.59 28.71 -13.98
N LEU B 813 -51.89 29.50 -14.78
CA LEU B 813 -52.34 30.87 -15.06
C LEU B 813 -53.41 30.88 -16.16
N EX3 C . 6.27 -21.86 11.93
C EX3 C . 8.56 -21.14 11.78
O EX3 C . 5.65 -23.37 13.55
C1 EX3 C . 7.19 -21.10 11.31
C10 EX3 C . 6.65 -22.49 6.85
C11 EX3 C . 6.42 -21.78 5.69
C12 EX3 C . 5.89 -19.85 7.02
C13 EX3 C . 6.02 -20.45 5.78
C14 EX3 C . 8.86 -18.85 9.07
C15 EX3 C . 10.06 -19.22 8.50
C16 EX3 C . 8.19 -17.76 8.58
C17 EX3 C . 10.56 -18.46 7.48
C18 EX3 C . 9.87 -17.37 7.03
C19 EX3 C . 6.56 -22.45 4.35
C2 EX3 C . 8.87 -22.01 12.91
C20 EX3 C . 7.25 -22.14 2.04
C21 EX3 C . 8.71 -21.43 3.77
C22 EX3 C . 8.68 -21.85 2.02
C23 EX3 C . 9.24 -20.22 3.00
C24 EX3 C . 8.37 -19.86 0.81
C25 EX3 C . 9.39 -22.57 3.06
C26 EX3 C . 10.25 -22.09 13.46
C3 EX3 C . 6.62 -22.63 12.97
C4 EX3 C . 8.40 -19.77 10.13
C5 EX3 C . 4.35 -23.37 13.00
C6 EX3 C . 3.51 -24.29 13.86
C7 EX3 C . 5.99 -19.95 9.52
C8 EX3 C . 6.12 -20.58 8.17
C9 EX3 C . 6.51 -21.90 8.08
F EX3 C . 11.74 -18.81 6.96
N1 EX3 C . 7.87 -22.71 13.45
N2 EX3 C . 9.25 -20.32 11.01
N3 EX3 C . 7.17 -20.27 10.30
N4 EX3 C . 8.70 -17.04 7.59
N5 EX3 C . 7.27 -21.58 3.41
N6 EX3 C . 9.29 -20.66 1.59
N EX3 D . 17.25 8.05 17.26
C EX3 D . 16.13 6.65 18.85
O EX3 D . 19.46 8.63 17.58
C1 EX3 D . 16.14 7.41 17.62
C10 EX3 D . 13.02 10.95 17.56
C11 EX3 D . 11.81 11.08 16.91
C12 EX3 D . 12.33 9.16 15.57
C13 EX3 D . 11.46 10.18 15.91
C14 EX3 D . 12.77 6.17 17.77
C15 EX3 D . 12.07 6.23 18.94
C16 EX3 D . 12.12 5.84 16.60
C17 EX3 D . 10.72 5.97 18.93
C18 EX3 D . 10.10 5.64 17.74
C19 EX3 D . 10.88 12.20 17.29
C2 EX3 D . 17.37 6.61 19.63
C20 EX3 D . 8.56 12.86 17.57
C21 EX3 D . 9.32 10.85 18.58
C22 EX3 D . 7.98 12.06 18.65
C23 EX3 D . 7.98 10.10 18.37
C24 EX3 D . 6.23 11.29 17.30
C25 EX3 D . 8.95 11.81 19.70
C26 EX3 D . 17.43 5.83 20.90
C3 EX3 D . 18.36 7.97 18.01
C4 EX3 D . 14.20 6.50 17.91
C5 EX3 D . 19.37 9.45 16.44
C6 EX3 D . 20.74 10.05 16.22
C7 EX3 D . 14.49 7.93 15.88
C8 EX3 D . 13.53 9.03 16.22
C9 EX3 D . 13.88 9.93 17.22
F EX3 D . 10.05 6.01 20.08
N1 EX3 D . 18.42 7.28 19.17
N2 EX3 D . 14.92 6.13 18.98
N3 EX3 D . 14.92 7.30 17.12
N4 EX3 D . 10.80 5.58 16.61
N5 EX3 D . 9.50 11.73 17.40
N6 EX3 D . 6.94 11.12 18.55
#